data_7ZXD
#
_entry.id   7ZXD
#
_cell.length_a   137.237
_cell.length_b   69.218
_cell.length_c   144.140
_cell.angle_alpha   90.000
_cell.angle_beta   94.350
_cell.angle_gamma   90.000
#
_symmetry.space_group_name_H-M   'C 1 2 1'
#
loop_
_entity.id
_entity.type
_entity.pdbx_description
1 polymer 'Steroid C26-monooxygenase'
2 non-polymer 1-[1-(2-piperidin-4-ylethyl)-5-pyridin-4-yl-indol-2-yl]butan-1-one
3 non-polymer 'PROTOPORPHYRIN IX CONTAINING FE'
4 non-polymer 'SULFATE ION'
5 non-polymer 'CHLORIDE ION'
6 water water
#
_entity_poly.entity_id   1
_entity_poly.type   'polypeptide(L)'
_entity_poly.pdbx_seq_one_letter_code
;NGPSPNLPPGFDFTDPAIYAERLPVAEFAELRSAAPIWWNGQDPGKGGGFHDGGFWAITKLNDVKEISRHSDVFSSYENG
VIPRFKNDIAREDIEVQRFVMLNMDAPHHTRLRKIISRGFTPRAVGRLHDELQERAQKIAAEAAAAGSGDFVEQVSCELP
LQAIAGLLGVPQEDRGKLFHWSNEMTGNEDPEYAHIDPKASSAELIGYAMKMAEEKAKNPADDIVTQLIQADIDGEKLSD
DEFGFFVVMLAVAGNETTRNSITQGMMAFAEHPDQWELYKKVRPETAADEIVRWATPVTAFQRTALRDYELSGVQIKKGQ
RVVMFYRSANFDEEVFQDPFTFNILRNPNPHVGFGGTGAHYCIGANLARMTINLIFNAVADHMPDLKPISAPERLRSGWL
NGIKHWQVDYTGRCPVAH
;
_entity_poly.pdbx_strand_id   A,B,C
#
loop_
_chem_comp.id
_chem_comp.type
_chem_comp.name
_chem_comp.formula
CL non-polymer 'CHLORIDE ION' 'Cl -1'
HEM non-polymer 'PROTOPORPHYRIN IX CONTAINING FE' 'C34 H32 Fe N4 O4'
KB9 non-polymer 1-[1-(2-piperidin-4-ylethyl)-5-pyridin-4-yl-indol-2-yl]butan-1-one 'C24 H29 N3 O'
SO4 non-polymer 'SULFATE ION' 'O4 S -2'
#
# COMPACT_ATOMS: atom_id res chain seq x y z
N PRO A 3 -13.23 -24.86 57.67
CA PRO A 3 -12.69 -26.12 57.12
C PRO A 3 -12.20 -25.94 55.69
N SER A 4 -10.89 -26.03 55.49
CA SER A 4 -10.32 -25.88 54.17
C SER A 4 -10.74 -27.04 53.28
N PRO A 5 -10.87 -26.81 51.97
CA PRO A 5 -11.27 -27.90 51.06
C PRO A 5 -10.17 -28.95 50.96
N ASN A 6 -10.61 -30.19 50.77
CA ASN A 6 -9.70 -31.34 50.69
C ASN A 6 -9.16 -31.43 49.27
N LEU A 7 -8.06 -30.71 49.03
CA LEU A 7 -7.40 -30.67 47.72
C LEU A 7 -5.91 -30.89 47.89
N PRO A 8 -5.24 -31.40 46.86
CA PRO A 8 -3.79 -31.54 46.94
C PRO A 8 -3.15 -30.20 47.20
N PRO A 9 -1.99 -30.18 47.86
CA PRO A 9 -1.36 -28.89 48.19
C PRO A 9 -0.85 -28.20 46.94
N GLY A 10 -1.11 -26.90 46.86
CA GLY A 10 -0.72 -26.13 45.69
C GLY A 10 -1.53 -26.41 44.45
N PHE A 11 -2.68 -27.07 44.58
CA PHE A 11 -3.52 -27.38 43.42
C PHE A 11 -3.96 -26.10 42.73
N ASP A 12 -3.75 -26.06 41.41
CA ASP A 12 -4.17 -24.94 40.57
C ASP A 12 -5.21 -25.45 39.60
N PHE A 13 -6.42 -24.88 39.66
CA PHE A 13 -7.49 -25.35 38.81
C PHE A 13 -7.32 -24.96 37.35
N THR A 14 -6.33 -24.12 37.03
CA THR A 14 -5.98 -23.82 35.66
C THR A 14 -4.78 -24.63 35.17
N ASP A 15 -4.33 -25.61 35.94
CA ASP A 15 -3.13 -26.38 35.60
C ASP A 15 -3.35 -27.22 34.35
N PRO A 16 -2.64 -26.96 33.25
CA PRO A 16 -2.85 -27.77 32.04
C PRO A 16 -2.51 -29.23 32.22
N ALA A 17 -1.57 -29.55 33.10
CA ALA A 17 -1.19 -30.95 33.32
C ALA A 17 -2.35 -31.76 33.87
N ILE A 18 -3.28 -31.11 34.57
CA ILE A 18 -4.50 -31.79 35.01
C ILE A 18 -5.35 -32.16 33.80
N TYR A 19 -5.66 -31.18 32.97
CA TYR A 19 -6.63 -31.36 31.89
C TYR A 19 -6.09 -32.26 30.78
N ALA A 20 -4.77 -32.41 30.67
CA ALA A 20 -4.20 -33.37 29.73
C ALA A 20 -4.59 -34.80 30.09
N GLU A 21 -4.96 -35.05 31.34
CA GLU A 21 -5.30 -36.38 31.83
C GLU A 21 -6.79 -36.56 32.11
N ARG A 22 -7.44 -35.53 32.64
CA ARG A 22 -8.79 -35.69 33.17
C ARG A 22 -9.39 -34.32 33.43
N LEU A 23 -10.70 -34.30 33.58
CA LEU A 23 -11.38 -33.15 34.14
C LEU A 23 -11.43 -33.28 35.66
N PRO A 24 -11.04 -32.26 36.42
CA PRO A 24 -11.01 -32.40 37.89
C PRO A 24 -12.39 -32.27 38.50
N VAL A 25 -13.23 -33.28 38.23
CA VAL A 25 -14.63 -33.21 38.61
C VAL A 25 -14.79 -33.32 40.12
N ALA A 26 -14.05 -34.24 40.76
CA ALA A 26 -14.14 -34.37 42.21
C ALA A 26 -13.62 -33.11 42.90
N GLU A 27 -12.58 -32.49 42.36
CA GLU A 27 -12.02 -31.28 42.96
C GLU A 27 -13.02 -30.13 42.89
N PHE A 28 -13.69 -29.97 41.74
CA PHE A 28 -14.71 -28.93 41.62
C PHE A 28 -15.84 -29.15 42.60
N ALA A 29 -16.30 -30.41 42.72
CA ALA A 29 -17.39 -30.71 43.65
C ALA A 29 -16.97 -30.46 45.09
N GLU A 30 -15.69 -30.69 45.42
CA GLU A 30 -15.23 -30.40 46.77
C GLU A 30 -15.29 -28.91 47.08
N LEU A 31 -14.95 -28.07 46.09
CA LEU A 31 -15.09 -26.62 46.30
C LEU A 31 -16.55 -26.22 46.44
N ARG A 32 -17.43 -26.77 45.60
CA ARG A 32 -18.84 -26.42 45.68
C ARG A 32 -19.40 -26.73 47.07
N SER A 33 -18.93 -27.80 47.69
CA SER A 33 -19.43 -28.19 49.01
C SER A 33 -18.74 -27.43 50.13
N ALA A 34 -17.42 -27.28 50.07
CA ALA A 34 -16.64 -26.79 51.20
C ALA A 34 -16.16 -25.35 51.07
N ALA A 35 -15.97 -24.85 49.85
CA ALA A 35 -15.49 -23.48 49.66
C ALA A 35 -15.88 -22.97 48.28
N PRO A 36 -17.15 -22.61 48.08
CA PRO A 36 -17.62 -22.31 46.70
C PRO A 36 -16.92 -21.13 46.06
N ILE A 37 -16.38 -20.21 46.84
CA ILE A 37 -15.46 -19.18 46.35
C ILE A 37 -14.17 -19.36 47.14
N TRP A 38 -13.10 -19.71 46.42
CA TRP A 38 -11.88 -20.18 47.07
C TRP A 38 -10.67 -19.55 46.39
N TRP A 39 -9.76 -19.02 47.20
CA TRP A 39 -8.55 -18.41 46.66
C TRP A 39 -7.62 -19.50 46.15
N ASN A 40 -7.36 -19.48 44.83
CA ASN A 40 -6.41 -20.39 44.21
C ASN A 40 -5.07 -19.69 44.16
N GLY A 41 -4.20 -19.99 45.11
CA GLY A 41 -2.89 -19.39 45.13
C GLY A 41 -2.00 -19.94 44.03
N GLN A 42 -1.14 -19.07 43.50
CA GLN A 42 -0.22 -19.44 42.43
C GLN A 42 1.19 -19.01 42.81
N ASP A 43 2.12 -19.98 42.80
CA ASP A 43 3.50 -19.72 43.17
C ASP A 43 4.15 -18.76 42.17
N PRO A 44 5.28 -18.15 42.55
CA PRO A 44 5.92 -17.17 41.64
C PRO A 44 6.27 -17.79 40.30
N GLY A 45 5.94 -17.08 39.23
CA GLY A 45 6.25 -17.52 37.89
C GLY A 45 5.39 -18.66 37.37
N LYS A 46 4.36 -19.07 38.11
CA LYS A 46 3.53 -20.20 37.72
C LYS A 46 2.07 -19.79 37.55
N GLY A 47 1.80 -18.52 37.27
CA GLY A 47 0.45 -18.04 37.16
C GLY A 47 -0.07 -17.93 35.73
N GLY A 48 0.54 -18.68 34.81
CA GLY A 48 0.07 -18.71 33.44
C GLY A 48 0.08 -17.35 32.75
N GLY A 49 1.06 -16.51 33.07
CA GLY A 49 1.16 -15.18 32.50
C GLY A 49 0.68 -14.07 33.40
N PHE A 50 0.10 -14.40 34.55
CA PHE A 50 -0.37 -13.42 35.51
C PHE A 50 0.42 -13.55 36.79
N HIS A 51 0.89 -12.42 37.32
CA HIS A 51 1.86 -12.41 38.40
C HIS A 51 1.30 -11.69 39.62
N ASP A 52 0.08 -12.05 40.03
CA ASP A 52 -0.61 -11.35 41.10
C ASP A 52 -0.85 -12.22 42.32
N GLY A 53 -0.31 -13.44 42.35
CA GLY A 53 -0.39 -14.30 43.51
C GLY A 53 -1.48 -15.34 43.46
N GLY A 54 -2.47 -15.17 42.59
CA GLY A 54 -3.53 -16.15 42.45
C GLY A 54 -4.82 -15.49 41.98
N PHE A 55 -5.92 -16.21 42.18
CA PHE A 55 -7.23 -15.75 41.73
C PHE A 55 -8.30 -16.40 42.59
N TRP A 56 -9.51 -15.87 42.48
CA TRP A 56 -10.68 -16.46 43.14
C TRP A 56 -11.30 -17.50 42.21
N ALA A 57 -11.35 -18.74 42.66
CA ALA A 57 -12.06 -19.78 41.93
C ALA A 57 -13.55 -19.64 42.17
N ILE A 58 -14.31 -19.49 41.10
CA ILE A 58 -15.77 -19.35 41.16
C ILE A 58 -16.38 -20.65 40.65
N THR A 59 -17.10 -21.35 41.53
CA THR A 59 -17.56 -22.70 41.23
C THR A 59 -19.08 -22.86 41.19
N LYS A 60 -19.85 -21.88 41.63
CA LYS A 60 -21.30 -22.00 41.67
C LYS A 60 -21.92 -21.24 40.49
N LEU A 61 -23.01 -21.78 39.96
CA LEU A 61 -23.62 -21.19 38.77
C LEU A 61 -24.14 -19.78 39.04
N ASN A 62 -24.75 -19.57 40.20
CA ASN A 62 -25.31 -18.25 40.48
C ASN A 62 -24.21 -17.20 40.64
N ASP A 63 -23.04 -17.58 41.16
CA ASP A 63 -21.92 -16.65 41.22
C ASP A 63 -21.36 -16.36 39.83
N VAL A 64 -21.30 -17.39 38.98
CA VAL A 64 -20.87 -17.18 37.59
C VAL A 64 -21.79 -16.18 36.90
N LYS A 65 -23.10 -16.31 37.13
CA LYS A 65 -24.05 -15.40 36.48
C LYS A 65 -23.94 -13.99 37.05
N GLU A 66 -23.76 -13.87 38.37
CA GLU A 66 -23.65 -12.54 38.98
C GLU A 66 -22.43 -11.80 38.46
N ILE A 67 -21.29 -12.49 38.32
CA ILE A 67 -20.11 -11.86 37.76
C ILE A 67 -20.36 -11.45 36.32
N SER A 68 -20.95 -12.35 35.52
CA SER A 68 -21.18 -12.08 34.12
C SER A 68 -22.17 -10.93 33.92
N ARG A 69 -23.12 -10.79 34.84
CA ARG A 69 -24.10 -9.70 34.74
C ARG A 69 -23.48 -8.37 35.12
N HIS A 70 -22.61 -8.36 36.12
CA HIS A 70 -22.00 -7.13 36.61
C HIS A 70 -20.69 -6.84 35.89
N SER A 71 -20.80 -6.69 34.56
CA SER A 71 -19.63 -6.36 33.76
C SER A 71 -19.10 -4.95 34.04
N ASP A 72 -19.92 -4.10 34.69
CA ASP A 72 -19.42 -2.80 35.09
C ASP A 72 -18.36 -2.91 36.18
N VAL A 73 -18.41 -3.97 36.98
CA VAL A 73 -17.42 -4.21 38.01
C VAL A 73 -16.37 -5.21 37.56
N PHE A 74 -16.80 -6.32 36.95
CA PHE A 74 -15.91 -7.42 36.60
C PHE A 74 -15.51 -7.27 35.14
N SER A 75 -14.27 -6.81 34.93
CA SER A 75 -13.80 -6.36 33.63
C SER A 75 -13.21 -7.49 32.82
N SER A 76 -13.54 -7.52 31.53
CA SER A 76 -12.85 -8.38 30.58
C SER A 76 -11.58 -7.74 30.03
N TYR A 77 -11.56 -6.41 29.95
CA TYR A 77 -10.45 -5.71 29.32
C TYR A 77 -9.20 -5.71 30.19
N GLU A 78 -9.37 -5.68 31.52
CA GLU A 78 -8.25 -5.36 32.40
C GLU A 78 -7.13 -6.39 32.30
N ASN A 79 -7.45 -7.67 32.27
CA ASN A 79 -6.44 -8.72 32.17
C ASN A 79 -6.78 -9.74 31.09
N GLY A 80 -7.70 -9.43 30.19
CA GLY A 80 -8.21 -10.43 29.26
C GLY A 80 -9.07 -11.44 29.99
N VAL A 81 -9.72 -12.34 29.25
CA VAL A 81 -10.55 -13.36 29.88
C VAL A 81 -9.92 -14.75 29.84
N ILE A 82 -8.84 -14.93 29.09
CA ILE A 82 -8.12 -16.20 29.11
C ILE A 82 -7.41 -16.30 30.45
N PRO A 83 -7.64 -17.36 31.23
CA PRO A 83 -7.04 -17.45 32.56
C PRO A 83 -5.66 -18.09 32.60
N ARG A 84 -5.13 -18.58 31.49
CA ARG A 84 -3.80 -19.18 31.50
C ARG A 84 -3.18 -19.12 30.13
N PHE A 85 -1.99 -18.54 30.05
CA PHE A 85 -1.09 -18.64 28.91
C PHE A 85 0.13 -19.44 29.35
N LYS A 86 1.13 -19.53 28.46
CA LYS A 86 2.43 -20.02 28.88
C LYS A 86 2.96 -19.14 30.00
N ASN A 87 3.61 -19.75 30.98
CA ASN A 87 4.07 -19.01 32.16
C ASN A 87 5.00 -17.87 31.77
N ASP A 88 5.68 -17.99 30.64
CA ASP A 88 6.70 -17.05 30.21
C ASP A 88 6.18 -15.94 29.32
N ILE A 89 4.87 -15.90 29.05
CA ILE A 89 4.35 -14.97 28.05
C ILE A 89 4.60 -13.54 28.50
N ALA A 90 4.94 -12.68 27.55
CA ALA A 90 5.16 -11.27 27.84
C ALA A 90 3.83 -10.56 28.01
N ARG A 91 3.81 -9.57 28.90
CA ARG A 91 2.57 -8.85 29.19
C ARG A 91 1.99 -8.22 27.93
N GLU A 92 2.84 -7.76 27.00
CA GLU A 92 2.33 -7.16 25.78
C GLU A 92 1.61 -8.17 24.90
N ASP A 93 1.97 -9.45 25.01
CA ASP A 93 1.25 -10.48 24.26
C ASP A 93 -0.12 -10.76 24.87
N ILE A 94 -0.31 -10.46 26.15
CA ILE A 94 -1.64 -10.51 26.74
C ILE A 94 -2.44 -9.28 26.36
N GLU A 95 -1.80 -8.11 26.36
CA GLU A 95 -2.54 -6.88 26.09
C GLU A 95 -2.93 -6.74 24.63
N VAL A 96 -2.28 -7.49 23.73
CA VAL A 96 -2.73 -7.48 22.34
C VAL A 96 -4.08 -8.17 22.18
N GLN A 97 -4.45 -9.04 23.13
CA GLN A 97 -5.76 -9.67 23.08
CA GLN A 97 -5.77 -9.66 23.06
C GLN A 97 -6.89 -8.67 23.26
N ARG A 98 -6.59 -7.48 23.80
CA ARG A 98 -7.62 -6.46 24.00
C ARG A 98 -8.20 -5.95 22.68
N PHE A 99 -7.58 -6.28 21.55
CA PHE A 99 -8.07 -5.82 20.26
C PHE A 99 -9.18 -6.70 19.69
N VAL A 100 -9.52 -7.81 20.35
CA VAL A 100 -10.70 -8.59 19.98
C VAL A 100 -11.82 -8.26 20.95
N MET A 101 -13.06 -8.34 20.44
CA MET A 101 -14.22 -7.89 21.20
C MET A 101 -14.40 -8.68 22.50
N LEU A 102 -13.94 -9.94 22.52
CA LEU A 102 -14.05 -10.76 23.73
C LEU A 102 -13.38 -10.10 24.92
N ASN A 103 -12.27 -9.41 24.71
CA ASN A 103 -11.48 -8.81 25.78
C ASN A 103 -11.70 -7.31 25.89
N MET A 104 -12.91 -6.84 25.59
CA MET A 104 -13.21 -5.42 25.61
C MET A 104 -14.33 -5.14 26.62
N ASP A 105 -14.29 -3.95 27.20
CA ASP A 105 -15.36 -3.47 28.07
C ASP A 105 -16.16 -2.40 27.35
N ALA A 106 -17.33 -2.10 27.92
CA ALA A 106 -18.11 -0.97 27.45
C ALA A 106 -17.34 0.32 27.71
N PRO A 107 -17.51 1.34 26.84
CA PRO A 107 -18.39 1.41 25.68
C PRO A 107 -17.80 0.84 24.38
N HIS A 108 -16.50 0.54 24.32
CA HIS A 108 -15.92 -0.01 23.10
CA HIS A 108 -15.93 0.01 23.09
C HIS A 108 -16.55 -1.34 22.73
N HIS A 109 -16.74 -2.21 23.72
CA HIS A 109 -17.40 -3.49 23.44
C HIS A 109 -18.83 -3.28 22.95
N THR A 110 -19.53 -2.30 23.54
CA THR A 110 -20.92 -2.07 23.17
C THR A 110 -21.04 -1.69 21.70
N ARG A 111 -20.20 -0.78 21.22
CA ARG A 111 -20.23 -0.40 19.82
C ARG A 111 -19.90 -1.59 18.92
N LEU A 112 -18.86 -2.35 19.28
CA LEU A 112 -18.43 -3.46 18.44
C LEU A 112 -19.49 -4.55 18.39
N ARG A 113 -20.03 -4.92 19.54
CA ARG A 113 -21.03 -6.00 19.59
C ARG A 113 -22.26 -5.64 18.77
N LYS A 114 -22.67 -4.38 18.80
CA LYS A 114 -23.82 -3.95 18.00
C LYS A 114 -23.55 -4.14 16.51
N ILE A 115 -22.34 -3.76 16.06
CA ILE A 115 -21.98 -3.95 14.66
C ILE A 115 -21.93 -5.43 14.32
N ILE A 116 -21.23 -6.21 15.17
CA ILE A 116 -21.07 -7.64 14.92
C ILE A 116 -22.42 -8.35 14.91
N SER A 117 -23.41 -7.79 15.62
CA SER A 117 -24.72 -8.42 15.69
C SER A 117 -25.36 -8.57 14.31
N ARG A 118 -25.00 -7.71 13.36
CA ARG A 118 -25.53 -7.84 12.01
C ARG A 118 -25.20 -9.20 11.41
N GLY A 119 -24.05 -9.77 11.76
CA GLY A 119 -23.62 -11.04 11.25
C GLY A 119 -24.19 -12.25 11.93
N PHE A 120 -24.97 -12.07 12.99
CA PHE A 120 -25.47 -13.20 13.77
C PHE A 120 -26.97 -13.08 14.03
N THR A 121 -27.69 -12.37 13.16
CA THR A 121 -29.13 -12.34 13.24
C THR A 121 -29.68 -13.75 13.00
N PRO A 122 -30.88 -14.04 13.49
CA PRO A 122 -31.50 -15.35 13.18
C PRO A 122 -31.60 -15.62 11.69
N ARG A 123 -31.88 -14.58 10.90
CA ARG A 123 -31.91 -14.75 9.45
C ARG A 123 -30.54 -15.10 8.89
N ALA A 124 -29.49 -14.42 9.37
CA ALA A 124 -28.15 -14.68 8.85
C ALA A 124 -27.67 -16.08 9.21
N VAL A 125 -28.00 -16.55 10.41
CA VAL A 125 -27.58 -17.89 10.82
C VAL A 125 -28.44 -18.96 10.16
N GLY A 126 -29.76 -18.79 10.23
CA GLY A 126 -30.66 -19.75 9.61
C GLY A 126 -30.45 -19.92 8.12
N ARG A 127 -29.87 -18.90 7.47
CA ARG A 127 -29.57 -19.02 6.05
C ARG A 127 -28.47 -20.03 5.77
N LEU A 128 -27.68 -20.39 6.78
CA LEU A 128 -26.65 -21.41 6.63
C LEU A 128 -27.18 -22.82 6.82
N HIS A 129 -28.45 -22.97 7.19
CA HIS A 129 -28.97 -24.27 7.62
C HIS A 129 -28.80 -25.32 6.54
N ASP A 130 -29.28 -25.04 5.33
CA ASP A 130 -29.33 -26.07 4.30
C ASP A 130 -27.94 -26.52 3.88
N GLU A 131 -27.01 -25.58 3.70
CA GLU A 131 -25.67 -25.97 3.28
C GLU A 131 -24.94 -26.73 4.38
N LEU A 132 -25.18 -26.37 5.65
CA LEU A 132 -24.53 -27.08 6.75
C LEU A 132 -25.16 -28.46 6.95
N GLN A 133 -26.44 -28.61 6.66
CA GLN A 133 -27.08 -29.92 6.73
C GLN A 133 -26.50 -30.85 5.66
N GLU A 134 -26.36 -30.35 4.44
CA GLU A 134 -25.76 -31.14 3.37
C GLU A 134 -24.34 -31.56 3.73
N ARG A 135 -23.55 -30.61 4.25
CA ARG A 135 -22.17 -30.94 4.62
CA ARG A 135 -22.17 -30.92 4.63
C ARG A 135 -22.13 -31.93 5.77
N ALA A 136 -23.03 -31.80 6.74
CA ALA A 136 -23.08 -32.74 7.85
C ALA A 136 -23.37 -34.15 7.34
N GLN A 137 -24.31 -34.28 6.40
CA GLN A 137 -24.64 -35.60 5.85
C GLN A 137 -23.46 -36.20 5.10
N LYS A 138 -22.74 -35.37 4.32
CA LYS A 138 -21.61 -35.89 3.57
C LYS A 138 -20.46 -36.27 4.48
N ILE A 139 -20.24 -35.50 5.54
CA ILE A 139 -19.15 -35.81 6.48
C ILE A 139 -19.39 -37.15 7.15
N ALA A 140 -20.61 -37.37 7.64
CA ALA A 140 -20.91 -38.63 8.32
C ALA A 140 -20.87 -39.81 7.36
N ALA A 141 -21.29 -39.61 6.11
CA ALA A 141 -21.24 -40.68 5.13
C ALA A 141 -19.79 -41.05 4.79
N GLU A 142 -18.93 -40.04 4.62
CA GLU A 142 -17.52 -40.31 4.36
C GLU A 142 -16.87 -41.06 5.51
N ALA A 143 -17.20 -40.66 6.75
CA ALA A 143 -16.62 -41.33 7.91
C ALA A 143 -17.09 -42.77 8.00
N ALA A 144 -18.40 -43.00 7.84
CA ALA A 144 -18.92 -44.36 7.91
C ALA A 144 -18.31 -45.25 6.83
N ALA A 145 -18.06 -44.69 5.65
CA ALA A 145 -17.42 -45.46 4.57
C ALA A 145 -16.00 -45.89 4.93
N ALA A 146 -15.34 -45.16 5.83
CA ALA A 146 -14.00 -45.53 6.26
C ALA A 146 -14.00 -46.72 7.22
N GLY A 147 -15.16 -47.10 7.76
CA GLY A 147 -15.23 -48.23 8.67
C GLY A 147 -14.88 -47.88 10.09
N SER A 148 -13.68 -47.33 10.29
CA SER A 148 -13.23 -46.89 11.60
C SER A 148 -12.22 -45.77 11.42
N GLY A 149 -11.98 -45.03 12.49
CA GLY A 149 -11.00 -43.96 12.43
C GLY A 149 -11.13 -43.03 13.63
N ASP A 150 -10.52 -41.85 13.47
CA ASP A 150 -10.50 -40.83 14.51
C ASP A 150 -11.78 -40.01 14.42
N PHE A 151 -12.69 -40.22 15.39
CA PHE A 151 -13.96 -39.49 15.38
C PHE A 151 -13.73 -37.99 15.43
N VAL A 152 -12.69 -37.55 16.16
CA VAL A 152 -12.40 -36.12 16.26
C VAL A 152 -12.13 -35.54 14.88
N GLU A 153 -11.28 -36.20 14.10
CA GLU A 153 -10.85 -35.65 12.82
C GLU A 153 -11.88 -35.89 11.73
N GLN A 154 -12.56 -37.02 11.76
CA GLN A 154 -13.44 -37.40 10.66
C GLN A 154 -14.90 -36.97 10.86
N VAL A 155 -15.29 -36.59 12.08
CA VAL A 155 -16.68 -36.21 12.32
C VAL A 155 -16.78 -34.83 12.96
N SER A 156 -15.95 -34.58 13.98
CA SER A 156 -16.13 -33.37 14.78
C SER A 156 -15.51 -32.13 14.16
N CYS A 157 -14.47 -32.29 13.35
CA CYS A 157 -13.59 -31.18 13.02
C CYS A 157 -14.18 -30.26 11.94
N GLU A 158 -14.73 -30.84 10.87
CA GLU A 158 -14.96 -30.04 9.66
C GLU A 158 -16.17 -29.12 9.77
N LEU A 159 -17.30 -29.62 10.28
CA LEU A 159 -18.52 -28.82 10.26
C LEU A 159 -18.40 -27.49 10.99
N PRO A 160 -17.82 -27.40 12.18
CA PRO A 160 -17.64 -26.06 12.78
C PRO A 160 -16.81 -25.13 11.92
N LEU A 161 -15.78 -25.66 11.25
CA LEU A 161 -14.96 -24.85 10.36
C LEU A 161 -15.74 -24.41 9.13
N GLN A 162 -16.56 -25.30 8.57
CA GLN A 162 -17.38 -24.92 7.43
C GLN A 162 -18.45 -23.90 7.82
N ALA A 163 -18.88 -23.90 9.08
CA ALA A 163 -19.82 -22.90 9.54
C ALA A 163 -19.17 -21.52 9.57
N ILE A 164 -17.93 -21.43 10.07
CA ILE A 164 -17.20 -20.16 10.03
C ILE A 164 -17.00 -19.70 8.60
N ALA A 165 -16.57 -20.63 7.73
CA ALA A 165 -16.30 -20.28 6.34
C ALA A 165 -17.56 -19.81 5.63
N GLY A 166 -18.68 -20.51 5.84
CA GLY A 166 -19.92 -20.12 5.21
C GLY A 166 -20.46 -18.81 5.74
N LEU A 167 -20.33 -18.59 7.05
CA LEU A 167 -20.74 -17.32 7.64
C LEU A 167 -19.98 -16.16 7.02
N LEU A 168 -18.67 -16.30 6.87
CA LEU A 168 -17.85 -15.23 6.31
C LEU A 168 -17.92 -15.19 4.79
N GLY A 169 -18.41 -16.25 4.14
CA GLY A 169 -18.41 -16.28 2.69
C GLY A 169 -17.03 -16.51 2.10
N VAL A 170 -16.24 -17.37 2.72
CA VAL A 170 -14.88 -17.64 2.23
C VAL A 170 -14.97 -18.58 1.03
N PRO A 171 -14.32 -18.26 -0.08
CA PRO A 171 -14.35 -19.16 -1.24
C PRO A 171 -13.71 -20.50 -0.91
N GLN A 172 -14.13 -21.54 -1.64
CA GLN A 172 -13.71 -22.90 -1.33
C GLN A 172 -12.20 -23.07 -1.44
N GLU A 173 -11.58 -22.38 -2.41
CA GLU A 173 -10.15 -22.51 -2.59
C GLU A 173 -9.34 -21.92 -1.45
N ASP A 174 -9.96 -21.07 -0.63
CA ASP A 174 -9.28 -20.44 0.51
C ASP A 174 -9.53 -21.15 1.83
N ARG A 175 -10.56 -22.01 1.90
CA ARG A 175 -10.93 -22.62 3.18
C ARG A 175 -9.84 -23.55 3.71
N GLY A 176 -8.96 -24.04 2.84
CA GLY A 176 -7.87 -24.88 3.31
C GLY A 176 -6.92 -24.15 4.23
N LYS A 177 -6.45 -22.97 3.80
CA LYS A 177 -5.55 -22.20 4.63
C LYS A 177 -6.26 -21.49 5.77
N LEU A 178 -7.55 -21.17 5.59
CA LEU A 178 -8.33 -20.61 6.69
C LEU A 178 -8.45 -21.61 7.84
N PHE A 179 -8.74 -22.87 7.51
CA PHE A 179 -8.83 -23.90 8.54
C PHE A 179 -7.46 -24.17 9.17
N HIS A 180 -6.40 -24.07 8.38
CA HIS A 180 -5.06 -24.25 8.92
C HIS A 180 -4.74 -23.16 9.93
N TRP A 181 -4.98 -21.89 9.56
CA TRP A 181 -4.74 -20.79 10.49
C TRP A 181 -5.57 -20.95 11.75
N SER A 182 -6.85 -21.33 11.61
CA SER A 182 -7.70 -21.52 12.77
CA SER A 182 -7.70 -21.52 12.77
C SER A 182 -7.16 -22.63 13.68
N ASN A 183 -6.64 -23.69 13.08
CA ASN A 183 -6.14 -24.81 13.88
C ASN A 183 -4.82 -24.48 14.57
N GLU A 184 -4.04 -23.55 14.01
CA GLU A 184 -2.77 -23.15 14.61
C GLU A 184 -2.93 -22.14 15.73
N MET A 185 -4.16 -21.83 16.13
CA MET A 185 -4.40 -20.81 17.14
C MET A 185 -4.41 -21.37 18.56
N THR A 186 -4.77 -22.65 18.73
CA THR A 186 -5.05 -23.19 20.05
C THR A 186 -4.29 -24.49 20.28
N GLY A 187 -4.00 -24.75 21.55
CA GLY A 187 -3.42 -26.01 21.97
C GLY A 187 -1.91 -26.04 22.04
N ASN A 188 -1.23 -24.89 21.97
CA ASN A 188 0.23 -24.90 21.85
C ASN A 188 0.95 -25.26 23.14
N GLU A 189 0.23 -25.57 24.22
CA GLU A 189 0.85 -26.11 25.42
C GLU A 189 0.78 -27.63 25.48
N ASP A 190 0.18 -28.25 24.49
CA ASP A 190 0.20 -29.70 24.31
C ASP A 190 1.42 -30.09 23.49
N PRO A 191 2.17 -31.13 23.89
CA PRO A 191 3.36 -31.53 23.11
C PRO A 191 3.07 -31.81 21.65
N GLU A 192 1.85 -32.26 21.32
CA GLU A 192 1.52 -32.55 19.93
C GLU A 192 1.50 -31.28 19.09
N TYR A 193 1.19 -30.13 19.70
CA TYR A 193 1.10 -28.86 18.98
C TYR A 193 2.19 -27.89 19.39
N ALA A 194 3.33 -28.41 19.87
CA ALA A 194 4.40 -27.56 20.35
C ALA A 194 4.96 -26.65 19.27
N HIS A 195 4.80 -27.00 18.00
CA HIS A 195 5.38 -26.24 16.91
C HIS A 195 4.43 -25.25 16.26
N ILE A 196 3.15 -25.24 16.64
CA ILE A 196 2.25 -24.24 16.10
C ILE A 196 2.62 -22.87 16.66
N ASP A 197 2.31 -21.82 15.89
CA ASP A 197 2.66 -20.45 16.24
C ASP A 197 1.41 -19.60 16.14
N PRO A 198 0.67 -19.44 17.25
CA PRO A 198 -0.54 -18.61 17.20
C PRO A 198 -0.25 -17.15 16.87
N LYS A 199 0.92 -16.64 17.27
CA LYS A 199 1.29 -15.28 16.92
C LYS A 199 1.36 -15.11 15.41
N ALA A 200 2.08 -16.01 14.74
CA ALA A 200 2.18 -15.92 13.28
C ALA A 200 0.83 -16.16 12.62
N SER A 201 0.05 -17.11 13.13
CA SER A 201 -1.23 -17.43 12.51
C SER A 201 -2.22 -16.27 12.62
N SER A 202 -2.29 -15.64 13.80
CA SER A 202 -3.18 -14.50 13.96
C SER A 202 -2.80 -13.37 13.01
N ALA A 203 -1.49 -13.15 12.82
CA ALA A 203 -1.05 -12.15 11.86
C ALA A 203 -1.48 -12.51 10.45
N GLU A 204 -1.33 -13.78 10.06
CA GLU A 204 -1.77 -14.21 8.74
CA GLU A 204 -1.77 -14.21 8.74
C GLU A 204 -3.28 -14.09 8.60
N LEU A 205 -4.02 -14.44 9.64
CA LEU A 205 -5.48 -14.33 9.59
C LEU A 205 -5.91 -12.89 9.42
N ILE A 206 -5.32 -11.97 10.19
CA ILE A 206 -5.65 -10.56 10.07
C ILE A 206 -5.34 -10.07 8.66
N GLY A 207 -4.14 -10.36 8.16
CA GLY A 207 -3.77 -9.94 6.82
C GLY A 207 -4.72 -10.46 5.76
N TYR A 208 -5.09 -11.75 5.86
CA TYR A 208 -6.07 -12.30 4.93
C TYR A 208 -7.41 -11.60 5.06
N ALA A 209 -7.82 -11.30 6.29
CA ALA A 209 -9.14 -10.72 6.51
C ALA A 209 -9.21 -9.28 6.02
N MET A 210 -8.14 -8.51 6.20
CA MET A 210 -8.12 -7.14 5.70
C MET A 210 -8.23 -7.11 4.18
N LYS A 211 -7.47 -7.98 3.51
CA LYS A 211 -7.56 -8.08 2.06
CA LYS A 211 -7.56 -8.08 2.06
C LYS A 211 -8.98 -8.46 1.63
N MET A 212 -9.63 -9.33 2.41
CA MET A 212 -11.00 -9.71 2.09
C MET A 212 -11.97 -8.56 2.30
N ALA A 213 -11.75 -7.76 3.35
CA ALA A 213 -12.59 -6.59 3.58
C ALA A 213 -12.45 -5.58 2.45
N GLU A 214 -11.22 -5.32 2.01
CA GLU A 214 -11.01 -4.42 0.89
C GLU A 214 -11.69 -4.94 -0.37
N GLU A 215 -11.54 -6.24 -0.64
CA GLU A 215 -12.16 -6.82 -1.84
C GLU A 215 -13.68 -6.81 -1.73
N LYS A 216 -14.22 -7.13 -0.55
CA LYS A 216 -15.66 -7.22 -0.39
C LYS A 216 -16.33 -5.85 -0.40
N ALA A 217 -15.57 -4.78 -0.10
CA ALA A 217 -16.13 -3.44 -0.23
C ALA A 217 -16.32 -3.06 -1.70
N LYS A 218 -15.43 -3.53 -2.57
CA LYS A 218 -15.55 -3.23 -3.99
C LYS A 218 -16.72 -3.96 -4.63
N ASN A 219 -17.08 -5.13 -4.12
CA ASN A 219 -18.14 -5.95 -4.69
C ASN A 219 -19.01 -6.51 -3.57
N PRO A 220 -19.98 -5.71 -3.09
CA PRO A 220 -20.90 -6.21 -2.06
C PRO A 220 -21.60 -7.51 -2.42
N ALA A 221 -22.12 -8.20 -1.42
CA ALA A 221 -22.89 -9.42 -1.61
C ALA A 221 -23.88 -9.52 -0.46
N ASP A 222 -24.36 -10.73 -0.18
CA ASP A 222 -25.37 -10.93 0.83
C ASP A 222 -24.84 -11.56 2.12
N ASP A 223 -23.61 -12.07 2.12
CA ASP A 223 -23.04 -12.57 3.35
C ASP A 223 -22.79 -11.42 4.32
N ILE A 224 -22.38 -11.78 5.54
CA ILE A 224 -22.35 -10.80 6.62
C ILE A 224 -21.18 -9.82 6.49
N VAL A 225 -20.15 -10.16 5.72
CA VAL A 225 -18.99 -9.27 5.60
C VAL A 225 -19.40 -7.91 5.07
N THR A 226 -20.25 -7.89 4.03
CA THR A 226 -20.76 -6.62 3.53
C THR A 226 -21.54 -5.87 4.62
N GLN A 227 -22.32 -6.60 5.41
CA GLN A 227 -23.06 -5.97 6.50
C GLN A 227 -22.13 -5.35 7.53
N LEU A 228 -20.98 -5.98 7.77
CA LEU A 228 -20.08 -5.55 8.83
C LEU A 228 -19.32 -4.28 8.44
N ILE A 229 -18.91 -4.16 7.18
CA ILE A 229 -18.07 -3.05 6.74
C ILE A 229 -18.88 -1.96 6.05
N GLN A 230 -20.20 -2.08 6.02
CA GLN A 230 -21.06 -1.03 5.49
C GLN A 230 -21.50 -0.12 6.63
N ALA A 231 -21.30 1.18 6.46
CA ALA A 231 -21.71 2.14 7.48
C ALA A 231 -23.22 2.16 7.63
N ASP A 232 -23.68 2.37 8.86
CA ASP A 232 -25.11 2.45 9.13
C ASP A 232 -25.52 3.93 9.11
N ILE A 233 -26.68 4.25 9.69
CA ILE A 233 -27.13 5.64 9.73
C ILE A 233 -26.18 6.48 10.57
N ASP A 234 -25.71 5.93 11.69
CA ASP A 234 -24.74 6.60 12.54
C ASP A 234 -23.31 6.50 12.01
N GLY A 235 -23.12 5.91 10.84
CA GLY A 235 -21.80 5.75 10.27
C GLY A 235 -20.96 4.68 10.91
N GLU A 236 -21.58 3.74 11.63
CA GLU A 236 -20.84 2.71 12.36
C GLU A 236 -20.58 1.52 11.45
N LYS A 237 -19.33 1.06 11.46
CA LYS A 237 -18.92 -0.09 10.67
C LYS A 237 -17.60 -0.61 11.24
N LEU A 238 -17.23 -1.81 10.82
CA LEU A 238 -15.91 -2.33 11.13
C LEU A 238 -14.88 -1.73 10.19
N SER A 239 -13.82 -1.16 10.76
CA SER A 239 -12.65 -0.87 9.94
C SER A 239 -12.07 -2.17 9.40
N ASP A 240 -11.15 -2.05 8.46
CA ASP A 240 -10.55 -3.25 7.86
C ASP A 240 -9.81 -4.06 8.92
N ASP A 241 -9.01 -3.40 9.76
CA ASP A 241 -8.31 -4.12 10.81
C ASP A 241 -9.27 -4.59 11.90
N GLU A 242 -10.35 -3.86 12.14
CA GLU A 242 -11.37 -4.35 13.07
C GLU A 242 -12.01 -5.63 12.56
N PHE A 243 -12.27 -5.69 11.25
CA PHE A 243 -12.74 -6.94 10.66
C PHE A 243 -11.70 -8.04 10.80
N GLY A 244 -10.42 -7.69 10.67
CA GLY A 244 -9.38 -8.67 10.86
C GLY A 244 -9.37 -9.25 12.27
N PHE A 245 -9.55 -8.39 13.28
CA PHE A 245 -9.59 -8.88 14.65
C PHE A 245 -10.86 -9.66 14.91
N PHE A 246 -11.94 -9.38 14.19
CA PHE A 246 -13.15 -10.19 14.29
C PHE A 246 -12.91 -11.59 13.74
N VAL A 247 -12.24 -11.69 12.59
CA VAL A 247 -12.01 -13.00 11.97
C VAL A 247 -11.10 -13.85 12.84
N VAL A 248 -10.05 -13.26 13.41
CA VAL A 248 -9.18 -14.01 14.32
C VAL A 248 -9.98 -14.53 15.50
N MET A 249 -10.85 -13.69 16.08
CA MET A 249 -11.70 -14.14 17.16
C MET A 249 -12.60 -15.29 16.69
N LEU A 250 -13.23 -15.14 15.53
CA LEU A 250 -14.09 -16.19 15.00
C LEU A 250 -13.33 -17.48 14.79
N ALA A 251 -12.10 -17.40 14.24
CA ALA A 251 -11.32 -18.60 13.98
C ALA A 251 -11.08 -19.40 15.25
N VAL A 252 -11.01 -18.74 16.40
CA VAL A 252 -10.89 -19.43 17.68
C VAL A 252 -12.26 -19.68 18.29
N ALA A 253 -13.14 -18.68 18.23
CA ALA A 253 -14.40 -18.73 18.98
C ALA A 253 -15.27 -19.91 18.54
N GLY A 254 -15.26 -20.23 17.24
CA GLY A 254 -16.21 -21.19 16.72
C GLY A 254 -15.62 -22.51 16.27
N ASN A 255 -14.31 -22.67 16.42
CA ASN A 255 -13.66 -23.89 15.94
C ASN A 255 -13.66 -24.98 17.01
N GLU A 256 -12.67 -24.94 17.91
CA GLU A 256 -12.49 -26.02 18.88
C GLU A 256 -13.62 -26.08 19.90
N THR A 257 -14.40 -25.01 20.04
CA THR A 257 -15.53 -25.03 20.96
C THR A 257 -16.60 -26.02 20.49
N THR A 258 -17.16 -25.80 19.30
CA THR A 258 -18.17 -26.69 18.79
C THR A 258 -17.61 -28.08 18.52
N ARG A 259 -16.38 -28.16 18.01
CA ARG A 259 -15.74 -29.45 17.78
C ARG A 259 -15.74 -30.31 19.04
N ASN A 260 -15.31 -29.72 20.16
CA ASN A 260 -15.21 -30.49 21.39
C ASN A 260 -16.59 -30.79 21.97
N SER A 261 -17.58 -29.94 21.69
CA SER A 261 -18.95 -30.29 22.04
CA SER A 261 -18.94 -30.30 22.05
C SER A 261 -19.39 -31.55 21.30
N ILE A 262 -19.04 -31.66 20.02
CA ILE A 262 -19.42 -32.83 19.24
C ILE A 262 -18.72 -34.08 19.75
N THR A 263 -17.40 -34.01 19.94
CA THR A 263 -16.65 -35.16 20.40
C THR A 263 -17.16 -35.64 21.75
N GLN A 264 -17.26 -34.74 22.72
CA GLN A 264 -17.67 -35.13 24.07
C GLN A 264 -19.17 -35.39 24.16
N GLY A 265 -19.96 -34.88 23.21
CA GLY A 265 -21.34 -35.31 23.12
C GLY A 265 -21.45 -36.76 22.72
N MET A 266 -20.63 -37.20 21.77
CA MET A 266 -20.63 -38.60 21.37
C MET A 266 -20.06 -39.49 22.46
N MET A 267 -19.04 -39.01 23.19
CA MET A 267 -18.52 -39.77 24.32
C MET A 267 -19.60 -40.01 25.37
N ALA A 268 -20.44 -39.01 25.61
CA ALA A 268 -21.54 -39.19 26.54
C ALA A 268 -22.57 -40.18 26.00
N PHE A 269 -22.84 -40.12 24.70
CA PHE A 269 -23.78 -41.07 24.10
C PHE A 269 -23.25 -42.50 24.22
N ALA A 270 -21.94 -42.69 24.06
CA ALA A 270 -21.36 -44.02 24.22
C ALA A 270 -21.49 -44.50 25.66
N GLU A 271 -21.38 -43.58 26.63
CA GLU A 271 -21.50 -43.93 28.03
C GLU A 271 -22.94 -44.15 28.48
N HIS A 272 -23.91 -43.60 27.75
CA HIS A 272 -25.32 -43.67 28.12
C HIS A 272 -26.13 -44.16 26.92
N PRO A 273 -26.04 -45.46 26.61
CA PRO A 273 -26.69 -45.98 25.40
C PRO A 273 -28.19 -45.75 25.37
N ASP A 274 -28.85 -45.69 26.52
CA ASP A 274 -30.28 -45.38 26.54
C ASP A 274 -30.54 -43.98 26.00
N GLN A 275 -29.65 -43.04 26.29
CA GLN A 275 -29.79 -41.70 25.72
C GLN A 275 -29.55 -41.72 24.21
N TRP A 276 -28.61 -42.55 23.76
CA TRP A 276 -28.34 -42.65 22.33
C TRP A 276 -29.50 -43.28 21.59
N GLU A 277 -30.08 -44.36 22.14
CA GLU A 277 -31.27 -44.95 21.53
C GLU A 277 -32.41 -43.96 21.50
N LEU A 278 -32.59 -43.19 22.58
CA LEU A 278 -33.63 -42.17 22.59
C LEU A 278 -33.35 -41.08 21.57
N TYR A 279 -32.08 -40.69 21.41
CA TYR A 279 -31.76 -39.65 20.43
C TYR A 279 -32.10 -40.12 19.02
N LYS A 280 -31.64 -41.31 18.65
CA LYS A 280 -31.85 -41.79 17.28
C LYS A 280 -33.33 -41.86 16.93
N LYS A 281 -34.19 -42.13 17.91
CA LYS A 281 -35.61 -42.27 17.62
C LYS A 281 -36.33 -40.92 17.58
N VAL A 282 -36.05 -40.03 18.52
CA VAL A 282 -36.79 -38.79 18.65
C VAL A 282 -36.05 -37.63 18.00
N ARG A 283 -34.72 -37.72 17.96
CA ARG A 283 -33.86 -36.65 17.47
C ARG A 283 -34.17 -35.30 18.16
N PRO A 284 -34.17 -35.25 19.49
CA PRO A 284 -34.61 -34.03 20.18
C PRO A 284 -33.53 -32.96 20.13
N GLU A 285 -33.90 -31.75 19.72
CA GLU A 285 -32.93 -30.67 19.64
C GLU A 285 -32.52 -30.14 21.00
N THR A 286 -33.21 -30.54 22.08
CA THR A 286 -32.72 -30.26 23.42
C THR A 286 -31.41 -30.99 23.71
N ALA A 287 -31.07 -31.99 22.89
CA ALA A 287 -29.80 -32.69 23.07
C ALA A 287 -28.61 -31.75 22.96
N ALA A 288 -28.69 -30.77 22.05
CA ALA A 288 -27.57 -29.87 21.81
C ALA A 288 -27.18 -29.14 23.09
N ASP A 289 -28.17 -28.63 23.83
CA ASP A 289 -27.86 -27.89 25.05
C ASP A 289 -27.32 -28.81 26.13
N GLU A 290 -27.84 -30.03 26.24
CA GLU A 290 -27.28 -30.97 27.20
C GLU A 290 -25.89 -31.42 26.79
N ILE A 291 -25.62 -31.48 25.50
CA ILE A 291 -24.27 -31.80 25.04
C ILE A 291 -23.31 -30.68 25.42
N VAL A 292 -23.73 -29.42 25.26
CA VAL A 292 -22.86 -28.30 25.61
C VAL A 292 -22.64 -28.24 27.11
N ARG A 293 -23.70 -28.45 27.90
CA ARG A 293 -23.54 -28.51 29.35
C ARG A 293 -22.57 -29.62 29.74
N TRP A 294 -22.75 -30.80 29.17
CA TRP A 294 -21.89 -31.93 29.49
C TRP A 294 -20.45 -31.69 29.01
N ALA A 295 -20.29 -31.11 27.84
CA ALA A 295 -18.96 -30.96 27.26
C ALA A 295 -18.22 -29.76 27.83
N THR A 296 -18.93 -28.66 28.09
CA THR A 296 -18.38 -27.38 28.56
C THR A 296 -17.02 -27.13 27.91
N PRO A 297 -16.99 -26.85 26.61
CA PRO A 297 -15.69 -26.77 25.91
C PRO A 297 -14.76 -25.71 26.46
N VAL A 298 -15.30 -24.57 26.89
CA VAL A 298 -14.53 -23.56 27.60
C VAL A 298 -14.65 -23.89 29.08
N THR A 299 -13.56 -24.41 29.66
CA THR A 299 -13.56 -24.74 31.07
C THR A 299 -13.75 -23.50 31.93
N ALA A 300 -13.11 -22.39 31.55
CA ALA A 300 -13.12 -21.22 32.40
C ALA A 300 -12.74 -19.97 31.61
N PHE A 301 -13.40 -18.86 31.95
CA PHE A 301 -12.98 -17.52 31.57
C PHE A 301 -12.88 -16.69 32.84
N GLN A 302 -12.02 -15.66 32.80
CA GLN A 302 -11.80 -14.83 33.98
C GLN A 302 -12.33 -13.42 33.78
N ARG A 303 -12.45 -12.71 34.90
CA ARG A 303 -12.67 -11.27 34.93
C ARG A 303 -11.76 -10.66 35.99
N THR A 304 -11.66 -9.34 35.97
CA THR A 304 -10.87 -8.60 36.96
C THR A 304 -11.77 -7.55 37.61
N ALA A 305 -11.76 -7.51 38.93
CA ALA A 305 -12.56 -6.53 39.65
C ALA A 305 -11.97 -5.13 39.49
N LEU A 306 -12.81 -4.19 39.04
CA LEU A 306 -12.41 -2.80 38.96
C LEU A 306 -12.64 -2.05 40.27
N ARG A 307 -13.36 -2.63 41.20
CA ARG A 307 -13.57 -2.05 42.52
C ARG A 307 -13.86 -3.18 43.49
N ASP A 308 -13.79 -2.86 44.78
CA ASP A 308 -14.18 -3.81 45.80
C ASP A 308 -15.61 -4.26 45.57
N TYR A 309 -15.86 -5.56 45.77
CA TYR A 309 -17.19 -6.12 45.52
C TYR A 309 -17.36 -7.35 46.39
N GLU A 310 -18.46 -7.40 47.14
CA GLU A 310 -18.76 -8.55 47.97
C GLU A 310 -19.63 -9.52 47.19
N LEU A 311 -19.14 -10.74 47.01
CA LEU A 311 -19.81 -11.76 46.21
C LEU A 311 -20.08 -12.96 47.11
N SER A 312 -21.35 -13.22 47.40
CA SER A 312 -21.79 -14.35 48.22
C SER A 312 -20.98 -14.44 49.51
N GLY A 313 -20.87 -13.31 50.20
CA GLY A 313 -20.18 -13.25 51.47
C GLY A 313 -18.68 -13.17 51.40
N VAL A 314 -18.08 -13.17 50.21
CA VAL A 314 -16.64 -13.10 50.03
C VAL A 314 -16.28 -11.72 49.50
N GLN A 315 -15.28 -11.09 50.11
CA GLN A 315 -14.84 -9.76 49.73
C GLN A 315 -13.85 -9.88 48.58
N ILE A 316 -14.31 -9.61 47.36
CA ILE A 316 -13.42 -9.49 46.22
C ILE A 316 -12.81 -8.09 46.24
N LYS A 317 -11.49 -8.02 46.17
CA LYS A 317 -10.78 -6.74 46.26
C LYS A 317 -10.45 -6.22 44.87
N LYS A 318 -10.45 -4.89 44.75
CA LYS A 318 -10.14 -4.24 43.48
C LYS A 318 -8.83 -4.75 42.90
N GLY A 319 -8.85 -5.08 41.62
CA GLY A 319 -7.67 -5.58 40.93
C GLY A 319 -7.51 -7.09 40.93
N GLN A 320 -8.24 -7.80 41.79
CA GLN A 320 -8.11 -9.25 41.85
C GLN A 320 -8.85 -9.91 40.70
N ARG A 321 -8.35 -11.07 40.29
CA ARG A 321 -8.98 -11.86 39.24
C ARG A 321 -9.96 -12.86 39.84
N VAL A 322 -11.09 -13.03 39.16
CA VAL A 322 -12.02 -14.12 39.44
C VAL A 322 -12.08 -14.99 38.20
N VAL A 323 -11.99 -16.31 38.39
CA VAL A 323 -12.03 -17.26 37.29
C VAL A 323 -13.33 -18.03 37.39
N MET A 324 -14.17 -17.90 36.37
CA MET A 324 -15.48 -18.54 36.33
C MET A 324 -15.33 -19.94 35.74
N PHE A 325 -15.43 -20.95 36.58
CA PHE A 325 -15.28 -22.34 36.13
C PHE A 325 -16.64 -22.84 35.67
N TYR A 326 -16.93 -22.62 34.39
CA TYR A 326 -18.19 -23.10 33.81
C TYR A 326 -18.35 -24.59 33.99
N ARG A 327 -17.25 -25.34 33.96
CA ARG A 327 -17.29 -26.79 34.16
C ARG A 327 -17.82 -27.16 35.54
N SER A 328 -17.55 -26.33 36.55
CA SER A 328 -18.13 -26.56 37.86
C SER A 328 -19.58 -26.10 37.91
N ALA A 329 -19.84 -24.88 37.41
CA ALA A 329 -21.19 -24.32 37.45
C ALA A 329 -22.20 -25.18 36.69
N ASN A 330 -21.77 -25.81 35.60
CA ASN A 330 -22.69 -26.61 34.79
C ASN A 330 -23.07 -27.93 35.47
N PHE A 331 -22.49 -28.24 36.63
CA PHE A 331 -22.86 -29.42 37.40
C PHE A 331 -23.25 -29.03 38.82
N ASP A 332 -23.70 -27.78 38.98
CA ASP A 332 -24.11 -27.26 40.28
C ASP A 332 -25.38 -27.95 40.74
N GLU A 333 -25.28 -28.71 41.84
CA GLU A 333 -26.43 -29.46 42.35
C GLU A 333 -27.57 -28.54 42.75
N GLU A 334 -27.26 -27.29 43.10
CA GLU A 334 -28.28 -26.34 43.51
C GLU A 334 -29.18 -25.90 42.36
N VAL A 335 -28.69 -25.99 41.13
CA VAL A 335 -29.41 -25.50 39.96
C VAL A 335 -29.99 -26.65 39.14
N PHE A 336 -29.25 -27.74 38.98
CA PHE A 336 -29.63 -28.84 38.11
C PHE A 336 -30.15 -30.01 38.92
N GLN A 337 -31.22 -30.63 38.42
CA GLN A 337 -31.72 -31.87 38.99
C GLN A 337 -30.89 -33.02 38.44
N ASP A 338 -30.14 -33.68 39.33
CA ASP A 338 -29.21 -34.74 38.94
C ASP A 338 -28.25 -34.23 37.87
N PRO A 339 -27.33 -33.33 38.22
CA PRO A 339 -26.42 -32.78 37.21
C PRO A 339 -25.55 -33.83 36.55
N PHE A 340 -25.23 -34.91 37.25
CA PHE A 340 -24.36 -35.95 36.72
C PHE A 340 -25.15 -37.04 35.98
N THR A 341 -26.41 -36.77 35.69
CA THR A 341 -27.21 -37.61 34.79
C THR A 341 -27.25 -36.92 33.43
N PHE A 342 -26.78 -37.61 32.39
CA PHE A 342 -26.85 -37.12 31.02
C PHE A 342 -28.27 -37.30 30.52
N ASN A 343 -28.99 -36.19 30.29
CA ASN A 343 -30.41 -36.22 29.97
C ASN A 343 -30.66 -35.27 28.80
N ILE A 344 -30.75 -35.82 27.59
CA ILE A 344 -30.92 -35.00 26.39
C ILE A 344 -32.28 -34.34 26.31
N LEU A 345 -33.19 -34.64 27.23
CA LEU A 345 -34.48 -33.97 27.30
C LEU A 345 -34.54 -32.89 28.36
N ARG A 346 -33.43 -32.63 29.04
CA ARG A 346 -33.40 -31.61 30.09
C ARG A 346 -33.94 -30.29 29.57
N ASN A 347 -34.93 -29.76 30.29
CA ASN A 347 -35.70 -28.61 29.81
C ASN A 347 -36.49 -28.01 30.97
N PRO A 348 -36.23 -26.75 31.35
CA PRO A 348 -35.20 -25.85 30.82
C PRO A 348 -33.78 -26.30 31.16
N ASN A 349 -32.78 -25.83 30.42
CA ASN A 349 -31.38 -26.19 30.63
C ASN A 349 -30.59 -24.90 30.77
N PRO A 350 -30.52 -24.34 31.97
CA PRO A 350 -29.86 -23.04 32.16
C PRO A 350 -28.35 -23.15 32.35
N HIS A 351 -27.70 -23.96 31.51
CA HIS A 351 -26.26 -24.11 31.62
C HIS A 351 -25.54 -22.82 31.22
N VAL A 352 -24.28 -22.72 31.61
CA VAL A 352 -23.47 -21.54 31.29
C VAL A 352 -22.34 -21.95 30.36
N GLY A 353 -22.57 -22.99 29.55
CA GLY A 353 -21.58 -23.38 28.56
C GLY A 353 -21.27 -22.27 27.58
N PHE A 354 -22.25 -21.43 27.28
CA PHE A 354 -22.06 -20.24 26.47
C PHE A 354 -21.78 -19.00 27.32
N GLY A 355 -21.41 -19.20 28.58
CA GLY A 355 -21.20 -18.11 29.51
C GLY A 355 -22.44 -17.81 30.33
N GLY A 356 -22.27 -16.91 31.28
CA GLY A 356 -23.41 -16.38 32.00
C GLY A 356 -24.06 -15.23 31.25
N THR A 357 -25.37 -15.11 31.43
CA THR A 357 -26.12 -14.03 30.79
C THR A 357 -25.46 -12.69 31.07
N GLY A 358 -25.27 -11.90 30.02
CA GLY A 358 -24.62 -10.62 30.16
C GLY A 358 -24.11 -10.12 28.82
N ALA A 359 -23.24 -9.10 28.92
CA ALA A 359 -22.83 -8.37 27.72
C ALA A 359 -22.03 -9.23 26.76
N HIS A 360 -21.32 -10.24 27.26
CA HIS A 360 -20.42 -11.04 26.44
C HIS A 360 -20.99 -12.40 26.06
N TYR A 361 -22.27 -12.65 26.34
CA TYR A 361 -22.88 -13.94 26.05
C TYR A 361 -22.60 -14.36 24.61
N CYS A 362 -22.23 -15.63 24.44
CA CYS A 362 -21.78 -16.14 23.15
C CYS A 362 -22.72 -15.75 22.02
N ILE A 363 -22.21 -14.94 21.09
CA ILE A 363 -23.01 -14.48 19.98
C ILE A 363 -23.28 -15.61 18.98
N GLY A 364 -22.54 -16.70 19.04
CA GLY A 364 -22.75 -17.80 18.12
C GLY A 364 -23.40 -19.02 18.74
N ALA A 365 -24.10 -18.82 19.87
CA ALA A 365 -24.70 -19.94 20.58
C ALA A 365 -25.68 -20.71 19.70
N ASN A 366 -26.54 -20.00 18.97
CA ASN A 366 -27.52 -20.68 18.13
C ASN A 366 -26.90 -21.28 16.87
N LEU A 367 -25.85 -20.64 16.33
CA LEU A 367 -25.09 -21.30 15.26
C LEU A 367 -24.44 -22.58 15.76
N ALA A 368 -23.95 -22.56 17.01
CA ALA A 368 -23.37 -23.76 17.60
C ALA A 368 -24.40 -24.85 17.79
N ARG A 369 -25.57 -24.49 18.37
CA ARG A 369 -26.62 -25.47 18.58
C ARG A 369 -27.09 -26.09 17.26
N MET A 370 -27.24 -25.26 16.23
CA MET A 370 -27.63 -25.78 14.92
C MET A 370 -26.57 -26.74 14.38
N THR A 371 -25.30 -26.35 14.47
CA THR A 371 -24.21 -27.22 14.03
C THR A 371 -24.25 -28.57 14.74
N ILE A 372 -24.48 -28.55 16.06
CA ILE A 372 -24.49 -29.78 16.85
C ILE A 372 -25.67 -30.66 16.43
N ASN A 373 -26.85 -30.07 16.26
CA ASN A 373 -28.02 -30.85 15.90
C ASN A 373 -27.87 -31.46 14.51
N LEU A 374 -27.33 -30.70 13.56
CA LEU A 374 -27.17 -31.22 12.21
C LEU A 374 -26.17 -32.36 12.15
N ILE A 375 -25.07 -32.26 12.90
CA ILE A 375 -24.06 -33.31 12.81
C ILE A 375 -24.50 -34.57 13.55
N PHE A 376 -25.25 -34.45 14.64
CA PHE A 376 -25.68 -35.63 15.35
C PHE A 376 -26.86 -36.32 14.65
N ASN A 377 -27.69 -35.56 13.94
CA ASN A 377 -28.65 -36.18 13.04
C ASN A 377 -27.93 -36.96 11.94
N ALA A 378 -26.83 -36.42 11.43
CA ALA A 378 -26.08 -37.12 10.39
C ALA A 378 -25.37 -38.35 10.94
N VAL A 379 -24.82 -38.24 12.15
CA VAL A 379 -24.22 -39.40 12.80
C VAL A 379 -25.26 -40.49 13.01
N ALA A 380 -26.45 -40.10 13.49
CA ALA A 380 -27.52 -41.07 13.67
C ALA A 380 -27.96 -41.68 12.34
N ASP A 381 -27.94 -40.89 11.26
CA ASP A 381 -28.41 -41.39 9.98
C ASP A 381 -27.43 -42.38 9.37
N HIS A 382 -26.12 -42.16 9.54
CA HIS A 382 -25.12 -42.90 8.78
C HIS A 382 -24.30 -43.88 9.60
N MET A 383 -24.17 -43.68 10.91
CA MET A 383 -23.38 -44.58 11.76
CA MET A 383 -23.38 -44.58 11.76
C MET A 383 -24.10 -44.79 13.10
N PRO A 384 -25.36 -45.23 13.06
CA PRO A 384 -26.12 -45.33 14.32
C PRO A 384 -25.57 -46.35 15.31
N ASP A 385 -24.74 -47.29 14.85
CA ASP A 385 -24.18 -48.32 15.72
C ASP A 385 -22.72 -48.06 16.05
N LEU A 386 -22.29 -46.80 15.98
CA LEU A 386 -20.94 -46.39 16.35
C LEU A 386 -20.57 -46.94 17.73
N LYS A 387 -19.33 -47.40 17.87
CA LYS A 387 -18.80 -47.89 19.13
C LYS A 387 -17.35 -47.44 19.26
N PRO A 388 -16.95 -46.96 20.44
CA PRO A 388 -15.55 -46.54 20.62
C PRO A 388 -14.62 -47.73 20.62
N ILE A 389 -13.37 -47.48 20.25
CA ILE A 389 -12.33 -48.49 20.22
C ILE A 389 -11.35 -48.32 21.38
N SER A 390 -10.99 -47.09 21.71
CA SER A 390 -10.05 -46.83 22.78
C SER A 390 -10.44 -45.52 23.46
N ALA A 391 -9.73 -45.19 24.53
CA ALA A 391 -10.05 -44.01 25.32
C ALA A 391 -9.66 -42.74 24.57
N PRO A 392 -10.39 -41.65 24.78
CA PRO A 392 -10.02 -40.38 24.13
C PRO A 392 -8.69 -39.85 24.63
N GLU A 393 -8.01 -39.10 23.77
CA GLU A 393 -6.78 -38.40 24.13
C GLU A 393 -7.13 -36.94 24.42
N ARG A 394 -6.90 -36.51 25.65
CA ARG A 394 -7.30 -35.17 26.06
C ARG A 394 -6.22 -34.15 25.74
N LEU A 395 -6.64 -32.89 25.62
CA LEU A 395 -5.75 -31.79 25.26
C LEU A 395 -5.14 -31.17 26.51
N ARG A 396 -3.84 -30.90 26.44
CA ARG A 396 -3.14 -30.21 27.53
C ARG A 396 -3.42 -28.73 27.41
N SER A 397 -4.39 -28.25 28.19
CA SER A 397 -4.78 -26.84 28.16
C SER A 397 -5.40 -26.48 29.49
N GLY A 398 -5.14 -25.25 29.94
CA GLY A 398 -5.66 -24.75 31.21
C GLY A 398 -6.98 -24.03 31.14
N TRP A 399 -7.53 -23.83 29.95
CA TRP A 399 -8.83 -23.18 29.80
C TRP A 399 -9.73 -23.84 28.76
N LEU A 400 -9.19 -24.60 27.82
CA LEU A 400 -9.96 -25.34 26.83
C LEU A 400 -10.07 -26.80 27.27
N ASN A 401 -11.28 -27.35 27.21
CA ASN A 401 -11.50 -28.77 27.47
C ASN A 401 -11.58 -29.46 26.11
N GLY A 402 -10.44 -30.01 25.66
CA GLY A 402 -10.33 -30.52 24.31
C GLY A 402 -10.06 -32.01 24.27
N ILE A 403 -10.51 -32.63 23.18
CA ILE A 403 -10.18 -34.01 22.83
C ILE A 403 -9.39 -33.98 21.53
N LYS A 404 -8.14 -34.46 21.57
CA LYS A 404 -7.32 -34.46 20.36
C LYS A 404 -7.69 -35.61 19.44
N HIS A 405 -7.92 -36.80 19.98
CA HIS A 405 -8.13 -37.99 19.17
C HIS A 405 -9.08 -38.94 19.91
N TRP A 406 -9.86 -39.69 19.15
CA TRP A 406 -10.76 -40.68 19.73
C TRP A 406 -11.09 -41.72 18.68
N GLN A 407 -10.52 -42.93 18.84
CA GLN A 407 -10.72 -43.99 17.87
C GLN A 407 -12.05 -44.69 18.10
N VAL A 408 -12.87 -44.76 17.06
CA VAL A 408 -14.16 -45.44 17.13
C VAL A 408 -14.35 -46.30 15.89
N ASP A 409 -15.21 -47.31 16.04
CA ASP A 409 -15.61 -48.17 14.94
C ASP A 409 -17.00 -47.71 14.49
N TYR A 410 -17.06 -47.08 13.31
CA TYR A 410 -18.31 -46.49 12.84
C TYR A 410 -19.35 -47.55 12.53
N THR A 411 -18.92 -48.76 12.17
CA THR A 411 -19.85 -49.83 11.83
C THR A 411 -20.29 -50.66 13.04
N GLY A 412 -19.50 -50.68 14.11
CA GLY A 412 -19.87 -51.32 15.34
C GLY A 412 -19.44 -52.77 15.47
N ARG A 413 -19.42 -53.51 14.37
CA ARG A 413 -19.08 -54.94 14.42
C ARG A 413 -17.65 -55.17 14.88
N SER B 4 13.28 -10.47 -26.82
CA SER B 4 13.76 -9.22 -26.23
C SER B 4 12.64 -8.50 -25.49
N PRO B 5 12.97 -7.86 -24.37
CA PRO B 5 11.93 -7.21 -23.56
C PRO B 5 11.36 -5.98 -24.25
N ASN B 6 10.13 -5.64 -23.85
CA ASN B 6 9.40 -4.52 -24.44
C ASN B 6 9.82 -3.23 -23.73
N LEU B 7 10.97 -2.71 -24.14
CA LEU B 7 11.54 -1.49 -23.62
C LEU B 7 11.88 -0.55 -24.76
N PRO B 8 11.91 0.75 -24.51
CA PRO B 8 12.36 1.68 -25.55
C PRO B 8 13.82 1.44 -25.88
N PRO B 9 14.22 1.66 -27.14
CA PRO B 9 15.61 1.43 -27.51
C PRO B 9 16.57 2.28 -26.70
N GLY B 10 17.67 1.65 -26.28
CA GLY B 10 18.69 2.33 -25.50
C GLY B 10 18.35 2.59 -24.06
N PHE B 11 17.31 1.94 -23.53
CA PHE B 11 16.91 2.14 -22.15
C PHE B 11 18.03 1.69 -21.21
N ASP B 12 18.33 2.53 -20.22
CA ASP B 12 19.41 2.28 -19.26
C ASP B 12 18.82 2.37 -17.85
N PHE B 13 18.77 1.24 -17.16
CA PHE B 13 18.17 1.19 -15.83
C PHE B 13 18.98 1.91 -14.77
N THR B 14 20.20 2.34 -15.07
CA THR B 14 20.99 3.16 -14.15
C THR B 14 20.92 4.64 -14.49
N ASP B 15 20.09 5.02 -15.46
CA ASP B 15 19.95 6.42 -15.86
C ASP B 15 19.44 7.25 -14.69
N PRO B 16 20.25 8.18 -14.17
CA PRO B 16 19.77 9.02 -13.05
C PRO B 16 18.57 9.87 -13.41
N ALA B 17 18.37 10.18 -14.71
CA ALA B 17 17.21 10.96 -15.11
C ALA B 17 15.90 10.20 -14.88
N ILE B 18 15.95 8.88 -14.92
CA ILE B 18 14.76 8.09 -14.62
C ILE B 18 14.34 8.28 -13.17
N TYR B 19 15.28 8.09 -12.24
CA TYR B 19 14.96 8.13 -10.83
C TYR B 19 14.67 9.53 -10.31
N ALA B 20 15.05 10.57 -11.07
CA ALA B 20 14.66 11.93 -10.72
C ALA B 20 13.15 12.12 -10.80
N GLU B 21 12.45 11.27 -11.55
CA GLU B 21 11.01 11.40 -11.76
C GLU B 21 10.22 10.24 -11.18
N ARG B 22 10.74 9.02 -11.24
CA ARG B 22 9.95 7.84 -10.90
C ARG B 22 10.87 6.66 -10.61
N LEU B 23 10.30 5.65 -9.99
CA LEU B 23 10.93 4.33 -9.94
C LEU B 23 10.42 3.50 -11.10
N PRO B 24 11.28 2.96 -11.97
CA PRO B 24 10.80 2.25 -13.16
C PRO B 24 10.20 0.89 -12.83
N VAL B 25 9.08 0.91 -12.10
CA VAL B 25 8.48 -0.32 -11.61
C VAL B 25 8.01 -1.19 -12.77
N ALA B 26 7.30 -0.58 -13.74
CA ALA B 26 6.78 -1.34 -14.86
C ALA B 26 7.90 -1.88 -15.74
N GLU B 27 8.99 -1.13 -15.89
CA GLU B 27 10.11 -1.60 -16.69
C GLU B 27 10.81 -2.77 -16.02
N PHE B 28 11.01 -2.69 -14.69
CA PHE B 28 11.54 -3.82 -13.94
C PHE B 28 10.62 -5.03 -14.08
N ALA B 29 9.30 -4.81 -13.99
CA ALA B 29 8.36 -5.91 -14.13
C ALA B 29 8.46 -6.57 -15.49
N GLU B 30 8.71 -5.79 -16.53
CA GLU B 30 8.85 -6.36 -17.87
C GLU B 30 10.10 -7.21 -17.98
N LEU B 31 11.19 -6.78 -17.34
CA LEU B 31 12.40 -7.60 -17.33
C LEU B 31 12.16 -8.93 -16.62
N ARG B 32 11.61 -8.89 -15.41
CA ARG B 32 11.31 -10.12 -14.68
C ARG B 32 10.46 -11.07 -15.51
N SER B 33 9.56 -10.53 -16.34
CA SER B 33 8.66 -11.37 -17.13
C SER B 33 9.32 -11.84 -18.43
N ALA B 34 10.02 -10.95 -19.13
CA ALA B 34 10.49 -11.24 -20.48
C ALA B 34 11.98 -11.50 -20.58
N ALA B 35 12.80 -10.93 -19.69
CA ALA B 35 14.24 -11.13 -19.73
C ALA B 35 14.84 -10.90 -18.35
N PRO B 36 14.68 -11.85 -17.42
CA PRO B 36 15.07 -11.57 -16.02
C PRO B 36 16.55 -11.28 -15.85
N ILE B 37 17.39 -11.78 -16.74
CA ILE B 37 18.79 -11.37 -16.84
C ILE B 37 18.98 -10.83 -18.25
N TRP B 38 19.13 -9.52 -18.38
CA TRP B 38 19.10 -8.84 -19.66
C TRP B 38 20.30 -7.92 -19.80
N TRP B 39 20.88 -7.91 -21.00
CA TRP B 39 22.05 -7.07 -21.26
C TRP B 39 21.61 -5.62 -21.43
N ASN B 40 22.02 -4.77 -20.50
CA ASN B 40 21.75 -3.33 -20.58
C ASN B 40 22.95 -2.67 -21.23
N GLY B 41 22.88 -2.49 -22.54
CA GLY B 41 23.95 -1.84 -23.26
C GLY B 41 24.01 -0.36 -22.98
N GLN B 42 25.23 0.18 -22.98
CA GLN B 42 25.46 1.60 -22.75
C GLN B 42 26.38 2.13 -23.83
N ASP B 43 25.99 3.26 -24.44
CA ASP B 43 26.81 3.88 -25.46
C ASP B 43 28.14 4.35 -24.88
N PRO B 44 29.17 4.49 -25.71
CA PRO B 44 30.46 4.98 -25.20
C PRO B 44 30.31 6.34 -24.55
N GLY B 45 31.01 6.52 -23.43
CA GLY B 45 30.89 7.74 -22.66
C GLY B 45 29.61 7.90 -21.88
N LYS B 46 28.68 6.95 -21.98
CA LYS B 46 27.40 7.01 -21.30
C LYS B 46 27.23 5.84 -20.34
N GLY B 47 28.32 5.39 -19.73
CA GLY B 47 28.27 4.26 -18.82
C GLY B 47 28.41 4.63 -17.37
N GLY B 48 28.22 5.92 -17.06
CA GLY B 48 28.32 6.37 -15.68
C GLY B 48 29.69 6.17 -15.06
N GLY B 49 30.74 6.31 -15.85
CA GLY B 49 32.10 6.13 -15.37
C GLY B 49 32.73 4.80 -15.74
N PHE B 50 31.95 3.89 -16.34
CA PHE B 50 32.46 2.60 -16.78
C PHE B 50 32.34 2.53 -18.31
N HIS B 51 33.40 2.06 -18.94
CA HIS B 51 33.50 2.03 -20.41
C HIS B 51 33.70 0.59 -20.86
N ASP B 52 32.69 -0.24 -20.64
CA ASP B 52 32.73 -1.65 -21.03
C ASP B 52 31.57 -2.03 -21.95
N GLY B 53 30.76 -1.06 -22.36
CA GLY B 53 29.66 -1.32 -23.26
C GLY B 53 28.32 -1.59 -22.59
N GLY B 54 28.32 -1.91 -21.31
CA GLY B 54 27.07 -2.14 -20.59
C GLY B 54 27.28 -3.10 -19.45
N PHE B 55 26.16 -3.65 -18.98
CA PHE B 55 26.15 -4.53 -17.82
C PHE B 55 24.99 -5.50 -17.93
N TRP B 56 24.97 -6.46 -17.01
CA TRP B 56 23.89 -7.43 -16.90
C TRP B 56 22.90 -6.95 -15.84
N ALA B 57 21.66 -6.70 -16.26
CA ALA B 57 20.61 -6.30 -15.34
C ALA B 57 20.07 -7.53 -14.62
N ILE B 58 20.23 -7.56 -13.30
CA ILE B 58 19.77 -8.68 -12.47
C ILE B 58 18.48 -8.24 -11.78
N THR B 59 17.38 -8.92 -12.09
CA THR B 59 16.06 -8.49 -11.64
C THR B 59 15.32 -9.47 -10.75
N LYS B 60 15.78 -10.71 -10.63
CA LYS B 60 15.11 -11.69 -9.79
C LYS B 60 15.82 -11.82 -8.44
N LEU B 61 15.04 -12.08 -7.39
CA LEU B 61 15.59 -12.11 -6.05
C LEU B 61 16.58 -13.24 -5.85
N ASN B 62 16.26 -14.44 -6.37
CA ASN B 62 17.17 -15.57 -6.21
C ASN B 62 18.50 -15.32 -6.92
N ASP B 63 18.45 -14.67 -8.08
CA ASP B 63 19.68 -14.31 -8.78
C ASP B 63 20.50 -13.31 -7.97
N VAL B 64 19.81 -12.35 -7.32
CA VAL B 64 20.50 -11.38 -6.48
C VAL B 64 21.17 -12.08 -5.30
N LYS B 65 20.47 -13.02 -4.67
CA LYS B 65 21.05 -13.73 -3.54
C LYS B 65 22.20 -14.63 -3.96
N GLU B 66 22.11 -15.22 -5.16
CA GLU B 66 23.20 -16.07 -5.63
C GLU B 66 24.46 -15.25 -5.89
N ILE B 67 24.32 -14.08 -6.52
CA ILE B 67 25.47 -13.22 -6.76
C ILE B 67 26.08 -12.76 -5.44
N SER B 68 25.23 -12.39 -4.48
CA SER B 68 25.72 -11.93 -3.19
C SER B 68 26.38 -13.06 -2.41
N ARG B 69 25.89 -14.29 -2.57
CA ARG B 69 26.48 -15.41 -1.85
C ARG B 69 27.85 -15.78 -2.40
N HIS B 70 28.02 -15.72 -3.72
CA HIS B 70 29.27 -16.12 -4.36
C HIS B 70 30.19 -14.91 -4.57
N SER B 71 30.58 -14.31 -3.45
CA SER B 71 31.50 -13.17 -3.50
C SER B 71 32.89 -13.59 -3.98
N ASP B 72 33.22 -14.88 -3.93
CA ASP B 72 34.48 -15.36 -4.50
C ASP B 72 34.51 -15.15 -6.01
N VAL B 73 33.34 -15.14 -6.65
CA VAL B 73 33.24 -14.96 -8.09
C VAL B 73 32.85 -13.52 -8.43
N PHE B 74 31.79 -13.01 -7.81
CA PHE B 74 31.28 -11.67 -8.10
C PHE B 74 31.91 -10.70 -7.10
N SER B 75 32.89 -9.94 -7.58
CA SER B 75 33.77 -9.16 -6.72
C SER B 75 33.24 -7.75 -6.51
N SER B 76 33.46 -7.24 -5.29
CA SER B 76 33.17 -5.85 -4.97
C SER B 76 34.39 -4.94 -5.18
N TYR B 77 35.59 -5.50 -5.18
CA TYR B 77 36.81 -4.70 -5.27
C TYR B 77 37.13 -4.31 -6.71
N GLU B 78 36.81 -5.17 -7.68
CA GLU B 78 37.30 -4.98 -9.04
C GLU B 78 36.80 -3.67 -9.64
N ASN B 79 35.51 -3.38 -9.51
CA ASN B 79 34.93 -2.18 -10.09
C ASN B 79 34.13 -1.36 -9.10
N GLY B 80 34.17 -1.71 -7.81
CA GLY B 80 33.31 -1.06 -6.85
C GLY B 80 31.88 -1.55 -6.98
N VAL B 81 31.01 -1.18 -6.03
CA VAL B 81 29.63 -1.64 -6.05
C VAL B 81 28.66 -0.56 -6.51
N ILE B 82 29.10 0.69 -6.62
CA ILE B 82 28.23 1.75 -7.13
C ILE B 82 28.16 1.63 -8.65
N PRO B 83 26.98 1.48 -9.23
CA PRO B 83 26.87 1.25 -10.67
C PRO B 83 26.73 2.50 -11.53
N ARG B 84 26.76 3.70 -10.95
CA ARG B 84 26.57 4.92 -11.73
C ARG B 84 27.25 6.09 -11.04
N PHE B 85 28.16 6.74 -11.76
CA PHE B 85 28.72 8.03 -11.39
C PHE B 85 28.39 9.03 -12.50
N LYS B 86 28.97 10.22 -12.39
CA LYS B 86 28.96 11.12 -13.54
C LYS B 86 29.74 10.49 -14.68
N ASN B 87 29.30 10.75 -15.92
CA ASN B 87 29.89 10.07 -17.06
C ASN B 87 31.38 10.40 -17.22
N ASP B 88 31.81 11.55 -16.71
CA ASP B 88 33.18 12.02 -16.89
C ASP B 88 34.09 11.68 -15.72
N ILE B 89 33.62 10.87 -14.76
CA ILE B 89 34.40 10.63 -13.55
C ILE B 89 35.70 9.91 -13.92
N ALA B 90 36.78 10.32 -13.26
CA ALA B 90 38.06 9.68 -13.49
C ALA B 90 38.08 8.28 -12.87
N ARG B 91 38.79 7.37 -13.52
CA ARG B 91 38.93 6.03 -12.99
C ARG B 91 39.57 6.04 -11.60
N GLU B 92 40.47 7.00 -11.36
CA GLU B 92 41.09 7.11 -10.04
C GLU B 92 40.07 7.46 -8.97
N ASP B 93 39.07 8.27 -9.32
CA ASP B 93 38.00 8.56 -8.38
C ASP B 93 37.16 7.34 -8.05
N ILE B 94 37.12 6.35 -8.95
CA ILE B 94 36.37 5.13 -8.69
C ILE B 94 37.18 4.16 -7.83
N GLU B 95 38.50 4.12 -8.02
CA GLU B 95 39.33 3.19 -7.28
C GLU B 95 39.62 3.67 -5.86
N VAL B 96 39.41 4.96 -5.57
CA VAL B 96 39.59 5.44 -4.21
C VAL B 96 38.50 4.90 -3.28
N GLN B 97 37.38 4.43 -3.85
CA GLN B 97 36.35 3.80 -3.04
C GLN B 97 36.77 2.43 -2.51
N ARG B 98 37.87 1.86 -3.03
CA ARG B 98 38.39 0.61 -2.52
C ARG B 98 38.94 0.72 -1.10
N PHE B 99 39.09 1.95 -0.59
CA PHE B 99 39.64 2.16 0.75
C PHE B 99 38.60 1.95 1.85
N VAL B 100 37.34 1.70 1.50
CA VAL B 100 36.31 1.38 2.49
C VAL B 100 35.90 -0.08 2.32
N MET B 101 35.38 -0.65 3.40
CA MET B 101 35.00 -2.07 3.42
C MET B 101 34.12 -2.45 2.24
N LEU B 102 33.16 -1.58 1.90
CA LEU B 102 32.11 -1.93 0.96
C LEU B 102 32.68 -2.37 -0.39
N ASN B 103 33.83 -1.85 -0.78
CA ASN B 103 34.44 -2.15 -2.07
C ASN B 103 35.72 -2.98 -1.91
N MET B 104 35.71 -3.93 -0.97
CA MET B 104 36.84 -4.84 -0.78
C MET B 104 36.37 -6.29 -0.86
N ASP B 105 37.30 -7.16 -1.19
CA ASP B 105 37.09 -8.60 -1.21
C ASP B 105 37.92 -9.25 -0.09
N ALA B 106 37.61 -10.52 0.16
CA ALA B 106 38.40 -11.28 1.11
C ALA B 106 39.83 -11.46 0.57
N PRO B 107 40.83 -11.55 1.46
CA PRO B 107 40.76 -11.53 2.93
C PRO B 107 40.74 -10.11 3.50
N HIS B 108 41.01 -9.10 2.68
CA HIS B 108 41.01 -7.71 3.15
C HIS B 108 39.68 -7.37 3.82
N HIS B 109 38.57 -7.64 3.14
CA HIS B 109 37.26 -7.35 3.72
C HIS B 109 37.00 -8.20 4.95
N THR B 110 37.40 -9.46 4.92
CA THR B 110 37.15 -10.35 6.06
C THR B 110 37.83 -9.84 7.32
N ARG B 111 39.02 -9.29 7.19
CA ARG B 111 39.74 -8.76 8.36
C ARG B 111 39.01 -7.56 8.95
N LEU B 112 38.66 -6.58 8.11
CA LEU B 112 38.01 -5.38 8.62
C LEU B 112 36.61 -5.67 9.11
N ARG B 113 35.86 -6.50 8.37
CA ARG B 113 34.50 -6.84 8.79
C ARG B 113 34.48 -7.47 10.17
N LYS B 114 35.48 -8.31 10.47
CA LYS B 114 35.57 -8.91 11.80
C LYS B 114 35.79 -7.85 12.87
N ILE B 115 36.64 -6.87 12.59
CA ILE B 115 36.96 -5.86 13.59
C ILE B 115 35.78 -4.93 13.83
N ILE B 116 35.15 -4.45 12.76
CA ILE B 116 34.11 -3.44 12.90
C ILE B 116 32.78 -4.04 13.38
N SER B 117 32.67 -5.37 13.42
CA SER B 117 31.52 -5.98 14.09
C SER B 117 31.47 -5.66 15.58
N ARG B 118 32.59 -5.20 16.16
CA ARG B 118 32.59 -4.81 17.57
C ARG B 118 31.63 -3.65 17.82
N GLY B 119 31.41 -2.80 16.82
CA GLY B 119 30.52 -1.67 16.96
C GLY B 119 29.07 -1.93 16.64
N PHE B 120 28.72 -3.16 16.25
CA PHE B 120 27.35 -3.48 15.86
C PHE B 120 26.81 -4.69 16.61
N THR B 121 27.37 -5.00 17.78
CA THR B 121 26.84 -6.07 18.61
C THR B 121 25.53 -5.61 19.26
N PRO B 122 24.72 -6.55 19.73
CA PRO B 122 23.51 -6.16 20.48
C PRO B 122 23.81 -5.21 21.63
N ARG B 123 24.94 -5.37 22.31
CA ARG B 123 25.30 -4.45 23.38
C ARG B 123 25.55 -3.04 22.84
N ALA B 124 26.23 -2.94 21.69
CA ALA B 124 26.50 -1.63 21.11
C ALA B 124 25.23 -1.00 20.53
N VAL B 125 24.43 -1.80 19.82
CA VAL B 125 23.21 -1.28 19.21
C VAL B 125 22.17 -0.98 20.28
N GLY B 126 21.88 -1.96 21.14
CA GLY B 126 20.83 -1.78 22.13
C GLY B 126 21.11 -0.68 23.13
N ARG B 127 22.39 -0.36 23.35
CA ARG B 127 22.73 0.71 24.27
C ARG B 127 22.31 2.08 23.75
N LEU B 128 22.08 2.21 22.44
CA LEU B 128 21.62 3.46 21.86
C LEU B 128 20.10 3.58 21.86
N HIS B 129 19.38 2.52 22.25
CA HIS B 129 17.92 2.53 22.17
C HIS B 129 17.32 3.65 23.02
N ASP B 130 17.80 3.81 24.25
CA ASP B 130 17.18 4.76 25.17
C ASP B 130 17.38 6.21 24.69
N GLU B 131 18.58 6.54 24.23
CA GLU B 131 18.81 7.91 23.76
C GLU B 131 18.11 8.16 22.44
N LEU B 132 18.08 7.15 21.55
CA LEU B 132 17.43 7.33 20.26
C LEU B 132 15.91 7.39 20.40
N GLN B 133 15.35 6.65 21.35
CA GLN B 133 13.93 6.77 21.63
C GLN B 133 13.58 8.17 22.12
N GLU B 134 14.40 8.72 23.01
CA GLU B 134 14.16 10.06 23.53
C GLU B 134 14.24 11.11 22.43
N ARG B 135 15.20 10.96 21.52
CA ARG B 135 15.32 11.90 20.41
C ARG B 135 14.17 11.76 19.42
N ALA B 136 13.77 10.51 19.12
CA ALA B 136 12.65 10.30 18.21
C ALA B 136 11.39 10.98 18.72
N GLN B 137 11.10 10.85 20.01
CA GLN B 137 9.94 11.52 20.58
C GLN B 137 10.08 13.03 20.52
N LYS B 138 11.28 13.54 20.79
CA LYS B 138 11.52 14.98 20.69
C LYS B 138 11.36 15.46 19.25
N ILE B 139 11.92 14.71 18.29
CA ILE B 139 11.78 15.06 16.88
C ILE B 139 10.31 15.11 16.49
N ALA B 140 9.57 14.06 16.86
CA ALA B 140 8.15 13.98 16.51
C ALA B 140 7.37 15.12 17.15
N ALA B 141 7.61 15.38 18.43
CA ALA B 141 6.91 16.46 19.12
C ALA B 141 7.17 17.80 18.45
N GLU B 142 8.43 18.06 18.08
CA GLU B 142 8.77 19.33 17.43
C GLU B 142 8.09 19.47 16.07
N ALA B 143 8.01 18.36 15.32
CA ALA B 143 7.31 18.40 14.04
C ALA B 143 5.82 18.67 14.25
N ALA B 144 5.22 18.02 15.25
CA ALA B 144 3.79 18.22 15.51
C ALA B 144 3.51 19.66 15.95
N ALA B 145 4.43 20.26 16.70
CA ALA B 145 4.24 21.65 17.11
C ALA B 145 4.36 22.60 15.93
N ALA B 146 5.13 22.22 14.91
CA ALA B 146 5.25 23.05 13.71
C ALA B 146 4.01 23.00 12.82
N GLY B 147 3.13 22.04 13.04
CA GLY B 147 1.91 21.94 12.24
C GLY B 147 2.07 21.32 10.87
N SER B 148 3.06 21.76 10.10
CA SER B 148 3.31 21.24 8.76
C SER B 148 4.74 21.60 8.37
N GLY B 149 5.17 21.04 7.24
CA GLY B 149 6.48 21.36 6.72
C GLY B 149 7.05 20.18 5.94
N ASP B 150 8.36 20.24 5.73
CA ASP B 150 9.07 19.22 4.96
C ASP B 150 9.31 18.00 5.84
N PHE B 151 8.56 16.92 5.57
CA PHE B 151 8.71 15.69 6.35
C PHE B 151 10.13 15.17 6.32
N VAL B 152 10.80 15.30 5.17
CA VAL B 152 12.16 14.78 5.04
C VAL B 152 13.09 15.45 6.04
N GLU B 153 13.06 16.79 6.07
CA GLU B 153 13.94 17.52 6.98
C GLU B 153 13.47 17.39 8.43
N GLN B 154 12.17 17.45 8.67
CA GLN B 154 11.64 17.58 10.02
C GLN B 154 11.50 16.25 10.76
N VAL B 155 11.45 15.12 10.05
CA VAL B 155 11.16 13.85 10.71
C VAL B 155 12.20 12.80 10.34
N SER B 156 12.57 12.74 9.06
CA SER B 156 13.37 11.63 8.56
C SER B 156 14.88 11.85 8.69
N CYS B 157 15.34 13.09 8.78
CA CYS B 157 16.77 13.37 8.61
CA CYS B 157 16.77 13.37 8.61
C CYS B 157 17.56 13.15 9.89
N GLU B 158 17.06 13.63 11.02
CA GLU B 158 17.90 13.74 12.22
C GLU B 158 18.24 12.37 12.81
N LEU B 159 17.23 11.54 13.08
CA LEU B 159 17.47 10.32 13.85
C LEU B 159 18.54 9.41 13.26
N PRO B 160 18.58 9.13 11.94
CA PRO B 160 19.70 8.32 11.43
C PRO B 160 21.06 8.94 11.69
N LEU B 161 21.16 10.27 11.60
CA LEU B 161 22.44 10.93 11.89
C LEU B 161 22.76 10.88 13.37
N GLN B 162 21.75 11.01 14.23
CA GLN B 162 21.99 10.87 15.66
C GLN B 162 22.38 9.45 16.03
N ALA B 163 21.85 8.46 15.30
CA ALA B 163 22.29 7.08 15.50
C ALA B 163 23.76 6.92 15.16
N ILE B 164 24.21 7.58 14.08
CA ILE B 164 25.63 7.59 13.75
C ILE B 164 26.44 8.24 14.86
N ALA B 165 26.00 9.42 15.29
CA ALA B 165 26.76 10.19 16.28
C ALA B 165 26.81 9.46 17.62
N GLY B 166 25.68 8.92 18.06
CA GLY B 166 25.67 8.18 19.32
C GLY B 166 26.53 6.94 19.27
N LEU B 167 26.48 6.22 18.16
CA LEU B 167 27.30 5.02 18.02
C LEU B 167 28.78 5.35 18.14
N LEU B 168 29.23 6.41 17.47
CA LEU B 168 30.63 6.82 17.50
C LEU B 168 30.99 7.66 18.71
N GLY B 169 30.04 7.96 19.58
CA GLY B 169 30.30 8.79 20.74
C GLY B 169 30.79 10.18 20.39
N VAL B 170 30.03 10.87 19.55
CA VAL B 170 30.41 12.20 19.06
C VAL B 170 29.84 13.25 20.00
N PRO B 171 30.66 14.18 20.51
CA PRO B 171 30.12 15.21 21.41
C PRO B 171 29.10 16.08 20.72
N GLN B 172 28.14 16.59 21.51
CA GLN B 172 27.01 17.33 20.96
C GLN B 172 27.45 18.56 20.19
N GLU B 173 28.58 19.16 20.56
CA GLU B 173 29.07 20.36 19.89
C GLU B 173 29.73 20.08 18.55
N ASP B 174 30.00 18.82 18.23
CA ASP B 174 30.56 18.44 16.94
C ASP B 174 29.55 17.79 16.00
N ARG B 175 28.34 17.52 16.47
CA ARG B 175 27.35 16.83 15.65
C ARG B 175 26.84 17.71 14.51
N GLY B 176 26.76 19.02 14.73
CA GLY B 176 26.31 19.91 13.67
C GLY B 176 27.20 19.84 12.45
N LYS B 177 28.51 19.98 12.63
CA LYS B 177 29.42 19.91 11.50
C LYS B 177 29.60 18.49 11.00
N LEU B 178 29.49 17.49 11.89
CA LEU B 178 29.53 16.10 11.44
C LEU B 178 28.35 15.77 10.54
N PHE B 179 27.16 16.24 10.92
CA PHE B 179 25.98 16.02 10.08
C PHE B 179 26.09 16.77 8.75
N HIS B 180 26.72 17.95 8.77
CA HIS B 180 26.85 18.74 7.56
C HIS B 180 27.72 18.02 6.53
N TRP B 181 28.90 17.55 6.94
CA TRP B 181 29.78 16.84 6.02
C TRP B 181 29.13 15.55 5.52
N SER B 182 28.43 14.84 6.39
CA SER B 182 27.79 13.58 5.99
C SER B 182 26.72 13.81 4.95
N ASN B 183 25.90 14.86 5.12
CA ASN B 183 24.85 15.14 4.15
C ASN B 183 25.41 15.58 2.81
N GLU B 184 26.58 16.20 2.80
CA GLU B 184 27.20 16.70 1.58
C GLU B 184 28.00 15.62 0.84
N MET B 185 27.89 14.36 1.24
CA MET B 185 28.66 13.30 0.61
C MET B 185 27.96 12.65 -0.57
N THR B 186 26.63 12.66 -0.59
CA THR B 186 25.86 12.06 -1.67
C THR B 186 24.85 13.07 -2.22
N GLY B 187 24.49 12.86 -3.48
CA GLY B 187 23.49 13.67 -4.14
C GLY B 187 24.01 14.75 -5.06
N ASN B 188 25.31 14.79 -5.33
CA ASN B 188 25.86 15.85 -6.17
C ASN B 188 25.49 15.68 -7.64
N GLU B 189 24.87 14.58 -8.02
CA GLU B 189 24.39 14.42 -9.39
C GLU B 189 23.03 15.08 -9.61
N ASP B 190 22.35 15.50 -8.55
CA ASP B 190 21.08 16.21 -8.54
C ASP B 190 21.33 17.72 -8.59
N PRO B 191 20.55 18.45 -9.39
CA PRO B 191 20.79 19.90 -9.51
C PRO B 191 20.77 20.65 -8.19
N GLU B 192 20.00 20.17 -7.20
CA GLU B 192 19.93 20.85 -5.91
C GLU B 192 21.27 20.84 -5.19
N TYR B 193 22.11 19.84 -5.45
CA TYR B 193 23.38 19.70 -4.75
C TYR B 193 24.57 19.68 -5.70
N ALA B 194 24.40 20.16 -6.93
CA ALA B 194 25.48 20.13 -7.91
C ALA B 194 26.66 21.00 -7.52
N HIS B 195 26.43 22.03 -6.70
CA HIS B 195 27.49 22.92 -6.25
C HIS B 195 28.34 22.32 -5.14
N ILE B 196 27.90 21.23 -4.54
CA ILE B 196 28.54 20.67 -3.35
C ILE B 196 29.80 19.91 -3.75
N ASP B 197 30.88 20.12 -2.99
CA ASP B 197 32.14 19.41 -3.18
C ASP B 197 32.19 18.24 -2.20
N PRO B 198 31.93 17.00 -2.63
CA PRO B 198 31.92 15.88 -1.68
C PRO B 198 33.32 15.43 -1.30
N LYS B 199 34.29 15.66 -2.18
CA LYS B 199 35.68 15.36 -1.84
C LYS B 199 36.13 16.16 -0.63
N ALA B 200 35.69 17.42 -0.53
CA ALA B 200 36.03 18.23 0.63
C ALA B 200 35.37 17.70 1.89
N SER B 201 34.11 17.28 1.79
CA SER B 201 33.41 16.76 2.96
C SER B 201 34.06 15.47 3.46
N SER B 202 34.43 14.58 2.54
CA SER B 202 35.12 13.35 2.94
C SER B 202 36.43 13.65 3.64
N ALA B 203 37.17 14.64 3.15
CA ALA B 203 38.42 15.04 3.81
C ALA B 203 38.14 15.58 5.21
N GLU B 204 37.03 16.30 5.38
CA GLU B 204 36.68 16.82 6.70
C GLU B 204 36.31 15.69 7.65
N LEU B 205 35.55 14.71 7.17
CA LEU B 205 35.16 13.58 8.02
C LEU B 205 36.36 12.72 8.38
N ILE B 206 37.25 12.47 7.41
CA ILE B 206 38.45 11.70 7.69
C ILE B 206 39.32 12.44 8.70
N GLY B 207 39.48 13.75 8.52
CA GLY B 207 40.30 14.52 9.45
C GLY B 207 39.74 14.49 10.87
N TYR B 208 38.43 14.72 11.00
CA TYR B 208 37.81 14.67 12.33
C TYR B 208 37.91 13.28 12.94
N ALA B 209 37.90 12.23 12.10
CA ALA B 209 37.98 10.87 12.62
C ALA B 209 39.37 10.57 13.18
N MET B 210 40.42 10.94 12.44
CA MET B 210 41.78 10.72 12.93
C MET B 210 42.01 11.47 14.24
N LYS B 211 41.45 12.68 14.36
CA LYS B 211 41.53 13.40 15.63
C LYS B 211 40.77 12.67 16.73
N MET B 212 39.69 11.97 16.38
CA MET B 212 38.94 11.23 17.38
C MET B 212 39.69 9.99 17.84
N ALA B 213 40.30 9.26 16.90
CA ALA B 213 41.04 8.06 17.26
C ALA B 213 42.27 8.40 18.10
N GLU B 214 42.93 9.52 17.79
CA GLU B 214 44.07 9.94 18.59
C GLU B 214 43.64 10.42 19.98
N GLU B 215 42.45 11.01 20.08
CA GLU B 215 41.95 11.44 21.39
C GLU B 215 41.60 10.25 22.27
N LYS B 216 40.94 9.25 21.69
CA LYS B 216 40.55 8.07 22.47
C LYS B 216 41.72 7.15 22.76
N ALA B 217 42.78 7.20 21.94
CA ALA B 217 43.96 6.40 22.22
C ALA B 217 44.64 6.86 23.49
N LYS B 218 44.65 8.17 23.75
CA LYS B 218 45.17 8.69 25.00
C LYS B 218 44.15 8.65 26.12
N ASN B 219 42.86 8.64 25.80
CA ASN B 219 41.78 8.59 26.80
C ASN B 219 40.83 7.45 26.45
N PRO B 220 41.21 6.20 26.74
CA PRO B 220 40.29 5.08 26.53
C PRO B 220 38.97 5.29 27.25
N ALA B 221 37.90 4.73 26.68
CA ALA B 221 36.57 4.85 27.24
C ALA B 221 35.89 3.49 27.10
N ASP B 222 34.55 3.49 27.11
CA ASP B 222 33.76 2.27 26.95
C ASP B 222 32.92 2.27 25.68
N ASP B 223 32.96 3.33 24.88
CA ASP B 223 32.21 3.37 23.63
C ASP B 223 32.88 2.44 22.61
N ILE B 224 32.42 2.50 21.36
CA ILE B 224 32.93 1.60 20.34
C ILE B 224 34.19 2.13 19.65
N VAL B 225 34.45 3.44 19.71
CA VAL B 225 35.63 4.00 19.06
C VAL B 225 36.90 3.40 19.66
N THR B 226 36.98 3.37 20.99
CA THR B 226 38.11 2.71 21.63
C THR B 226 38.16 1.24 21.27
N GLN B 227 36.99 0.57 21.24
CA GLN B 227 36.95 -0.86 20.94
C GLN B 227 37.54 -1.17 19.57
N LEU B 228 37.39 -0.27 18.60
CA LEU B 228 37.92 -0.55 17.26
C LEU B 228 39.42 -0.32 17.19
N ILE B 229 39.91 0.78 17.76
CA ILE B 229 41.34 1.09 17.72
C ILE B 229 42.15 0.29 18.71
N GLN B 230 41.50 -0.58 19.50
CA GLN B 230 42.18 -1.41 20.48
C GLN B 230 42.35 -2.82 19.93
N ALA B 231 43.49 -3.42 20.24
CA ALA B 231 43.78 -4.77 19.78
C ALA B 231 43.09 -5.80 20.66
N ASP B 232 42.55 -6.84 20.03
CA ASP B 232 41.95 -7.94 20.78
C ASP B 232 43.03 -8.89 21.27
N ILE B 233 42.66 -10.12 21.62
CA ILE B 233 43.64 -11.09 22.09
C ILE B 233 44.58 -11.49 20.97
N ASP B 234 44.06 -11.59 19.74
CA ASP B 234 44.90 -11.93 18.60
C ASP B 234 45.69 -10.75 18.06
N GLY B 235 45.44 -9.54 18.57
CA GLY B 235 46.22 -8.38 18.19
C GLY B 235 45.73 -7.62 16.98
N GLU B 236 44.46 -7.77 16.60
CA GLU B 236 43.91 -7.11 15.43
C GLU B 236 43.11 -5.88 15.86
N LYS B 237 43.35 -4.77 15.17
CA LYS B 237 42.71 -3.50 15.50
C LYS B 237 42.69 -2.63 14.25
N LEU B 238 41.92 -1.55 14.31
CA LEU B 238 41.88 -0.59 13.23
C LEU B 238 43.01 0.41 13.36
N SER B 239 43.75 0.62 12.28
CA SER B 239 44.70 1.71 12.24
C SER B 239 43.95 3.06 12.22
N ASP B 240 44.71 4.14 12.39
CA ASP B 240 44.08 5.45 12.41
C ASP B 240 43.45 5.78 11.06
N ASP B 241 44.10 5.38 9.97
CA ASP B 241 43.50 5.58 8.65
C ASP B 241 42.27 4.71 8.46
N GLU B 242 42.36 3.43 8.87
CA GLU B 242 41.23 2.53 8.72
C GLU B 242 40.02 3.00 9.53
N PHE B 243 40.26 3.63 10.68
CA PHE B 243 39.15 4.20 11.44
C PHE B 243 38.53 5.37 10.72
N GLY B 244 39.36 6.20 10.08
CA GLY B 244 38.82 7.31 9.30
C GLY B 244 37.99 6.83 8.13
N PHE B 245 38.48 5.82 7.40
CA PHE B 245 37.72 5.28 6.28
C PHE B 245 36.48 4.53 6.74
N PHE B 246 36.46 4.03 7.99
CA PHE B 246 35.24 3.49 8.54
C PHE B 246 34.24 4.59 8.86
N VAL B 247 34.72 5.76 9.29
CA VAL B 247 33.84 6.85 9.68
C VAL B 247 33.17 7.46 8.44
N VAL B 248 33.96 7.70 7.39
CA VAL B 248 33.37 8.28 6.18
C VAL B 248 32.38 7.30 5.55
N MET B 249 32.70 6.00 5.57
CA MET B 249 31.74 5.01 5.09
C MET B 249 30.50 4.99 5.96
N LEU B 250 30.66 5.11 7.27
CA LEU B 250 29.50 5.17 8.16
C LEU B 250 28.68 6.44 7.92
N ALA B 251 29.34 7.54 7.56
CA ALA B 251 28.63 8.79 7.31
C ALA B 251 27.72 8.69 6.11
N VAL B 252 27.98 7.78 5.18
CA VAL B 252 27.14 7.58 4.01
C VAL B 252 26.23 6.38 4.16
N ALA B 253 26.74 5.29 4.75
CA ALA B 253 25.99 4.05 4.84
C ALA B 253 24.73 4.21 5.68
N GLY B 254 24.86 4.84 6.85
CA GLY B 254 23.76 4.96 7.77
C GLY B 254 22.97 6.25 7.69
N ASN B 255 23.21 7.09 6.68
CA ASN B 255 22.55 8.38 6.60
C ASN B 255 21.31 8.33 5.70
N GLU B 256 21.50 8.49 4.40
CA GLU B 256 20.36 8.60 3.49
C GLU B 256 19.63 7.28 3.31
N THR B 257 20.25 6.16 3.65
CA THR B 257 19.56 4.86 3.54
C THR B 257 18.40 4.79 4.51
N THR B 258 18.67 4.94 5.80
CA THR B 258 17.60 4.91 6.79
C THR B 258 16.64 6.08 6.61
N ARG B 259 17.17 7.26 6.26
CA ARG B 259 16.32 8.43 6.05
C ARG B 259 15.25 8.16 5.01
N ASN B 260 15.64 7.54 3.89
CA ASN B 260 14.70 7.29 2.81
C ASN B 260 13.75 6.13 3.13
N SER B 261 14.14 5.21 4.00
CA SER B 261 13.20 4.21 4.49
C SER B 261 12.10 4.86 5.32
N ILE B 262 12.44 5.90 6.07
CA ILE B 262 11.43 6.59 6.88
C ILE B 262 10.49 7.38 5.99
N THR B 263 11.03 8.15 5.04
CA THR B 263 10.20 8.98 4.18
C THR B 263 9.26 8.12 3.33
N GLN B 264 9.81 7.09 2.68
CA GLN B 264 9.00 6.27 1.80
C GLN B 264 8.14 5.26 2.55
N GLY B 265 8.50 4.92 3.80
CA GLY B 265 7.59 4.17 4.64
C GLY B 265 6.36 4.97 5.02
N MET B 266 6.55 6.26 5.31
CA MET B 266 5.42 7.12 5.60
C MET B 266 4.58 7.38 4.35
N MET B 267 5.23 7.52 3.19
CA MET B 267 4.47 7.60 1.95
C MET B 267 3.63 6.36 1.72
N ALA B 268 4.17 5.19 2.08
CA ALA B 268 3.39 3.96 1.98
C ALA B 268 2.19 3.99 2.92
N PHE B 269 2.39 4.46 4.15
CA PHE B 269 1.29 4.54 5.11
C PHE B 269 0.23 5.52 4.63
N ALA B 270 0.64 6.66 4.08
CA ALA B 270 -0.31 7.62 3.55
C ALA B 270 -1.10 7.04 2.38
N GLU B 271 -0.47 6.17 1.59
CA GLU B 271 -1.15 5.54 0.47
C GLU B 271 -2.05 4.39 0.91
N HIS B 272 -1.74 3.76 2.04
CA HIS B 272 -2.51 2.63 2.56
C HIS B 272 -2.95 2.96 3.99
N PRO B 273 -4.00 3.77 4.14
CA PRO B 273 -4.42 4.18 5.49
C PRO B 273 -4.85 3.01 6.37
N ASP B 274 -5.33 1.93 5.77
CA ASP B 274 -5.66 0.74 6.55
C ASP B 274 -4.44 0.21 7.29
N GLN B 275 -3.28 0.20 6.62
CA GLN B 275 -2.05 -0.23 7.27
C GLN B 275 -1.60 0.77 8.33
N TRP B 276 -1.84 2.06 8.11
CA TRP B 276 -1.47 3.06 9.11
C TRP B 276 -2.34 2.93 10.35
N GLU B 277 -3.64 2.68 10.18
CA GLU B 277 -4.51 2.44 11.32
C GLU B 277 -4.07 1.19 12.08
N LEU B 278 -3.71 0.14 11.35
CA LEU B 278 -3.26 -1.09 12.00
C LEU B 278 -1.95 -0.88 12.73
N TYR B 279 -1.04 -0.08 12.15
CA TYR B 279 0.24 0.16 12.82
C TYR B 279 0.05 0.92 14.12
N LYS B 280 -0.74 2.00 14.09
CA LYS B 280 -0.94 2.82 15.28
C LYS B 280 -1.45 2.00 16.46
N LYS B 281 -2.28 0.99 16.19
CA LYS B 281 -2.83 0.15 17.24
C LYS B 281 -1.81 -0.84 17.76
N VAL B 282 -1.16 -1.58 16.86
CA VAL B 282 -0.42 -2.79 17.23
C VAL B 282 1.08 -2.51 17.32
N ARG B 283 1.58 -1.60 16.50
CA ARG B 283 3.02 -1.35 16.38
C ARG B 283 3.78 -2.65 16.11
N PRO B 284 3.44 -3.37 15.04
CA PRO B 284 4.04 -4.70 14.84
C PRO B 284 5.53 -4.60 14.56
N GLU B 285 6.29 -5.54 15.12
CA GLU B 285 7.73 -5.56 14.92
C GLU B 285 8.12 -5.99 13.52
N THR B 286 7.17 -6.47 12.71
CA THR B 286 7.42 -6.80 11.32
C THR B 286 7.31 -5.60 10.40
N ALA B 287 6.90 -4.44 10.92
CA ALA B 287 6.66 -3.27 10.08
C ALA B 287 7.96 -2.75 9.46
N ALA B 288 9.05 -2.78 10.22
CA ALA B 288 10.30 -2.20 9.74
C ALA B 288 10.79 -2.88 8.47
N ASP B 289 10.70 -4.22 8.41
CA ASP B 289 11.21 -4.93 7.25
C ASP B 289 10.34 -4.69 6.02
N GLU B 290 9.01 -4.60 6.21
CA GLU B 290 8.16 -4.24 5.08
C GLU B 290 8.39 -2.81 4.62
N ILE B 291 8.70 -1.91 5.56
CA ILE B 291 9.05 -0.55 5.17
C ILE B 291 10.34 -0.54 4.36
N VAL B 292 11.32 -1.35 4.76
CA VAL B 292 12.57 -1.42 4.01
C VAL B 292 12.34 -2.06 2.65
N ARG B 293 11.52 -3.11 2.59
CA ARG B 293 11.19 -3.72 1.31
C ARG B 293 10.50 -2.72 0.39
N TRP B 294 9.51 -2.00 0.92
CA TRP B 294 8.78 -1.02 0.12
C TRP B 294 9.68 0.14 -0.30
N ALA B 295 10.54 0.60 0.62
CA ALA B 295 11.35 1.78 0.33
C ALA B 295 12.53 1.46 -0.58
N THR B 296 13.20 0.32 -0.34
CA THR B 296 14.43 -0.09 -1.02
C THR B 296 15.33 1.13 -1.24
N PRO B 297 15.90 1.68 -0.17
CA PRO B 297 16.66 2.94 -0.32
C PRO B 297 17.84 2.82 -1.27
N VAL B 298 18.49 1.66 -1.31
CA VAL B 298 19.54 1.40 -2.30
C VAL B 298 18.89 0.66 -3.46
N THR B 299 18.76 1.36 -4.59
CA THR B 299 18.12 0.75 -5.76
C THR B 299 18.96 -0.38 -6.32
N ALA B 300 20.28 -0.22 -6.39
CA ALA B 300 21.12 -1.23 -7.01
C ALA B 300 22.56 -1.11 -6.54
N PHE B 301 23.21 -2.25 -6.36
CA PHE B 301 24.65 -2.36 -6.22
C PHE B 301 25.15 -3.36 -7.25
N GLN B 302 26.42 -3.22 -7.64
CA GLN B 302 26.98 -4.03 -8.70
C GLN B 302 28.11 -4.92 -8.19
N ARG B 303 28.48 -5.88 -9.02
CA ARG B 303 29.63 -6.76 -8.79
C ARG B 303 30.31 -7.01 -10.12
N THR B 304 31.53 -7.55 -10.06
CA THR B 304 32.31 -7.86 -11.25
C THR B 304 32.70 -9.33 -11.23
N ALA B 305 32.39 -10.05 -12.31
CA ALA B 305 32.70 -11.47 -12.39
C ALA B 305 34.20 -11.66 -12.55
N LEU B 306 34.81 -12.35 -11.58
CA LEU B 306 36.24 -12.68 -11.66
C LEU B 306 36.50 -13.89 -12.54
N ARG B 307 35.46 -14.62 -12.95
CA ARG B 307 35.62 -15.75 -13.85
C ARG B 307 34.29 -15.99 -14.53
N ASP B 308 34.33 -16.81 -15.59
CA ASP B 308 33.11 -17.19 -16.28
C ASP B 308 32.14 -17.88 -15.32
N TYR B 309 30.87 -17.48 -15.38
CA TYR B 309 29.87 -17.99 -14.45
C TYR B 309 28.53 -18.02 -15.15
N GLU B 310 27.89 -19.18 -15.12
CA GLU B 310 26.54 -19.34 -15.70
C GLU B 310 25.52 -19.09 -14.60
N LEU B 311 24.74 -18.03 -14.74
CA LEU B 311 23.75 -17.63 -13.75
C LEU B 311 22.38 -17.72 -14.39
N SER B 312 21.58 -18.69 -13.93
CA SER B 312 20.23 -18.92 -14.45
C SER B 312 20.23 -19.04 -15.97
N GLY B 313 21.13 -19.88 -16.48
CA GLY B 313 21.20 -20.13 -17.91
C GLY B 313 21.82 -19.04 -18.74
N VAL B 314 22.33 -17.99 -18.13
CA VAL B 314 22.99 -16.89 -18.85
C VAL B 314 24.47 -16.90 -18.48
N GLN B 315 25.33 -16.90 -19.50
CA GLN B 315 26.77 -16.96 -19.28
C GLN B 315 27.29 -15.56 -18.95
N ILE B 316 27.77 -15.38 -17.73
CA ILE B 316 28.43 -14.14 -17.33
C ILE B 316 29.93 -14.33 -17.58
N LYS B 317 30.52 -13.41 -18.33
CA LYS B 317 31.92 -13.55 -18.71
C LYS B 317 32.81 -12.80 -17.74
N LYS B 318 34.03 -13.34 -17.57
CA LYS B 318 35.01 -12.75 -16.67
C LYS B 318 35.24 -11.28 -17.00
N GLY B 319 35.21 -10.43 -15.98
CA GLY B 319 35.38 -9.01 -16.15
C GLY B 319 34.11 -8.24 -16.41
N GLN B 320 33.00 -8.92 -16.68
CA GLN B 320 31.73 -8.23 -16.92
C GLN B 320 31.09 -7.82 -15.60
N ARG B 321 30.29 -6.76 -15.66
CA ARG B 321 29.59 -6.24 -14.48
C ARG B 321 28.16 -6.78 -14.45
N VAL B 322 27.72 -7.14 -13.25
CA VAL B 322 26.32 -7.44 -12.99
C VAL B 322 25.80 -6.41 -12.00
N VAL B 323 24.57 -5.94 -12.22
CA VAL B 323 23.96 -4.92 -11.37
C VAL B 323 22.71 -5.52 -10.75
N MET B 324 22.77 -5.77 -9.44
CA MET B 324 21.64 -6.31 -8.70
C MET B 324 20.65 -5.19 -8.43
N PHE B 325 19.47 -5.29 -9.04
CA PHE B 325 18.43 -4.27 -8.86
C PHE B 325 17.53 -4.72 -7.72
N TYR B 326 17.90 -4.31 -6.50
CA TYR B 326 17.11 -4.65 -5.32
C TYR B 326 15.69 -4.16 -5.45
N ARG B 327 15.48 -3.03 -6.13
CA ARG B 327 14.12 -2.50 -6.30
C ARG B 327 13.25 -3.48 -7.08
N SER B 328 13.83 -4.17 -8.07
CA SER B 328 13.07 -5.19 -8.79
C SER B 328 12.95 -6.47 -7.97
N ALA B 329 14.03 -6.89 -7.32
CA ALA B 329 14.02 -8.15 -6.58
C ALA B 329 13.03 -8.12 -5.42
N ASN B 330 12.85 -6.95 -4.79
CA ASN B 330 11.95 -6.85 -3.64
C ASN B 330 10.49 -6.88 -4.02
N PHE B 331 10.17 -6.92 -5.32
CA PHE B 331 8.79 -7.10 -5.78
C PHE B 331 8.69 -8.31 -6.72
N ASP B 332 9.63 -9.24 -6.59
CA ASP B 332 9.60 -10.48 -7.36
C ASP B 332 8.31 -11.24 -7.09
N GLU B 333 7.53 -11.46 -8.15
CA GLU B 333 6.21 -12.08 -7.99
C GLU B 333 6.30 -13.55 -7.59
N GLU B 334 7.45 -14.19 -7.75
CA GLU B 334 7.61 -15.59 -7.40
C GLU B 334 8.08 -15.79 -5.97
N VAL B 335 8.56 -14.75 -5.30
CA VAL B 335 9.02 -14.84 -3.92
C VAL B 335 7.97 -14.30 -2.95
N PHE B 336 7.42 -13.12 -3.25
N PHE B 336 7.37 -13.16 -3.30
CA PHE B 336 6.50 -12.45 -2.35
CA PHE B 336 6.23 -12.61 -2.58
C PHE B 336 5.06 -12.66 -2.80
C PHE B 336 4.99 -12.83 -3.42
N GLN B 337 4.19 -12.97 -1.85
N GLN B 337 3.97 -13.47 -2.84
CA GLN B 337 2.76 -13.07 -2.13
CA GLN B 337 2.76 -13.79 -3.59
C GLN B 337 2.19 -11.66 -2.16
C GLN B 337 1.96 -12.55 -3.96
N ASP B 338 1.55 -11.31 -3.28
N ASP B 338 2.03 -11.50 -3.13
CA ASP B 338 1.07 -9.96 -3.55
CA ASP B 338 1.32 -10.25 -3.37
C ASP B 338 2.19 -8.95 -3.32
C ASP B 338 2.30 -9.10 -3.21
N PRO B 339 3.22 -8.94 -4.16
CA PRO B 339 4.35 -8.01 -3.93
C PRO B 339 3.95 -6.55 -3.92
N PHE B 340 2.87 -6.18 -4.61
CA PHE B 340 2.45 -4.79 -4.68
C PHE B 340 1.49 -4.42 -3.55
N THR B 341 1.27 -5.33 -2.60
CA THR B 341 0.52 -5.01 -1.39
C THR B 341 1.49 -4.61 -0.28
N PHE B 342 1.25 -3.44 0.31
CA PHE B 342 2.02 -3.00 1.47
C PHE B 342 1.40 -3.63 2.71
N ASN B 343 2.10 -4.59 3.31
CA ASN B 343 1.58 -5.38 4.42
C ASN B 343 2.62 -5.39 5.55
N ILE B 344 2.39 -4.56 6.57
CA ILE B 344 3.32 -4.48 7.69
C ILE B 344 3.34 -5.73 8.55
N LEU B 345 2.44 -6.69 8.30
CA LEU B 345 2.44 -7.96 8.99
C LEU B 345 3.15 -9.06 8.20
N ARG B 346 3.71 -8.73 7.03
CA ARG B 346 4.36 -9.72 6.19
C ARG B 346 5.45 -10.47 6.96
N ASN B 347 5.31 -11.79 7.00
CA ASN B 347 6.25 -12.63 7.74
C ASN B 347 6.19 -14.06 7.23
N PRO B 348 7.31 -14.64 6.80
CA PRO B 348 8.66 -14.05 6.73
C PRO B 348 8.73 -12.98 5.63
N ASN B 349 9.80 -12.19 5.62
CA ASN B 349 9.98 -11.12 4.64
C ASN B 349 11.39 -11.24 4.08
N PRO B 350 11.58 -12.08 3.05
CA PRO B 350 12.94 -12.33 2.54
C PRO B 350 13.43 -11.26 1.59
N HIS B 351 13.11 -10.01 1.88
CA HIS B 351 13.52 -8.90 1.02
C HIS B 351 15.03 -8.73 1.04
N VAL B 352 15.54 -8.05 0.02
CA VAL B 352 16.98 -7.82 -0.11
C VAL B 352 17.27 -6.33 -0.01
N GLY B 353 16.41 -5.59 0.70
CA GLY B 353 16.67 -4.19 0.94
C GLY B 353 18.01 -3.94 1.61
N PHE B 354 18.43 -4.86 2.47
CA PHE B 354 19.77 -4.83 3.06
C PHE B 354 20.77 -5.63 2.23
N GLY B 355 20.45 -5.90 0.97
CA GLY B 355 21.28 -6.75 0.15
C GLY B 355 20.97 -8.22 0.34
N GLY B 356 21.56 -9.04 -0.53
CA GLY B 356 21.43 -10.47 -0.38
C GLY B 356 22.32 -11.01 0.73
N THR B 357 21.96 -12.20 1.22
CA THR B 357 22.77 -12.85 2.24
C THR B 357 24.16 -13.14 1.71
N GLY B 358 25.17 -12.66 2.42
CA GLY B 358 26.54 -12.85 1.98
C GLY B 358 27.51 -12.10 2.87
N ALA B 359 28.73 -11.97 2.36
CA ALA B 359 29.80 -11.36 3.14
C ALA B 359 29.56 -9.87 3.37
N HIS B 360 28.86 -9.20 2.45
CA HIS B 360 28.69 -7.75 2.51
C HIS B 360 27.33 -7.34 3.06
N TYR B 361 26.56 -8.28 3.61
CA TYR B 361 25.25 -7.97 4.16
C TYR B 361 25.35 -6.81 5.16
N CYS B 362 24.37 -5.90 5.10
CA CYS B 362 24.43 -4.65 5.86
C CYS B 362 24.63 -4.90 7.34
N ILE B 363 25.81 -4.49 7.86
CA ILE B 363 26.12 -4.67 9.26
C ILE B 363 25.30 -3.77 10.17
N GLY B 364 24.62 -2.75 9.60
CA GLY B 364 23.80 -1.87 10.39
C GLY B 364 22.31 -2.11 10.24
N ALA B 365 21.96 -3.29 9.72
CA ALA B 365 20.56 -3.60 9.46
C ALA B 365 19.73 -3.55 10.74
N ASN B 366 20.28 -4.04 11.86
CA ASN B 366 19.55 -4.01 13.12
C ASN B 366 19.44 -2.59 13.66
N LEU B 367 20.52 -1.81 13.57
CA LEU B 367 20.45 -0.40 13.94
C LEU B 367 19.43 0.34 13.08
N ALA B 368 19.37 0.00 11.79
CA ALA B 368 18.39 0.60 10.90
C ALA B 368 16.96 0.29 11.35
N ARG B 369 16.69 -1.00 11.61
CA ARG B 369 15.35 -1.39 12.06
C ARG B 369 14.98 -0.70 13.35
N MET B 370 15.90 -0.63 14.31
CA MET B 370 15.62 0.05 15.57
C MET B 370 15.34 1.53 15.34
N THR B 371 16.11 2.16 14.44
CA THR B 371 15.84 3.56 14.10
C THR B 371 14.45 3.71 13.48
N ILE B 372 14.11 2.81 12.55
CA ILE B 372 12.81 2.89 11.89
C ILE B 372 11.68 2.71 12.90
N ASN B 373 11.81 1.70 13.76
CA ASN B 373 10.77 1.45 14.77
C ASN B 373 10.57 2.64 15.68
N LEU B 374 11.66 3.27 16.13
CA LEU B 374 11.56 4.36 17.08
C LEU B 374 10.90 5.58 16.46
N ILE B 375 11.21 5.89 15.20
CA ILE B 375 10.69 7.11 14.60
C ILE B 375 9.20 6.94 14.25
N PHE B 376 8.79 5.74 13.84
CA PHE B 376 7.39 5.55 13.48
C PHE B 376 6.50 5.38 14.71
N ASN B 377 7.04 4.81 15.79
CA ASN B 377 6.32 4.84 17.06
C ASN B 377 6.13 6.27 17.54
N ALA B 378 7.15 7.12 17.34
CA ALA B 378 7.04 8.52 17.75
C ALA B 378 6.07 9.28 16.86
N VAL B 379 6.03 8.96 15.56
CA VAL B 379 5.07 9.60 14.68
C VAL B 379 3.64 9.21 15.05
N ALA B 380 3.42 7.92 15.32
CA ALA B 380 2.09 7.48 15.74
C ALA B 380 1.67 8.10 17.07
N ASP B 381 2.63 8.40 17.93
CA ASP B 381 2.31 8.98 19.24
C ASP B 381 1.96 10.46 19.12
N HIS B 382 2.61 11.19 18.22
CA HIS B 382 2.52 12.64 18.21
C HIS B 382 1.72 13.22 17.05
N MET B 383 1.69 12.58 15.89
CA MET B 383 0.87 13.04 14.76
C MET B 383 0.18 11.85 14.10
N PRO B 384 -0.76 11.21 14.80
CA PRO B 384 -1.43 10.05 14.23
C PRO B 384 -2.26 10.35 13.00
N ASP B 385 -2.65 11.62 12.79
CA ASP B 385 -3.54 12.01 11.71
C ASP B 385 -2.83 12.76 10.59
N LEU B 386 -1.51 12.63 10.50
CA LEU B 386 -0.76 13.37 9.50
C LEU B 386 -1.16 12.96 8.09
N LYS B 387 -1.16 13.93 7.18
CA LYS B 387 -1.56 13.74 5.79
C LYS B 387 -0.62 14.50 4.89
N PRO B 388 -0.28 13.97 3.71
CA PRO B 388 0.59 14.71 2.80
C PRO B 388 -0.12 15.89 2.18
N ILE B 389 0.65 16.93 1.88
CA ILE B 389 0.14 18.13 1.22
C ILE B 389 0.37 18.09 -0.28
N SER B 390 1.59 17.71 -0.70
CA SER B 390 1.95 17.73 -2.10
C SER B 390 2.84 16.53 -2.41
N ALA B 391 3.12 16.34 -3.70
CA ALA B 391 3.89 15.20 -4.14
C ALA B 391 5.34 15.31 -3.66
N PRO B 392 5.97 14.17 -3.38
CA PRO B 392 7.39 14.20 -3.02
C PRO B 392 8.27 14.54 -4.22
N GLU B 393 9.45 15.09 -3.92
CA GLU B 393 10.43 15.49 -4.94
C GLU B 393 11.53 14.44 -4.88
N ARG B 394 11.70 13.69 -5.97
CA ARG B 394 12.65 12.58 -5.98
C ARG B 394 14.08 13.09 -6.24
N LEU B 395 15.04 12.25 -5.89
CA LEU B 395 16.46 12.56 -6.03
C LEU B 395 16.99 11.99 -7.34
N ARG B 396 17.74 12.79 -8.09
CA ARG B 396 18.36 12.33 -9.33
C ARG B 396 19.60 11.53 -8.96
N SER B 397 19.50 10.21 -9.06
CA SER B 397 20.60 9.33 -8.71
C SER B 397 20.39 7.99 -9.42
N GLY B 398 21.48 7.42 -9.93
CA GLY B 398 21.40 6.15 -10.62
C GLY B 398 21.38 4.92 -9.75
N TRP B 399 21.55 5.09 -8.44
CA TRP B 399 21.60 3.95 -7.52
C TRP B 399 20.94 4.21 -6.17
N LEU B 400 20.88 5.45 -5.69
CA LEU B 400 20.16 5.78 -4.47
C LEU B 400 18.73 6.15 -4.81
N ASN B 401 17.78 5.58 -4.05
CA ASN B 401 16.37 5.90 -4.20
C ASN B 401 16.03 6.92 -3.12
N GLY B 402 16.06 8.20 -3.48
CA GLY B 402 15.99 9.28 -2.51
C GLY B 402 14.77 10.16 -2.71
N ILE B 403 14.25 10.65 -1.58
CA ILE B 403 13.22 11.67 -1.56
C ILE B 403 13.84 12.92 -0.94
N LYS B 404 13.97 13.98 -1.74
CA LYS B 404 14.60 15.20 -1.23
C LYS B 404 13.66 15.97 -0.31
N HIS B 405 12.40 16.14 -0.71
CA HIS B 405 11.46 16.93 0.06
C HIS B 405 10.06 16.35 -0.09
N TRP B 406 9.25 16.53 0.95
CA TRP B 406 7.87 16.04 0.96
C TRP B 406 7.08 16.86 1.96
N GLN B 407 6.16 17.68 1.47
CA GLN B 407 5.38 18.56 2.33
C GLN B 407 4.20 17.79 2.92
N VAL B 408 4.10 17.82 4.26
CA VAL B 408 3.11 17.02 4.99
C VAL B 408 2.44 17.92 6.02
N ASP B 409 1.13 17.74 6.18
CA ASP B 409 0.36 18.39 7.24
C ASP B 409 0.26 17.42 8.41
N TYR B 410 0.90 17.77 9.54
CA TYR B 410 0.98 16.86 10.67
C TYR B 410 -0.31 16.84 11.49
N THR B 411 -1.08 17.92 11.48
CA THR B 411 -2.28 17.98 12.30
C THR B 411 -3.46 17.28 11.63
N GLY B 412 -3.51 17.28 10.30
CA GLY B 412 -4.65 16.73 9.59
C GLY B 412 -5.76 17.74 9.41
N SER C 4 -3.89 -11.58 -19.57
CA SER C 4 -4.10 -10.34 -18.83
C SER C 4 -2.78 -9.57 -18.70
N PRO C 5 -2.84 -8.25 -18.87
CA PRO C 5 -1.59 -7.47 -18.91
C PRO C 5 -0.88 -7.44 -17.57
N ASN C 6 0.45 -7.35 -17.64
CA ASN C 6 1.31 -7.37 -16.46
C ASN C 6 1.28 -5.99 -15.80
N LEU C 7 0.19 -5.72 -15.09
CA LEU C 7 -0.01 -4.48 -14.38
C LEU C 7 -0.25 -4.75 -12.90
N PRO C 8 0.09 -3.80 -12.03
CA PRO C 8 -0.21 -3.98 -10.62
C PRO C 8 -1.71 -4.02 -10.39
N PRO C 9 -2.17 -4.74 -9.37
CA PRO C 9 -3.62 -4.82 -9.13
C PRO C 9 -4.22 -3.47 -8.81
N GLY C 10 -5.38 -3.21 -9.39
CA GLY C 10 -6.10 -1.96 -9.15
C GLY C 10 -5.59 -0.76 -9.92
N PHE C 11 -4.77 -0.95 -10.93
CA PHE C 11 -4.22 0.17 -11.69
C PHE C 11 -5.32 0.91 -12.43
N ASP C 12 -5.30 2.23 -12.34
CA ASP C 12 -6.27 3.09 -13.01
C ASP C 12 -5.51 4.09 -13.86
N PHE C 13 -5.66 4.00 -15.18
CA PHE C 13 -4.94 4.86 -16.10
C PHE C 13 -5.43 6.30 -16.08
N THR C 14 -6.49 6.60 -15.33
CA THR C 14 -6.97 7.97 -15.17
C THR C 14 -6.64 8.53 -13.78
N ASP C 15 -5.86 7.81 -12.99
CA ASP C 15 -5.50 8.24 -11.65
C ASP C 15 -4.64 9.50 -11.69
N PRO C 16 -5.11 10.64 -11.18
CA PRO C 16 -4.28 11.85 -11.21
C PRO C 16 -2.98 11.72 -10.42
N ALA C 17 -2.91 10.79 -9.48
CA ALA C 17 -1.66 10.61 -8.72
C ALA C 17 -0.54 10.11 -9.61
N ILE C 18 -0.87 9.32 -10.64
CA ILE C 18 0.16 8.85 -11.58
C ILE C 18 0.76 10.03 -12.32
N TYR C 19 -0.09 10.87 -12.92
CA TYR C 19 0.37 11.94 -13.80
C TYR C 19 1.03 13.07 -13.02
N ALA C 20 0.75 13.20 -11.72
CA ALA C 20 1.48 14.14 -10.90
C ALA C 20 2.96 13.78 -10.81
N GLU C 21 3.31 12.52 -11.03
CA GLU C 21 4.69 12.05 -10.98
C GLU C 21 5.26 11.71 -12.34
N ARG C 22 4.51 11.02 -13.20
CA ARG C 22 5.07 10.50 -14.43
C ARG C 22 3.96 10.25 -15.43
N LEU C 23 4.35 10.15 -16.70
CA LEU C 23 3.47 9.60 -17.72
C LEU C 23 3.68 8.09 -17.78
N PRO C 24 2.62 7.29 -17.63
CA PRO C 24 2.80 5.82 -17.57
C PRO C 24 3.11 5.20 -18.93
N VAL C 25 4.31 5.52 -19.44
CA VAL C 25 4.69 5.07 -20.78
C VAL C 25 4.75 3.54 -20.83
N ALA C 26 5.47 2.94 -19.90
CA ALA C 26 5.65 1.48 -19.92
C ALA C 26 4.32 0.77 -19.73
N GLU C 27 3.45 1.29 -18.86
CA GLU C 27 2.14 0.67 -18.65
C GLU C 27 1.28 0.75 -19.90
N PHE C 28 1.31 1.90 -20.59
CA PHE C 28 0.64 2.01 -21.88
C PHE C 28 1.20 1.00 -22.88
N ALA C 29 2.53 0.86 -22.91
CA ALA C 29 3.15 -0.09 -23.83
C ALA C 29 2.80 -1.52 -23.49
N GLU C 30 2.58 -1.83 -22.21
CA GLU C 30 2.19 -3.18 -21.83
C GLU C 30 0.77 -3.48 -22.29
N LEU C 31 -0.13 -2.49 -22.23
CA LEU C 31 -1.47 -2.68 -22.74
C LEU C 31 -1.45 -2.92 -24.25
N ARG C 32 -0.71 -2.09 -24.99
CA ARG C 32 -0.64 -2.25 -26.44
C ARG C 32 -0.14 -3.64 -26.82
N SER C 33 0.76 -4.21 -26.02
CA SER C 33 1.33 -5.51 -26.36
C SER C 33 0.43 -6.66 -25.90
N ALA C 34 -0.18 -6.54 -24.72
CA ALA C 34 -0.90 -7.65 -24.10
C ALA C 34 -2.41 -7.56 -24.24
N ALA C 35 -2.98 -6.36 -24.11
CA ALA C 35 -4.44 -6.18 -24.20
C ALA C 35 -4.72 -4.80 -24.74
N PRO C 36 -4.71 -4.64 -26.07
CA PRO C 36 -4.91 -3.30 -26.66
C PRO C 36 -6.23 -2.67 -26.27
N ILE C 37 -7.22 -3.46 -25.90
CA ILE C 37 -8.48 -2.98 -25.34
C ILE C 37 -8.68 -3.70 -24.02
N TRP C 38 -8.55 -2.97 -22.92
CA TRP C 38 -8.52 -3.58 -21.60
C TRP C 38 -9.51 -2.86 -20.69
N TRP C 39 -10.37 -3.64 -20.04
CA TRP C 39 -11.34 -3.06 -19.13
C TRP C 39 -10.65 -2.51 -17.90
N ASN C 40 -10.72 -1.19 -17.73
CA ASN C 40 -10.11 -0.51 -16.59
C ASN C 40 -11.17 -0.38 -15.49
N GLY C 41 -11.14 -1.30 -14.54
CA GLY C 41 -12.12 -1.30 -13.47
C GLY C 41 -11.80 -0.25 -12.40
N GLN C 42 -12.85 0.41 -11.91
CA GLN C 42 -12.72 1.46 -10.92
C GLN C 42 -13.59 1.12 -9.70
N ASP C 43 -13.01 1.26 -8.52
CA ASP C 43 -13.72 0.99 -7.28
C ASP C 43 -14.86 2.00 -7.08
N PRO C 44 -15.86 1.66 -6.28
CA PRO C 44 -16.94 2.62 -6.02
C PRO C 44 -16.42 3.84 -5.28
N GLY C 45 -16.84 5.02 -5.74
CA GLY C 45 -16.34 6.27 -5.20
C GLY C 45 -14.97 6.67 -5.69
N LYS C 46 -14.34 5.86 -6.55
CA LYS C 46 -13.03 6.18 -7.11
C LYS C 46 -13.07 6.27 -8.63
N GLY C 47 -14.23 6.57 -9.20
CA GLY C 47 -14.41 6.68 -10.63
C GLY C 47 -14.25 8.08 -11.20
N GLY C 48 -13.84 9.05 -10.37
CA GLY C 48 -13.66 10.41 -10.86
C GLY C 48 -14.93 11.09 -11.28
N GLY C 49 -16.03 10.86 -10.55
CA GLY C 49 -17.31 11.45 -10.86
C GLY C 49 -18.27 10.52 -11.56
N PHE C 50 -17.77 9.43 -12.15
CA PHE C 50 -18.60 8.44 -12.81
C PHE C 50 -18.69 7.19 -11.95
N HIS C 51 -19.87 6.58 -11.93
CA HIS C 51 -20.18 5.46 -11.04
C HIS C 51 -20.70 4.27 -11.84
N ASP C 52 -19.95 3.87 -12.87
CA ASP C 52 -20.32 2.74 -13.71
C ASP C 52 -19.39 1.55 -13.56
N GLY C 53 -18.41 1.62 -12.66
CA GLY C 53 -17.51 0.51 -12.42
C GLY C 53 -16.23 0.52 -13.22
N GLY C 54 -16.12 1.35 -14.25
CA GLY C 54 -14.91 1.45 -15.02
C GLY C 54 -15.18 1.84 -16.46
N PHE C 55 -14.15 1.69 -17.27
CA PHE C 55 -14.20 2.09 -18.67
C PHE C 55 -13.30 1.17 -19.49
N TRP C 56 -13.36 1.32 -20.80
CA TRP C 56 -12.51 0.58 -21.73
C TRP C 56 -11.31 1.45 -22.09
N ALA C 57 -10.11 0.97 -21.75
CA ALA C 57 -8.89 1.67 -22.09
C ALA C 57 -8.58 1.44 -23.57
N ILE C 58 -8.52 2.52 -24.34
CA ILE C 58 -8.23 2.47 -25.77
C ILE C 58 -6.80 2.97 -25.95
N THR C 59 -5.92 2.07 -26.40
CA THR C 59 -4.50 2.35 -26.45
C THR C 59 -3.89 2.32 -27.85
N LYS C 60 -4.55 1.73 -28.83
CA LYS C 60 -4.02 1.67 -30.19
C LYS C 60 -4.55 2.84 -31.01
N LEU C 61 -3.70 3.37 -31.89
CA LEU C 61 -4.06 4.55 -32.67
C LEU C 61 -5.21 4.26 -33.61
N ASN C 62 -5.21 3.08 -34.25
CA ASN C 62 -6.29 2.75 -35.17
C ASN C 62 -7.64 2.69 -34.46
N ASP C 63 -7.65 2.21 -33.22
CA ASP C 63 -8.89 2.14 -32.46
C ASP C 63 -9.37 3.52 -32.07
N VAL C 64 -8.45 4.42 -31.71
CA VAL C 64 -8.83 5.78 -31.36
C VAL C 64 -9.49 6.48 -32.55
N LYS C 65 -8.92 6.29 -33.74
CA LYS C 65 -9.47 6.94 -34.94
C LYS C 65 -10.88 6.43 -35.24
N GLU C 66 -11.10 5.12 -35.12
CA GLU C 66 -12.41 4.57 -35.44
C GLU C 66 -13.47 5.06 -34.48
N ILE C 67 -13.12 5.19 -33.19
CA ILE C 67 -14.05 5.75 -32.22
C ILE C 67 -14.37 7.21 -32.57
N SER C 68 -13.36 7.96 -33.00
CA SER C 68 -13.58 9.37 -33.33
C SER C 68 -14.38 9.52 -34.62
N ARG C 69 -14.14 8.67 -35.61
CA ARG C 69 -14.88 8.74 -36.86
C ARG C 69 -16.34 8.35 -36.66
N HIS C 70 -16.58 7.27 -35.92
CA HIS C 70 -17.95 6.80 -35.66
C HIS C 70 -18.55 7.60 -34.51
N SER C 71 -18.74 8.90 -34.76
CA SER C 71 -19.36 9.77 -33.77
C SER C 71 -20.82 9.44 -33.56
N ASP C 72 -21.48 8.84 -34.55
CA ASP C 72 -22.89 8.50 -34.42
C ASP C 72 -23.15 7.48 -33.32
N VAL C 73 -22.13 6.71 -32.92
CA VAL C 73 -22.29 5.70 -31.89
C VAL C 73 -21.49 6.01 -30.63
N PHE C 74 -20.35 6.68 -30.76
CA PHE C 74 -19.50 7.02 -29.63
C PHE C 74 -19.73 8.50 -29.32
N SER C 75 -20.48 8.76 -28.25
CA SER C 75 -21.02 10.08 -27.99
C SER C 75 -20.11 10.91 -27.09
N SER C 76 -20.14 12.22 -27.31
CA SER C 76 -19.50 13.18 -26.43
C SER C 76 -20.47 13.82 -25.43
N TYR C 77 -21.77 13.72 -25.70
CA TYR C 77 -22.79 14.38 -24.89
C TYR C 77 -23.25 13.54 -23.71
N GLU C 78 -23.25 12.22 -23.85
CA GLU C 78 -23.86 11.35 -22.82
C GLU C 78 -23.19 11.54 -21.46
N ASN C 79 -21.86 11.59 -21.44
CA ASN C 79 -21.13 11.71 -20.18
C ASN C 79 -20.01 12.74 -20.25
N GLY C 80 -19.94 13.53 -21.31
CA GLY C 80 -18.82 14.42 -21.53
C GLY C 80 -17.60 13.66 -22.03
N VAL C 81 -16.56 14.41 -22.38
CA VAL C 81 -15.33 13.82 -22.87
C VAL C 81 -14.21 13.81 -21.85
N ILE C 82 -14.34 14.56 -20.76
CA ILE C 82 -13.32 14.55 -19.70
CA ILE C 82 -13.33 14.57 -19.69
C ILE C 82 -13.46 13.25 -18.93
N PRO C 83 -12.39 12.45 -18.84
CA PRO C 83 -12.48 11.15 -18.17
C PRO C 83 -12.25 11.17 -16.66
N ARG C 84 -11.86 12.30 -16.07
CA ARG C 84 -11.55 12.31 -14.65
C ARG C 84 -11.85 13.67 -14.04
N PHE C 85 -12.76 13.68 -13.08
CA PHE C 85 -13.01 14.82 -12.20
C PHE C 85 -12.65 14.42 -10.78
N LYS C 86 -12.88 15.31 -9.83
CA LYS C 86 -12.78 14.93 -8.43
C LYS C 86 -13.86 13.89 -8.12
N ASN C 87 -13.52 12.96 -7.23
CA ASN C 87 -14.39 11.80 -7.01
C ASN C 87 -15.76 12.20 -6.48
N ASP C 88 -15.87 13.34 -5.81
CA ASP C 88 -17.10 13.76 -5.18
C ASP C 88 -17.84 14.85 -5.96
N ILE C 89 -17.60 14.97 -7.26
CA ILE C 89 -18.28 15.99 -8.04
C ILE C 89 -19.73 15.58 -8.25
N ALA C 90 -20.64 16.55 -8.16
CA ALA C 90 -22.04 16.28 -8.40
C ALA C 90 -22.29 16.01 -9.87
N ARG C 91 -23.34 15.22 -10.14
CA ARG C 91 -23.66 14.87 -11.52
C ARG C 91 -24.05 16.10 -12.34
N GLU C 92 -24.66 17.09 -11.71
CA GLU C 92 -25.07 18.29 -12.43
C GLU C 92 -23.88 19.08 -12.94
N ASP C 93 -22.79 19.13 -12.15
CA ASP C 93 -21.57 19.76 -12.60
C ASP C 93 -20.97 19.02 -13.80
N ILE C 94 -21.36 17.77 -14.02
CA ILE C 94 -20.90 17.02 -15.18
C ILE C 94 -21.75 17.35 -16.40
N GLU C 95 -23.05 17.51 -16.21
CA GLU C 95 -23.93 17.80 -17.33
C GLU C 95 -23.88 19.26 -17.77
N VAL C 96 -23.29 20.14 -16.96
CA VAL C 96 -23.13 21.53 -17.38
C VAL C 96 -22.05 21.66 -18.45
N GLN C 97 -21.21 20.63 -18.62
CA GLN C 97 -20.23 20.65 -19.70
C GLN C 97 -20.89 20.56 -21.07
N ARG C 98 -22.15 20.11 -21.12
CA ARG C 98 -22.86 19.99 -22.39
C ARG C 98 -23.17 21.34 -23.03
N PHE C 99 -22.98 22.45 -22.31
CA PHE C 99 -23.22 23.78 -22.86
C PHE C 99 -22.12 24.23 -23.81
N VAL C 100 -20.99 23.53 -23.86
CA VAL C 100 -19.94 23.83 -24.80
C VAL C 100 -19.98 22.82 -25.94
N MET C 101 -19.52 23.25 -27.12
CA MET C 101 -19.56 22.42 -28.31
C MET C 101 -18.82 21.10 -28.12
N LEU C 102 -17.77 21.09 -27.30
CA LEU C 102 -16.96 19.89 -27.16
C LEU C 102 -17.77 18.70 -26.65
N ASN C 103 -18.79 18.95 -25.83
CA ASN C 103 -19.61 17.90 -25.23
C ASN C 103 -21.00 17.86 -25.83
N MET C 104 -21.11 18.12 -27.13
CA MET C 104 -22.37 18.03 -27.85
C MET C 104 -22.26 16.98 -28.95
N ASP C 105 -23.40 16.40 -29.31
CA ASP C 105 -23.52 15.49 -30.43
C ASP C 105 -24.26 16.18 -31.57
N ALA C 106 -24.15 15.58 -32.75
CA ALA C 106 -24.94 16.04 -33.88
C ALA C 106 -26.43 15.81 -33.57
N PRO C 107 -27.31 16.68 -34.09
CA PRO C 107 -27.06 17.83 -34.96
C PRO C 107 -26.74 19.11 -34.19
N HIS C 108 -26.82 19.10 -32.85
CA HIS C 108 -26.52 20.30 -32.07
C HIS C 108 -25.08 20.74 -32.28
N HIS C 109 -24.13 19.79 -32.22
CA HIS C 109 -22.73 20.12 -32.43
C HIS C 109 -22.46 20.56 -33.86
N THR C 110 -23.22 20.05 -34.83
CA THR C 110 -22.94 20.34 -36.23
C THR C 110 -23.21 21.80 -36.56
N ARG C 111 -24.25 22.39 -35.98
CA ARG C 111 -24.59 23.77 -36.30
C ARG C 111 -23.56 24.74 -35.72
N LEU C 112 -23.18 24.53 -34.45
CA LEU C 112 -22.19 25.40 -33.83
C LEU C 112 -20.84 25.29 -34.53
N ARG C 113 -20.41 24.05 -34.83
CA ARG C 113 -19.11 23.84 -35.47
C ARG C 113 -19.03 24.56 -36.81
N LYS C 114 -20.14 24.60 -37.55
CA LYS C 114 -20.16 25.34 -38.80
C LYS C 114 -19.98 26.84 -38.56
N ILE C 115 -20.62 27.37 -37.51
CA ILE C 115 -20.55 28.80 -37.25
C ILE C 115 -19.20 29.17 -36.64
N ILE C 116 -18.67 28.32 -35.77
CA ILE C 116 -17.37 28.59 -35.16
C ILE C 116 -16.25 28.47 -36.20
N SER C 117 -16.46 27.65 -37.23
CA SER C 117 -15.42 27.46 -38.25
C SER C 117 -15.08 28.75 -38.98
N ARG C 118 -15.97 29.74 -38.97
CA ARG C 118 -15.67 31.00 -39.65
C ARG C 118 -14.49 31.72 -39.01
N GLY C 119 -14.26 31.51 -37.72
CA GLY C 119 -13.15 32.11 -37.03
C GLY C 119 -11.87 31.31 -37.03
N PHE C 120 -11.84 30.17 -37.71
CA PHE C 120 -10.66 29.31 -37.70
C PHE C 120 -10.25 28.87 -39.10
N THR C 121 -10.68 29.60 -40.13
CA THR C 121 -10.20 29.36 -41.47
C THR C 121 -8.70 29.65 -41.56
N PRO C 122 -8.02 29.09 -42.55
CA PRO C 122 -6.59 29.44 -42.75
C PRO C 122 -6.33 30.94 -42.77
N ARG C 123 -7.29 31.73 -43.23
CA ARG C 123 -7.07 33.18 -43.33
C ARG C 123 -7.20 33.86 -41.98
N ALA C 124 -8.25 33.53 -41.22
CA ALA C 124 -8.42 34.14 -39.91
C ALA C 124 -7.24 33.85 -38.99
N VAL C 125 -6.71 32.63 -39.07
CA VAL C 125 -5.53 32.29 -38.30
C VAL C 125 -4.32 33.09 -38.78
N GLY C 126 -4.09 33.09 -40.10
CA GLY C 126 -2.95 33.82 -40.64
C GLY C 126 -3.01 35.31 -40.36
N ARG C 127 -4.20 35.85 -40.14
CA ARG C 127 -4.33 37.26 -39.77
C ARG C 127 -3.59 37.57 -38.47
N LEU C 128 -3.53 36.61 -37.56
CA LEU C 128 -2.87 36.80 -36.27
C LEU C 128 -1.37 36.55 -36.33
N HIS C 129 -0.83 36.18 -37.49
CA HIS C 129 0.57 35.76 -37.57
C HIS C 129 1.52 36.87 -37.13
N ASP C 130 1.32 38.08 -37.64
CA ASP C 130 2.27 39.16 -37.39
C ASP C 130 2.30 39.54 -35.91
N GLU C 131 1.12 39.73 -35.30
CA GLU C 131 1.08 40.14 -33.90
C GLU C 131 1.60 39.05 -32.97
N LEU C 132 1.37 37.78 -33.30
CA LEU C 132 1.92 36.70 -32.49
C LEU C 132 3.41 36.52 -32.73
N GLN C 133 3.88 36.78 -33.94
CA GLN C 133 5.32 36.71 -34.22
C GLN C 133 6.07 37.78 -33.45
N GLU C 134 5.55 39.01 -33.45
CA GLU C 134 6.17 40.08 -32.68
C GLU C 134 6.18 39.75 -31.19
N ARG C 135 5.05 39.29 -30.67
CA ARG C 135 4.96 38.97 -29.24
C ARG C 135 5.86 37.79 -28.90
N ALA C 136 5.96 36.81 -29.79
CA ALA C 136 6.85 35.67 -29.54
C ALA C 136 8.30 36.11 -29.48
N GLN C 137 8.71 37.01 -30.38
CA GLN C 137 10.08 37.51 -30.35
C GLN C 137 10.35 38.29 -29.08
N LYS C 138 9.41 39.15 -28.68
CA LYS C 138 9.60 39.94 -27.46
C LYS C 138 9.57 39.07 -26.22
N ILE C 139 8.71 38.05 -26.21
CA ILE C 139 8.71 37.08 -25.11
C ILE C 139 10.06 36.39 -25.00
N ALA C 140 10.58 35.93 -26.14
CA ALA C 140 11.86 35.23 -26.14
C ALA C 140 13.00 36.15 -25.73
N ALA C 141 12.96 37.41 -26.19
CA ALA C 141 14.03 38.35 -25.84
C ALA C 141 14.04 38.63 -24.33
N GLU C 142 12.86 38.85 -23.75
CA GLU C 142 12.79 39.18 -22.33
C GLU C 142 13.18 38.00 -21.45
N ALA C 143 12.86 36.78 -21.88
CA ALA C 143 13.30 35.60 -21.12
C ALA C 143 14.80 35.39 -21.27
N ALA C 144 15.33 35.55 -22.49
CA ALA C 144 16.76 35.42 -22.70
C ALA C 144 17.54 36.45 -21.88
N ALA C 145 17.03 37.68 -21.81
CA ALA C 145 17.72 38.73 -21.07
C ALA C 145 17.64 38.52 -19.56
N ALA C 146 16.69 37.71 -19.09
CA ALA C 146 16.60 37.41 -17.67
C ALA C 146 17.61 36.36 -17.22
N GLY C 147 18.29 35.70 -18.16
CA GLY C 147 19.29 34.71 -17.81
C GLY C 147 18.73 33.33 -17.53
N SER C 148 17.88 33.23 -16.51
CA SER C 148 17.31 31.94 -16.10
C SER C 148 15.97 32.18 -15.43
N GLY C 149 15.20 31.12 -15.31
CA GLY C 149 13.92 31.20 -14.63
C GLY C 149 13.00 30.07 -15.06
N ASP C 150 11.72 30.26 -14.73
CA ASP C 150 10.69 29.26 -15.01
C ASP C 150 10.30 29.35 -16.48
N PHE C 151 10.72 28.35 -17.26
CA PHE C 151 10.40 28.32 -18.69
C PHE C 151 8.90 28.30 -18.92
N VAL C 152 8.13 27.68 -18.02
CA VAL C 152 6.69 27.58 -18.21
C VAL C 152 6.05 28.98 -18.20
N GLU C 153 6.34 29.76 -17.16
CA GLU C 153 5.73 31.08 -17.01
CA GLU C 153 5.72 31.07 -17.03
C GLU C 153 6.33 32.10 -17.98
N GLN C 154 7.63 32.02 -18.24
CA GLN C 154 8.31 33.04 -19.04
C GLN C 154 8.25 32.81 -20.54
N VAL C 155 8.01 31.58 -21.00
CA VAL C 155 8.08 31.30 -22.44
C VAL C 155 6.81 30.66 -22.94
N SER C 156 6.20 29.78 -22.15
CA SER C 156 5.10 28.95 -22.62
C SER C 156 3.71 29.51 -22.32
N CYS C 157 3.57 30.34 -21.29
CA CYS C 157 2.24 30.70 -20.82
CA CYS C 157 2.24 30.70 -20.82
C CYS C 157 1.60 31.79 -21.68
N GLU C 158 2.31 32.88 -21.94
CA GLU C 158 1.67 34.08 -22.48
C GLU C 158 1.20 33.89 -23.92
N LEU C 159 2.05 33.34 -24.79
CA LEU C 159 1.72 33.33 -26.21
C LEU C 159 0.42 32.63 -26.55
N PRO C 160 0.09 31.45 -26.00
CA PRO C 160 -1.24 30.89 -26.26
C PRO C 160 -2.37 31.77 -25.77
N LEU C 161 -2.18 32.48 -24.66
CA LEU C 161 -3.22 33.36 -24.14
C LEU C 161 -3.40 34.59 -25.03
N GLN C 162 -2.30 35.11 -25.59
CA GLN C 162 -2.42 36.23 -26.51
C GLN C 162 -3.06 35.81 -27.84
N ALA C 163 -2.90 34.54 -28.22
CA ALA C 163 -3.60 34.05 -29.41
C ALA C 163 -5.11 34.05 -29.19
N ILE C 164 -5.55 33.63 -28.01
CA ILE C 164 -6.98 33.65 -27.70
C ILE C 164 -7.47 35.09 -27.64
N ALA C 165 -6.72 35.98 -26.98
CA ALA C 165 -7.12 37.37 -26.89
C ALA C 165 -7.13 38.04 -28.26
N GLY C 166 -6.20 37.66 -29.13
CA GLY C 166 -6.14 38.25 -30.45
C GLY C 166 -7.30 37.84 -31.34
N LEU C 167 -7.66 36.56 -31.29
CA LEU C 167 -8.78 36.08 -32.09
C LEU C 167 -10.09 36.74 -31.66
N LEU C 168 -10.25 37.00 -30.37
CA LEU C 168 -11.46 37.60 -29.83
C LEU C 168 -11.45 39.12 -29.85
N GLY C 169 -10.33 39.74 -30.20
CA GLY C 169 -10.26 41.18 -30.20
C GLY C 169 -10.37 41.81 -28.83
N VAL C 170 -9.87 41.13 -27.80
CA VAL C 170 -9.95 41.66 -26.43
C VAL C 170 -9.04 42.86 -26.30
N PRO C 171 -9.53 44.02 -25.84
CA PRO C 171 -8.65 45.18 -25.67
C PRO C 171 -7.56 44.89 -24.66
N GLN C 172 -6.43 45.59 -24.83
CA GLN C 172 -5.24 45.28 -24.04
C GLN C 172 -5.49 45.44 -22.55
N GLU C 173 -6.28 46.44 -22.16
CA GLU C 173 -6.55 46.68 -20.75
C GLU C 173 -7.41 45.60 -20.11
N ASP C 174 -8.06 44.75 -20.91
CA ASP C 174 -8.88 43.66 -20.40
C ASP C 174 -8.19 42.31 -20.42
N ARG C 175 -7.03 42.21 -21.08
CA ARG C 175 -6.39 40.90 -21.23
C ARG C 175 -5.86 40.38 -19.91
N GLY C 176 -5.55 41.28 -18.97
CA GLY C 176 -5.08 40.83 -17.66
C GLY C 176 -6.10 39.98 -16.93
N LYS C 177 -7.32 40.50 -16.79
CA LYS C 177 -8.38 39.73 -16.12
C LYS C 177 -8.85 38.57 -16.99
N LEU C 178 -8.79 38.71 -18.31
CA LEU C 178 -9.12 37.59 -19.19
C LEU C 178 -8.16 36.43 -18.98
N PHE C 179 -6.86 36.73 -18.91
CA PHE C 179 -5.88 35.68 -18.64
C PHE C 179 -6.07 35.09 -17.26
N HIS C 180 -6.55 35.89 -16.32
CA HIS C 180 -6.75 35.39 -14.95
C HIS C 180 -7.83 34.33 -14.90
N TRP C 181 -9.00 34.62 -15.46
CA TRP C 181 -10.09 33.64 -15.44
C TRP C 181 -9.73 32.40 -16.24
N SER C 182 -9.02 32.58 -17.36
CA SER C 182 -8.65 31.44 -18.20
C SER C 182 -7.72 30.49 -17.48
N ASN C 183 -6.85 31.00 -16.62
CA ASN C 183 -5.93 30.15 -15.88
C ASN C 183 -6.55 29.56 -14.62
N GLU C 184 -7.67 30.11 -14.16
CA GLU C 184 -8.39 29.57 -13.01
C GLU C 184 -9.43 28.52 -13.41
N MET C 185 -9.25 27.87 -14.55
CA MET C 185 -10.20 26.87 -15.04
C MET C 185 -9.71 25.45 -14.92
N THR C 186 -8.41 25.19 -15.14
CA THR C 186 -7.87 23.84 -15.11
C THR C 186 -6.80 23.72 -14.04
N GLY C 187 -6.63 22.50 -13.53
CA GLY C 187 -5.62 22.19 -12.55
C GLY C 187 -6.08 22.19 -11.11
N ASN C 188 -7.39 22.25 -10.86
CA ASN C 188 -7.88 22.37 -9.48
C ASN C 188 -7.70 21.09 -8.66
N GLU C 189 -7.33 19.98 -9.30
CA GLU C 189 -7.02 18.75 -8.58
C GLU C 189 -5.57 18.67 -8.14
N ASP C 190 -4.74 19.66 -8.52
CA ASP C 190 -3.37 19.79 -8.04
C ASP C 190 -3.34 20.66 -6.79
N PRO C 191 -2.60 20.26 -5.75
CA PRO C 191 -2.60 21.04 -4.51
C PRO C 191 -2.08 22.46 -4.68
N GLU C 192 -1.25 22.72 -5.69
CA GLU C 192 -0.82 24.09 -5.95
C GLU C 192 -2.00 24.97 -6.38
N TYR C 193 -3.02 24.39 -7.00
CA TYR C 193 -4.17 25.13 -7.51
C TYR C 193 -5.47 24.68 -6.82
N ALA C 194 -5.39 24.24 -5.57
CA ALA C 194 -6.59 23.87 -4.83
C ALA C 194 -7.46 25.07 -4.49
N HIS C 195 -6.94 26.29 -4.66
CA HIS C 195 -7.66 27.51 -4.31
C HIS C 195 -8.55 28.03 -5.44
N ILE C 196 -8.32 27.60 -6.68
CA ILE C 196 -9.03 28.18 -7.81
C ILE C 196 -10.47 27.69 -7.83
N ASP C 197 -11.37 28.53 -8.34
CA ASP C 197 -12.79 28.21 -8.46
C ASP C 197 -13.16 28.13 -9.93
N PRO C 198 -13.21 26.93 -10.52
CA PRO C 198 -13.58 26.85 -11.94
C PRO C 198 -14.97 27.37 -12.25
N LYS C 199 -15.91 27.23 -11.31
CA LYS C 199 -17.26 27.74 -11.53
C LYS C 199 -17.28 29.27 -11.54
N ALA C 200 -16.56 29.90 -10.61
CA ALA C 200 -16.57 31.35 -10.54
C ALA C 200 -15.90 31.98 -11.75
N SER C 201 -14.76 31.42 -12.18
CA SER C 201 -14.06 31.98 -13.34
C SER C 201 -14.84 31.79 -14.62
N SER C 202 -15.53 30.64 -14.75
CA SER C 202 -16.35 30.41 -15.93
C SER C 202 -17.52 31.38 -16.01
N ALA C 203 -18.09 31.75 -14.85
CA ALA C 203 -19.15 32.75 -14.84
C ALA C 203 -18.63 34.13 -15.21
N GLU C 204 -17.38 34.44 -14.86
CA GLU C 204 -16.79 35.72 -15.23
C GLU C 204 -16.52 35.80 -16.72
N LEU C 205 -16.06 34.70 -17.32
CA LEU C 205 -15.83 34.67 -18.75
C LEU C 205 -17.14 34.81 -19.53
N ILE C 206 -18.22 34.19 -19.02
CA ILE C 206 -19.50 34.27 -19.70
C ILE C 206 -20.03 35.70 -19.65
N GLY C 207 -19.96 36.34 -18.49
CA GLY C 207 -20.44 37.72 -18.38
C GLY C 207 -19.66 38.68 -19.24
N TYR C 208 -18.34 38.48 -19.34
CA TYR C 208 -17.53 39.35 -20.18
C TYR C 208 -17.77 39.08 -21.66
N ALA C 209 -17.96 37.81 -22.03
CA ALA C 209 -18.24 37.49 -23.43
C ALA C 209 -19.58 38.07 -23.87
N MET C 210 -20.61 37.96 -23.01
CA MET C 210 -21.92 38.49 -23.35
C MET C 210 -21.87 40.00 -23.53
N LYS C 211 -21.14 40.70 -22.65
CA LYS C 211 -21.02 42.15 -22.80
C LYS C 211 -20.28 42.51 -24.09
N MET C 212 -19.36 41.66 -24.54
CA MET C 212 -18.70 41.90 -25.82
C MET C 212 -19.65 41.60 -26.97
N ALA C 213 -20.43 40.53 -26.87
CA ALA C 213 -21.43 40.23 -27.90
C ALA C 213 -22.49 41.32 -27.98
N GLU C 214 -22.77 41.99 -26.86
CA GLU C 214 -23.73 43.09 -26.89
C GLU C 214 -23.14 44.32 -27.55
N GLU C 215 -21.86 44.61 -27.30
CA GLU C 215 -21.24 45.80 -27.87
C GLU C 215 -21.01 45.67 -29.37
N LYS C 216 -20.75 44.45 -29.85
CA LYS C 216 -20.52 44.24 -31.27
C LYS C 216 -21.80 44.21 -32.09
N ALA C 217 -22.96 44.08 -31.42
CA ALA C 217 -24.22 44.26 -32.13
C ALA C 217 -24.54 45.73 -32.33
N LYS C 218 -24.03 46.60 -31.45
CA LYS C 218 -24.23 48.04 -31.60
C LYS C 218 -23.17 48.65 -32.51
N ASN C 219 -21.91 48.24 -32.37
CA ASN C 219 -20.82 48.74 -33.19
C ASN C 219 -20.11 47.54 -33.82
N PRO C 220 -20.65 46.99 -34.91
CA PRO C 220 -19.98 45.87 -35.57
C PRO C 220 -18.78 46.34 -36.37
N ALA C 221 -17.76 45.48 -36.43
CA ALA C 221 -16.54 45.74 -37.17
C ALA C 221 -16.18 44.50 -37.99
N ASP C 222 -15.11 44.59 -38.75
CA ASP C 222 -14.63 43.46 -39.56
CA ASP C 222 -14.63 43.46 -39.56
C ASP C 222 -13.64 42.64 -38.74
N ASP C 223 -14.20 41.90 -37.77
CA ASP C 223 -13.41 41.03 -36.91
C ASP C 223 -14.16 39.72 -36.72
N ILE C 224 -13.60 38.84 -35.90
CA ILE C 224 -14.14 37.49 -35.76
C ILE C 224 -15.41 37.48 -34.91
N VAL C 225 -15.43 38.28 -33.84
CA VAL C 225 -16.59 38.29 -32.96
C VAL C 225 -17.84 38.78 -33.68
N THR C 226 -17.69 39.73 -34.60
CA THR C 226 -18.84 40.17 -35.38
C THR C 226 -19.33 39.07 -36.31
N GLN C 227 -18.43 38.44 -37.07
CA GLN C 227 -18.82 37.37 -37.98
C GLN C 227 -19.49 36.22 -37.24
N LEU C 228 -19.29 36.11 -35.93
CA LEU C 228 -19.91 35.04 -35.15
C LEU C 228 -21.34 35.41 -34.73
N ILE C 229 -21.55 36.65 -34.31
CA ILE C 229 -22.86 37.09 -33.84
C ILE C 229 -23.64 37.83 -34.92
N GLN C 230 -23.14 37.87 -36.14
CA GLN C 230 -23.86 38.43 -37.28
C GLN C 230 -24.46 37.30 -38.09
N ALA C 231 -25.72 37.44 -38.47
CA ALA C 231 -26.39 36.42 -39.26
C ALA C 231 -25.79 36.35 -40.65
N ASP C 232 -25.48 35.13 -41.11
CA ASP C 232 -24.94 34.94 -42.44
C ASP C 232 -26.08 34.97 -43.46
N ILE C 233 -25.78 34.62 -44.71
CA ILE C 233 -26.81 34.56 -45.74
C ILE C 233 -27.81 33.46 -45.45
N ASP C 234 -27.41 32.43 -44.69
CA ASP C 234 -28.33 31.38 -44.27
C ASP C 234 -29.09 31.75 -43.00
N GLY C 235 -28.78 32.89 -42.38
CA GLY C 235 -29.43 33.30 -41.15
C GLY C 235 -28.84 32.71 -39.89
N GLU C 236 -27.76 31.94 -39.98
CA GLU C 236 -27.17 31.32 -38.82
C GLU C 236 -26.31 32.32 -38.06
N LYS C 237 -26.33 32.23 -36.73
CA LYS C 237 -25.58 33.12 -35.87
C LYS C 237 -25.53 32.56 -34.46
N LEU C 238 -24.45 32.85 -33.75
CA LEU C 238 -24.38 32.51 -32.34
C LEU C 238 -25.27 33.43 -31.53
N SER C 239 -25.99 32.88 -30.57
CA SER C 239 -26.72 33.70 -29.63
C SER C 239 -25.76 34.32 -28.63
N ASP C 240 -26.27 35.28 -27.85
CA ASP C 240 -25.44 35.95 -26.85
C ASP C 240 -24.88 34.95 -25.84
N ASP C 241 -25.70 33.98 -25.43
CA ASP C 241 -25.21 32.94 -24.53
C ASP C 241 -24.29 31.96 -25.25
N GLU C 242 -24.60 31.65 -26.52
CA GLU C 242 -23.76 30.75 -27.29
C GLU C 242 -22.36 31.32 -27.46
N PHE C 243 -22.26 32.63 -27.72
CA PHE C 243 -20.95 33.27 -27.76
C PHE C 243 -20.26 33.19 -26.42
N GLY C 244 -21.03 33.29 -25.33
CA GLY C 244 -20.44 33.15 -24.00
C GLY C 244 -19.86 31.78 -23.76
N PHE C 245 -20.57 30.73 -24.18
CA PHE C 245 -20.06 29.37 -24.01
C PHE C 245 -18.93 29.07 -24.99
N PHE C 246 -18.84 29.81 -26.10
CA PHE C 246 -17.70 29.65 -27.00
C PHE C 246 -16.43 30.24 -26.40
N VAL C 247 -16.56 31.33 -25.62
CA VAL C 247 -15.39 31.96 -25.04
C VAL C 247 -14.84 31.14 -23.87
N VAL C 248 -15.73 30.58 -23.05
CA VAL C 248 -15.26 29.77 -21.93
C VAL C 248 -14.57 28.51 -22.44
N MET C 249 -15.10 27.90 -23.49
CA MET C 249 -14.41 26.78 -24.14
C MET C 249 -13.06 27.24 -24.66
N LEU C 250 -13.03 28.40 -25.31
CA LEU C 250 -11.78 28.97 -25.81
C LEU C 250 -10.76 29.12 -24.68
N ALA C 251 -11.19 29.68 -23.55
CA ALA C 251 -10.28 29.95 -22.45
C ALA C 251 -9.59 28.68 -21.95
N VAL C 252 -10.22 27.53 -22.11
CA VAL C 252 -9.63 26.26 -21.74
C VAL C 252 -8.98 25.57 -22.93
N ALA C 253 -9.64 25.59 -24.09
CA ALA C 253 -9.19 24.80 -25.23
C ALA C 253 -7.83 25.25 -25.74
N GLY C 254 -7.62 26.56 -25.85
CA GLY C 254 -6.40 27.10 -26.41
C GLY C 254 -5.35 27.55 -25.42
N ASN C 255 -5.52 27.22 -24.13
CA ASN C 255 -4.61 27.71 -23.10
C ASN C 255 -3.56 26.67 -22.75
N GLU C 256 -3.89 25.78 -21.81
CA GLU C 256 -2.90 24.84 -21.28
C GLU C 256 -2.51 23.78 -22.30
N THR C 257 -3.29 23.60 -23.37
CA THR C 257 -2.92 22.63 -24.40
C THR C 257 -1.68 23.09 -25.16
N THR C 258 -1.75 24.26 -25.79
CA THR C 258 -0.59 24.78 -26.51
C THR C 258 0.55 25.09 -25.57
N ARG C 259 0.24 25.57 -24.36
CA ARG C 259 1.28 25.86 -23.38
C ARG C 259 2.14 24.63 -23.11
N ASN C 260 1.51 23.48 -22.93
CA ASN C 260 2.26 22.28 -22.59
C ASN C 260 2.95 21.67 -23.81
N SER C 261 2.42 21.89 -25.01
CA SER C 261 3.17 21.51 -26.20
C SER C 261 4.45 22.31 -26.33
N ILE C 262 4.45 23.56 -25.86
CA ILE C 262 5.66 24.36 -25.91
C ILE C 262 6.67 23.89 -24.87
N THR C 263 6.21 23.69 -23.63
CA THR C 263 7.11 23.24 -22.58
C THR C 263 7.64 21.84 -22.87
N GLN C 264 6.75 20.93 -23.25
CA GLN C 264 7.17 19.56 -23.52
C GLN C 264 7.87 19.42 -24.87
N GLY C 265 7.62 20.34 -25.80
CA GLY C 265 8.42 20.38 -27.01
C GLY C 265 9.87 20.74 -26.73
N MET C 266 10.10 21.61 -25.74
CA MET C 266 11.46 22.02 -25.44
C MET C 266 12.20 20.97 -24.61
N MET C 267 11.49 20.27 -23.71
CA MET C 267 12.12 19.15 -23.02
C MET C 267 12.58 18.09 -24.01
N ALA C 268 11.77 17.80 -25.03
CA ALA C 268 12.20 16.87 -26.06
C ALA C 268 13.44 17.39 -26.79
N PHE C 269 13.50 18.70 -27.03
CA PHE C 269 14.68 19.28 -27.65
C PHE C 269 15.89 19.19 -26.74
N ALA C 270 15.70 19.44 -25.44
CA ALA C 270 16.81 19.31 -24.49
C ALA C 270 17.27 17.87 -24.38
N GLU C 271 16.36 16.90 -24.48
CA GLU C 271 16.73 15.50 -24.43
C GLU C 271 17.31 15.00 -25.74
N HIS C 272 17.01 15.67 -26.86
CA HIS C 272 17.52 15.30 -28.18
C HIS C 272 18.24 16.51 -28.78
N PRO C 273 19.47 16.78 -28.35
CA PRO C 273 20.18 17.96 -28.87
C PRO C 273 20.44 17.89 -30.37
N ASP C 274 20.50 16.70 -30.96
CA ASP C 274 20.64 16.59 -32.40
C ASP C 274 19.43 17.18 -33.12
N GLN C 275 18.24 17.03 -32.53
CA GLN C 275 17.04 17.61 -33.11
C GLN C 275 16.94 19.10 -32.86
N TRP C 276 17.46 19.57 -31.72
CA TRP C 276 17.48 21.01 -31.45
C TRP C 276 18.41 21.73 -32.41
N GLU C 277 19.58 21.14 -32.70
CA GLU C 277 20.49 21.73 -33.67
C GLU C 277 19.91 21.67 -35.08
N LEU C 278 19.19 20.59 -35.39
CA LEU C 278 18.53 20.49 -36.69
C LEU C 278 17.44 21.55 -36.84
N TYR C 279 16.66 21.77 -35.79
CA TYR C 279 15.60 22.78 -35.87
C TYR C 279 16.18 24.18 -36.03
N LYS C 280 17.25 24.49 -35.30
CA LYS C 280 17.80 25.84 -35.36
C LYS C 280 18.34 26.18 -36.74
N LYS C 281 18.84 25.19 -37.47
CA LYS C 281 19.38 25.42 -38.81
C LYS C 281 18.35 25.33 -39.90
N VAL C 282 17.30 24.51 -39.71
CA VAL C 282 16.34 24.21 -40.75
C VAL C 282 14.99 24.85 -40.49
N ARG C 283 14.56 24.89 -39.23
CA ARG C 283 13.23 25.37 -38.86
C ARG C 283 12.14 24.70 -39.68
N PRO C 284 12.04 23.37 -39.65
CA PRO C 284 11.10 22.68 -40.53
C PRO C 284 9.67 22.82 -40.02
N GLU C 285 8.73 22.93 -40.96
CA GLU C 285 7.32 23.07 -40.59
C GLU C 285 6.74 21.79 -40.03
N THR C 286 7.34 20.63 -40.35
CA THR C 286 6.89 19.36 -39.78
C THR C 286 7.22 19.24 -38.30
N ALA C 287 8.04 20.14 -37.74
CA ALA C 287 8.42 20.03 -36.34
C ALA C 287 7.23 20.24 -35.41
N ALA C 288 6.28 21.09 -35.80
CA ALA C 288 5.14 21.38 -34.93
C ALA C 288 4.29 20.15 -34.67
N ASP C 289 4.17 19.25 -35.65
CA ASP C 289 3.36 18.06 -35.45
C ASP C 289 4.07 17.04 -34.58
N GLU C 290 5.37 16.83 -34.78
CA GLU C 290 6.10 15.91 -33.91
C GLU C 290 6.16 16.41 -32.48
N ILE C 291 6.20 17.73 -32.29
CA ILE C 291 6.14 18.28 -30.94
C ILE C 291 4.82 17.93 -30.28
N VAL C 292 3.72 18.08 -31.01
CA VAL C 292 2.40 17.75 -30.45
C VAL C 292 2.29 16.25 -30.18
N ARG C 293 2.83 15.43 -31.09
CA ARG C 293 2.84 13.99 -30.86
C ARG C 293 3.65 13.64 -29.63
N TRP C 294 4.81 14.26 -29.46
CA TRP C 294 5.64 13.98 -28.29
C TRP C 294 5.04 14.56 -27.03
N ALA C 295 4.43 15.74 -27.12
CA ALA C 295 3.89 16.38 -25.93
C ALA C 295 2.56 15.76 -25.51
N THR C 296 1.67 15.50 -26.48
CA THR C 296 0.30 15.03 -26.26
C THR C 296 -0.31 15.75 -25.06
N PRO C 297 -0.62 17.04 -25.19
CA PRO C 297 -1.11 17.79 -24.03
C PRO C 297 -2.40 17.24 -23.44
N VAL C 298 -3.30 16.73 -24.27
CA VAL C 298 -4.49 16.04 -23.79
C VAL C 298 -4.18 14.55 -23.75
N THR C 299 -4.01 14.01 -22.55
CA THR C 299 -3.70 12.59 -22.41
C THR C 299 -4.84 11.73 -22.94
N ALA C 300 -6.08 12.06 -22.59
CA ALA C 300 -7.19 11.20 -22.93
C ALA C 300 -8.49 11.98 -22.96
N PHE C 301 -9.35 11.63 -23.91
CA PHE C 301 -10.74 12.06 -23.95
C PHE C 301 -11.62 10.83 -24.08
N GLN C 302 -12.81 10.88 -23.49
CA GLN C 302 -13.69 9.73 -23.43
C GLN C 302 -14.91 9.91 -24.32
N ARG C 303 -15.53 8.78 -24.65
CA ARG C 303 -16.82 8.73 -25.32
C ARG C 303 -17.69 7.69 -24.63
N THR C 304 -18.99 7.74 -24.92
CA THR C 304 -19.94 6.79 -24.37
C THR C 304 -20.67 6.11 -25.53
N ALA C 305 -20.73 4.78 -25.49
CA ALA C 305 -21.35 4.01 -26.55
C ALA C 305 -22.86 4.15 -26.49
N LEU C 306 -23.47 4.61 -27.58
CA LEU C 306 -24.91 4.74 -27.66
C LEU C 306 -25.61 3.44 -28.04
N ARG C 307 -24.87 2.42 -28.44
CA ARG C 307 -25.43 1.10 -28.67
C ARG C 307 -24.28 0.09 -28.62
N ASP C 308 -24.63 -1.18 -28.79
CA ASP C 308 -23.61 -2.23 -28.82
C ASP C 308 -22.69 -2.02 -30.03
N TYR C 309 -21.40 -2.26 -29.81
CA TYR C 309 -20.41 -2.04 -30.87
C TYR C 309 -19.25 -3.00 -30.67
N GLU C 310 -18.87 -3.67 -31.76
CA GLU C 310 -17.69 -4.54 -31.76
C GLU C 310 -16.52 -3.74 -32.32
N LEU C 311 -15.49 -3.52 -31.49
CA LEU C 311 -14.35 -2.71 -31.86
C LEU C 311 -13.10 -3.57 -31.68
N SER C 312 -12.50 -4.00 -32.80
CA SER C 312 -11.31 -4.84 -32.81
C SER C 312 -11.53 -6.13 -32.01
N GLY C 313 -12.67 -6.77 -32.25
CA GLY C 313 -13.00 -8.02 -31.61
C GLY C 313 -13.51 -7.92 -30.20
N VAL C 314 -13.61 -6.71 -29.64
CA VAL C 314 -14.09 -6.50 -28.28
C VAL C 314 -15.50 -5.93 -28.35
N GLN C 315 -16.39 -6.47 -27.52
CA GLN C 315 -17.80 -6.06 -27.52
C GLN C 315 -17.97 -4.90 -26.54
N ILE C 316 -18.23 -3.71 -27.07
CA ILE C 316 -18.53 -2.54 -26.26
C ILE C 316 -20.04 -2.47 -26.06
N LYS C 317 -20.47 -2.59 -24.81
CA LYS C 317 -21.91 -2.57 -24.52
C LYS C 317 -22.42 -1.14 -24.43
N LYS C 318 -23.73 -1.00 -24.62
CA LYS C 318 -24.37 0.30 -24.56
C LYS C 318 -24.17 0.95 -23.20
N GLY C 319 -23.90 2.25 -23.20
CA GLY C 319 -23.73 3.00 -21.98
C GLY C 319 -22.36 2.93 -21.35
N GLN C 320 -21.44 2.14 -21.91
CA GLN C 320 -20.11 2.03 -21.36
C GLN C 320 -19.22 3.15 -21.89
N ARG C 321 -18.23 3.52 -21.08
CA ARG C 321 -17.29 4.57 -21.46
C ARG C 321 -16.05 3.95 -22.09
N VAL C 322 -15.64 4.50 -23.22
CA VAL C 322 -14.33 4.22 -23.81
C VAL C 322 -13.48 5.46 -23.67
N VAL C 323 -12.23 5.27 -23.25
CA VAL C 323 -11.31 6.37 -23.01
C VAL C 323 -10.16 6.25 -24.00
N MET C 324 -10.12 7.15 -24.98
CA MET C 324 -9.07 7.17 -25.97
C MET C 324 -7.83 7.80 -25.35
N PHE C 325 -6.79 6.98 -25.14
CA PHE C 325 -5.55 7.47 -24.55
C PHE C 325 -4.63 7.91 -25.69
N TYR C 326 -4.69 9.20 -26.02
CA TYR C 326 -3.84 9.74 -27.08
C TYR C 326 -2.37 9.57 -26.77
N ARG C 327 -2.00 9.58 -25.48
CA ARG C 327 -0.60 9.40 -25.10
C ARG C 327 -0.09 8.03 -25.52
N SER C 328 -0.94 7.01 -25.42
CA SER C 328 -0.54 5.68 -25.89
C SER C 328 -0.61 5.58 -27.41
N ALA C 329 -1.69 6.11 -28.00
CA ALA C 329 -1.86 6.03 -29.44
C ALA C 329 -0.71 6.72 -30.18
N ASN C 330 -0.28 7.88 -29.69
CA ASN C 330 0.77 8.64 -30.35
C ASN C 330 2.12 7.93 -30.34
N PHE C 331 2.23 6.79 -29.64
CA PHE C 331 3.44 5.98 -29.66
C PHE C 331 3.11 4.55 -30.06
N ASP C 332 2.07 4.37 -30.87
CA ASP C 332 1.70 3.06 -31.39
C ASP C 332 2.83 2.51 -32.25
N GLU C 333 3.40 1.38 -31.83
CA GLU C 333 4.54 0.80 -32.53
C GLU C 333 4.17 0.27 -33.90
N GLU C 334 2.90 -0.03 -34.16
CA GLU C 334 2.48 -0.52 -35.46
C GLU C 334 2.19 0.61 -36.45
N VAL C 335 1.94 1.83 -35.97
CA VAL C 335 1.72 2.97 -36.84
C VAL C 335 3.00 3.73 -37.09
N PHE C 336 3.77 4.02 -36.04
CA PHE C 336 5.09 4.62 -36.15
C PHE C 336 6.13 3.53 -35.99
N GLN C 337 7.03 3.40 -36.97
CA GLN C 337 8.05 2.38 -36.91
CA GLN C 337 8.05 2.38 -36.91
C GLN C 337 9.01 2.61 -35.75
N ASP C 338 9.20 3.87 -35.36
CA ASP C 338 10.11 4.23 -34.27
C ASP C 338 9.45 5.31 -33.43
N PRO C 339 8.43 4.95 -32.65
CA PRO C 339 7.66 5.98 -31.94
C PRO C 339 8.44 6.68 -30.84
N PHE C 340 9.43 6.01 -30.25
CA PHE C 340 10.19 6.61 -29.16
C PHE C 340 11.34 7.49 -29.66
N THR C 341 11.47 7.71 -30.96
CA THR C 341 12.46 8.61 -31.51
C THR C 341 11.80 9.96 -31.78
N PHE C 342 12.45 11.03 -31.34
CA PHE C 342 12.00 12.39 -31.61
C PHE C 342 12.57 12.81 -32.97
N ASN C 343 11.69 12.95 -33.96
CA ASN C 343 12.09 13.26 -35.33
C ASN C 343 11.23 14.41 -35.83
N ILE C 344 11.77 15.64 -35.78
CA ILE C 344 11.04 16.81 -36.24
C ILE C 344 10.84 16.83 -37.74
N LEU C 345 11.44 15.87 -38.47
CA LEU C 345 11.19 15.71 -39.89
C LEU C 345 10.23 14.57 -40.18
N ARG C 346 9.53 14.05 -39.18
CA ARG C 346 8.61 12.93 -39.38
C ARG C 346 7.53 13.32 -40.38
N ASN C 347 7.39 12.49 -41.42
CA ASN C 347 6.50 12.78 -42.53
C ASN C 347 6.21 11.49 -43.29
N PRO C 348 4.95 11.02 -43.29
CA PRO C 348 3.76 11.62 -42.68
C PRO C 348 3.72 11.42 -41.17
N ASN C 349 2.94 12.25 -40.46
CA ASN C 349 2.81 12.18 -39.01
C ASN C 349 1.34 12.00 -38.67
N PRO C 350 0.85 10.75 -38.66
CA PRO C 350 -0.59 10.53 -38.39
C PRO C 350 -0.91 10.51 -36.90
N HIS C 351 -0.31 11.44 -36.15
CA HIS C 351 -0.53 11.48 -34.71
C HIS C 351 -1.94 11.95 -34.40
N VAL C 352 -2.37 11.66 -33.17
CA VAL C 352 -3.73 11.99 -32.72
C VAL C 352 -3.65 12.95 -31.53
N GLY C 353 -2.61 13.78 -31.50
CA GLY C 353 -2.51 14.78 -30.44
C GLY C 353 -3.66 15.77 -30.47
N PHE C 354 -4.10 16.15 -31.67
CA PHE C 354 -5.30 16.94 -31.85
C PHE C 354 -6.56 16.08 -31.91
N GLY C 355 -6.49 14.85 -31.39
CA GLY C 355 -7.60 13.92 -31.44
C GLY C 355 -7.61 13.10 -32.71
N GLY C 356 -8.45 12.06 -32.68
CA GLY C 356 -8.69 11.30 -33.89
C GLY C 356 -9.51 12.09 -34.89
N THR C 357 -9.30 11.78 -36.17
CA THR C 357 -10.03 12.48 -37.22
C THR C 357 -11.53 12.19 -37.08
N GLY C 358 -12.32 13.25 -37.08
CA GLY C 358 -13.75 13.10 -36.91
C GLY C 358 -14.41 14.45 -36.76
N ALA C 359 -15.66 14.40 -36.29
CA ALA C 359 -16.45 15.63 -36.14
C ALA C 359 -15.84 16.58 -35.12
N HIS C 360 -15.23 16.04 -34.08
CA HIS C 360 -14.72 16.84 -32.97
C HIS C 360 -13.24 17.17 -33.09
N TYR C 361 -12.62 16.88 -34.25
CA TYR C 361 -11.20 17.17 -34.43
C TYR C 361 -10.91 18.63 -34.13
N CYS C 362 -9.82 18.87 -33.40
CA CYS C 362 -9.48 20.18 -32.87
C CYS C 362 -9.59 21.26 -33.93
N ILE C 363 -10.47 22.23 -33.69
CA ILE C 363 -10.72 23.29 -34.66
C ILE C 363 -9.62 24.35 -34.67
N GLY C 364 -8.82 24.44 -33.60
CA GLY C 364 -7.75 25.41 -33.55
C GLY C 364 -6.39 24.78 -33.76
N ALA C 365 -6.35 23.66 -34.47
CA ALA C 365 -5.11 22.93 -34.67
C ALA C 365 -4.11 23.73 -35.49
N ASN C 366 -4.59 24.49 -36.48
CA ASN C 366 -3.68 25.33 -37.25
C ASN C 366 -3.22 26.54 -36.46
N LEU C 367 -4.08 27.06 -35.57
CA LEU C 367 -3.66 28.14 -34.68
C LEU C 367 -2.60 27.65 -33.69
N ALA C 368 -2.78 26.43 -33.18
CA ALA C 368 -1.81 25.86 -32.25
C ALA C 368 -0.46 25.66 -32.93
N ARG C 369 -0.47 25.07 -34.14
CA ARG C 369 0.77 24.79 -34.84
C ARG C 369 1.54 26.06 -35.16
N MET C 370 0.82 27.14 -35.52
CA MET C 370 1.49 28.40 -35.77
C MET C 370 2.09 28.99 -34.50
N THR C 371 1.34 28.91 -33.39
CA THR C 371 1.88 29.36 -32.11
C THR C 371 3.17 28.62 -31.77
N ILE C 372 3.18 27.30 -31.96
CA ILE C 372 4.37 26.50 -31.69
C ILE C 372 5.53 26.95 -32.57
N ASN C 373 5.28 27.05 -33.87
CA ASN C 373 6.34 27.42 -34.80
C ASN C 373 6.88 28.81 -34.49
N LEU C 374 6.01 29.74 -34.08
CA LEU C 374 6.45 31.10 -33.81
C LEU C 374 7.29 31.19 -32.54
N ILE C 375 6.88 30.48 -31.49
CA ILE C 375 7.60 30.58 -30.23
C ILE C 375 8.94 29.86 -30.31
N PHE C 376 9.00 28.73 -31.02
CA PHE C 376 10.24 27.99 -31.13
C PHE C 376 11.20 28.65 -32.11
N ASN C 377 10.68 29.34 -33.13
CA ASN C 377 11.54 30.20 -33.94
C ASN C 377 12.13 31.32 -33.09
N ALA C 378 11.33 31.86 -32.17
CA ALA C 378 11.82 32.95 -31.32
C ALA C 378 12.82 32.43 -30.29
N VAL C 379 12.60 31.23 -29.76
CA VAL C 379 13.57 30.65 -28.83
C VAL C 379 14.88 30.37 -29.55
N ALA C 380 14.81 29.84 -30.77
CA ALA C 380 16.02 29.60 -31.54
C ALA C 380 16.74 30.89 -31.89
N ASP C 381 16.00 31.99 -32.05
CA ASP C 381 16.62 33.26 -32.42
C ASP C 381 17.24 33.98 -31.23
N HIS C 382 16.71 33.74 -30.02
CA HIS C 382 17.13 34.50 -28.85
C HIS C 382 17.81 33.66 -27.78
N MET C 383 17.57 32.36 -27.71
CA MET C 383 18.21 31.48 -26.72
C MET C 383 18.64 30.18 -27.38
N PRO C 384 19.57 30.24 -28.33
CA PRO C 384 19.95 29.01 -29.06
C PRO C 384 20.68 27.99 -28.19
N ASP C 385 21.24 28.41 -27.06
CA ASP C 385 21.99 27.52 -26.17
C ASP C 385 21.25 27.29 -24.85
N LEU C 386 19.92 27.31 -24.90
CA LEU C 386 19.14 27.08 -23.69
C LEU C 386 19.40 25.68 -23.16
N LYS C 387 19.40 25.54 -21.84
CA LYS C 387 19.64 24.25 -21.22
C LYS C 387 18.85 24.19 -19.91
N PRO C 388 18.28 23.03 -19.58
CA PRO C 388 17.50 22.93 -18.35
C PRO C 388 18.39 22.90 -17.12
N ILE C 389 17.88 23.43 -16.02
CA ILE C 389 18.58 23.45 -14.74
C ILE C 389 18.14 22.28 -13.87
N SER C 390 16.83 22.11 -13.69
CA SER C 390 16.30 21.06 -12.83
C SER C 390 15.11 20.39 -13.49
N ALA C 391 14.61 19.34 -12.85
CA ALA C 391 13.54 18.53 -13.42
C ALA C 391 12.23 19.31 -13.44
N PRO C 392 11.37 19.04 -14.42
CA PRO C 392 10.07 19.71 -14.47
C PRO C 392 9.12 19.18 -13.40
N GLU C 393 8.25 20.06 -12.93
CA GLU C 393 7.21 19.70 -11.97
C GLU C 393 5.92 19.44 -12.73
N ARG C 394 5.41 18.21 -12.64
CA ARG C 394 4.25 17.80 -13.42
C ARG C 394 2.95 18.18 -12.69
N LEU C 395 1.86 18.18 -13.45
CA LEU C 395 0.55 18.58 -12.97
C LEU C 395 -0.26 17.36 -12.54
N ARG C 396 -0.93 17.46 -11.39
CA ARG C 396 -1.80 16.39 -10.91
C ARG C 396 -3.15 16.52 -11.62
N SER C 397 -3.38 15.63 -12.58
CA SER C 397 -4.62 15.61 -13.34
C SER C 397 -4.73 14.28 -14.06
N GLY C 398 -5.96 13.81 -14.22
CA GLY C 398 -6.22 12.53 -14.85
C GLY C 398 -6.52 12.60 -16.32
N TRP C 399 -6.33 13.75 -16.97
CA TRP C 399 -6.62 13.88 -18.39
C TRP C 399 -5.73 14.93 -19.04
N LEU C 400 -5.28 15.91 -18.26
CA LEU C 400 -4.38 16.94 -18.74
C LEU C 400 -2.95 16.58 -18.43
N ASN C 401 -2.10 16.56 -19.46
CA ASN C 401 -0.67 16.29 -19.30
C ASN C 401 0.02 17.64 -19.17
N GLY C 402 0.16 18.11 -17.93
CA GLY C 402 0.60 19.46 -17.65
C GLY C 402 1.94 19.52 -16.95
N ILE C 403 2.68 20.59 -17.22
CA ILE C 403 3.95 20.90 -16.57
C ILE C 403 3.79 22.25 -15.89
N LYS C 404 3.84 22.26 -14.57
CA LYS C 404 3.61 23.50 -13.83
C LYS C 404 4.83 24.42 -13.87
N HIS C 405 6.03 23.85 -13.68
CA HIS C 405 7.24 24.65 -13.61
C HIS C 405 8.39 23.86 -14.24
N TRP C 406 9.39 24.60 -14.75
CA TRP C 406 10.58 24.00 -15.33
C TRP C 406 11.67 25.05 -15.35
N GLN C 407 12.69 24.86 -14.51
CA GLN C 407 13.80 25.82 -14.40
C GLN C 407 14.82 25.54 -15.49
N VAL C 408 15.10 26.53 -16.33
CA VAL C 408 16.08 26.39 -17.40
C VAL C 408 16.97 27.63 -17.44
N ASP C 409 18.19 27.44 -17.92
CA ASP C 409 19.17 28.51 -18.09
C ASP C 409 19.16 28.91 -19.57
N TYR C 410 18.63 30.08 -19.86
CA TYR C 410 18.44 30.50 -21.25
C TYR C 410 19.76 30.82 -21.94
N THR C 411 20.76 31.29 -21.19
CA THR C 411 22.02 31.69 -21.80
C THR C 411 22.90 30.48 -22.09
N GLY C 412 23.06 29.58 -21.13
CA GLY C 412 23.88 28.40 -21.32
C GLY C 412 25.07 28.34 -20.38
C02 KB9 D . 0.77 -8.88 15.80
C03 KB9 D . -0.18 -9.09 14.62
C04 KB9 D . -1.28 -8.04 14.61
C05 KB9 D . -2.18 -8.14 15.85
C06 KB9 D . 0.73 -9.85 16.98
C07 KB9 D . -0.10 -10.97 17.05
C08 KB9 D . 0.14 -11.61 18.28
C09 KB9 D . -0.38 -12.77 18.91
C10 KB9 D . 0.09 -13.14 20.16
C11 KB9 D . -0.45 -14.38 20.86
C12 KB9 D . 0.32 -15.00 21.84
C13 KB9 D . -0.19 -16.13 22.45
C15 KB9 D . -2.10 -16.05 21.17
C16 KB9 D . -1.67 -14.92 20.51
C17 KB9 D . 1.07 -12.39 20.80
C18 KB9 D . 1.57 -11.25 20.19
C19 KB9 D . 1.10 -10.87 18.91
C21 KB9 D . 2.44 -8.82 18.49
C22 KB9 D . 1.77 -7.68 19.24
C23 KB9 D . 2.77 -6.71 19.87
C24 KB9 D . 2.02 -5.59 20.47
C25 KB9 D . 2.94 -4.47 20.96
C27 KB9 D . 4.63 -5.15 19.31
C28 KB9 D . 3.71 -6.25 18.82
N14 KB9 D . -1.36 -16.62 22.12
N20 KB9 D . 1.44 -9.82 18.11
N26 KB9 D . 3.88 -4.02 19.90
O01 KB9 D . 1.51 -7.95 15.78
C02 KB9 E . -5.75 -14.18 19.87
C03 KB9 E . -5.99 -12.85 19.15
C04 KB9 E . -4.67 -12.17 18.74
C05 KB9 E . -4.91 -10.80 18.11
C06 KB9 E . -6.92 -14.89 20.52
C07 KB9 E . -8.25 -14.77 20.11
C08 KB9 E . -9.04 -15.58 20.95
C09 KB9 E . -10.43 -15.85 21.03
C10 KB9 E . -10.89 -16.73 22.01
C11 KB9 E . -12.36 -17.06 22.15
C12 KB9 E . -12.72 -18.31 22.62
C13 KB9 E . -14.08 -18.59 22.75
C15 KB9 E . -14.65 -16.49 22.00
C16 KB9 E . -13.34 -16.12 21.83
C17 KB9 E . -10.00 -17.31 22.91
C18 KB9 E . -8.65 -17.03 22.84
C19 KB9 E . -8.18 -16.15 21.84
C21 KB9 E . -5.73 -16.15 22.32
C22 KB9 E . -5.39 -17.62 22.05
C23 KB9 E . -4.29 -18.11 23.00
C24 KB9 E . -3.44 -19.11 22.29
C25 KB9 E . -2.38 -19.69 23.22
C27 KB9 E . -3.86 -19.29 25.15
C28 KB9 E . -4.90 -18.68 24.23
N14 KB9 E . -14.99 -17.69 22.45
N20 KB9 E . -6.90 -15.73 21.56
N26 KB9 E . -2.97 -20.25 24.45
O01 KB9 E . -4.65 -14.63 19.92
CHA HEM F . -18.25 -15.74 23.51
CHB HEM F . -18.62 -20.49 24.43
CHC HEM F . -19.49 -21.37 19.74
CHD HEM F . -18.64 -16.71 18.76
C1A HEM F . -18.29 -16.93 24.18
C2A HEM F . -18.11 -17.14 25.60
C3A HEM F . -18.22 -18.44 25.85
C4A HEM F . -18.46 -19.13 24.60
CMA HEM F . -18.09 -19.12 27.24
CAA HEM F . -17.84 -16.03 26.65
CBA HEM F . -19.19 -15.60 27.23
CGA HEM F . -19.02 -14.67 28.39
O1A HEM F . -17.85 -14.31 28.70
O2A HEM F . -20.03 -14.28 29.01
C1B HEM F . -18.93 -21.13 23.24
C2B HEM F . -19.21 -22.54 23.10
C3B HEM F . -19.44 -22.79 21.80
C4B HEM F . -19.33 -21.53 21.10
CMB HEM F . -19.22 -23.54 24.28
CAB HEM F . -19.81 -24.10 21.07
CBB HEM F . -20.31 -25.18 21.69
C1C HEM F . -19.33 -20.19 19.05
C2C HEM F . -19.43 -20.02 17.62
C3C HEM F . -19.20 -18.73 17.34
C4C HEM F . -18.93 -18.05 18.60
CMC HEM F . -19.76 -21.18 16.65
CAC HEM F . -19.17 -17.99 15.98
CBC HEM F . -19.10 -18.61 14.79
C1D HEM F . -18.42 -16.05 19.95
C2D HEM F . -18.02 -14.67 20.09
C3D HEM F . -17.91 -14.40 21.40
C4D HEM F . -18.24 -15.59 22.13
CMD HEM F . -17.76 -13.69 18.93
CAD HEM F . -17.51 -13.04 22.02
CBD HEM F . -18.78 -12.27 22.33
CGD HEM F . -18.48 -11.05 23.16
O1D HEM F . -19.33 -10.12 23.19
O2D HEM F . -17.39 -10.98 23.79
NA HEM F . -18.50 -18.17 23.60
NB HEM F . -19.00 -20.54 22.00
NC HEM F . -19.02 -18.97 19.62
ND HEM F . -18.55 -16.59 21.22
FE HEM F . -18.82 -18.56 21.61
S SO4 G . -26.96 -9.16 21.52
O1 SO4 G . -25.83 -8.31 21.87
O2 SO4 G . -26.99 -9.37 20.08
O3 SO4 G . -28.20 -8.53 21.96
O4 SO4 G . -26.82 -10.46 22.19
S SO4 H . -28.02 -8.52 41.07
O1 SO4 H . -27.74 -7.45 42.03
O2 SO4 H . -27.64 -8.08 39.73
O3 SO4 H . -29.44 -8.84 41.10
O4 SO4 H . -27.25 -9.71 41.43
S SO4 I . -0.65 -8.96 36.94
O1 SO4 I . -2.11 -9.03 36.99
O2 SO4 I . -0.24 -7.83 36.11
O3 SO4 I . -0.12 -8.79 38.29
O4 SO4 I . -0.12 -10.20 36.37
CL CL J . -4.86 -22.54 23.66
C02 KB9 K . 33.73 7.63 -0.03
C03 KB9 K . 34.91 7.13 0.79
C04 KB9 K . 36.15 6.88 -0.07
C05 KB9 K . 37.39 7.59 0.48
C06 KB9 K . 32.42 6.85 -0.07
C07 KB9 K . 31.96 6.01 0.93
C08 KB9 K . 30.73 5.47 0.52
C09 KB9 K . 29.80 4.58 1.11
C10 KB9 K . 28.64 4.22 0.42
C11 KB9 K . 27.62 3.26 1.03
C12 KB9 K . 28.03 2.23 1.86
C13 KB9 K . 27.06 1.38 2.37
C15 KB9 K . 25.37 2.51 1.29
C16 KB9 K . 26.27 3.41 0.73
C17 KB9 K . 28.39 4.76 -0.85
C18 KB9 K . 29.30 5.63 -1.41
C19 KB9 K . 30.48 6.00 -0.72
C21 KB9 K . 31.60 7.56 -2.31
C22 KB9 K . 30.54 8.64 -2.52
C23 KB9 K . 30.58 9.11 -3.98
C24 KB9 K . 29.82 8.13 -4.81
C25 KB9 K . 28.46 8.61 -5.29
C27 KB9 K . 29.02 10.94 -4.99
C28 KB9 K . 30.19 10.56 -4.09
N14 KB9 K . 25.79 1.54 2.08
N20 KB9 K . 31.51 6.83 -1.06
N26 KB9 K . 28.61 9.91 -5.97
O01 KB9 K . 33.86 8.65 -0.64
CHA HEM L . 26.01 -2.42 3.49
CHB HEM L . 21.40 -1.04 2.81
CHC HEM L . 21.36 1.08 7.18
CHD HEM L . 26.14 0.30 7.52
C1A HEM L . 24.75 -2.27 2.93
C2A HEM L . 24.28 -2.87 1.70
C3A HEM L . 23.02 -2.49 1.51
C4A HEM L . 22.63 -1.64 2.63
CMA HEM L . 22.11 -2.87 0.32
CAA HEM L . 25.12 -3.78 0.76
CBA HEM L . 24.69 -5.23 0.97
CGA HEM L . 25.49 -6.16 0.09
O1A HEM L . 25.34 -7.40 0.22
O2A HEM L . 26.29 -5.66 -0.75
C1B HEM L . 20.98 -0.38 3.95
C2B HEM L . 19.62 0.07 4.21
C3B HEM L . 19.61 0.66 5.42
C4B HEM L . 20.95 0.59 5.95
CMB HEM L . 18.47 -0.13 3.21
CAB HEM L . 18.44 1.32 6.19
CBB HEM L . 17.15 1.27 5.82
C1C HEM L . 22.66 1.10 7.65
C2C HEM L . 23.14 1.74 8.86
C3C HEM L . 24.46 1.52 8.95
C4C HEM L . 24.85 0.74 7.80
CMC HEM L . 22.21 2.51 9.83
CAC HEM L . 25.48 1.97 10.04
CBC HEM L . 25.20 2.76 11.07
C1D HEM L . 26.52 -0.50 6.46
C2D HEM L . 27.86 -0.95 6.18
C3D HEM L . 27.83 -1.69 5.07
C4D HEM L . 26.46 -1.74 4.61
CMD HEM L . 29.11 -0.62 7.01
CAD HEM L . 29.04 -2.38 4.40
CBD HEM L . 28.98 -3.86 4.75
CGD HEM L . 30.13 -4.60 4.11
O1D HEM L . 30.74 -4.07 3.14
O2D HEM L . 30.44 -5.74 4.57
NA HEM L . 23.71 -1.54 3.46
NB HEM L . 21.76 -0.05 5.04
NC HEM L . 23.73 0.49 7.02
ND HEM L . 25.69 -1.01 5.48
FE HEM L . 23.70 -0.57 5.28
C02 KB9 M . -16.47 24.48 -18.58
C03 KB9 M . -17.58 25.21 -19.31
C04 KB9 M . -18.94 24.95 -18.66
C05 KB9 M . -19.73 26.24 -18.41
C06 KB9 M . -15.37 23.74 -19.36
C07 KB9 M . -15.05 23.99 -20.69
C08 KB9 M . -14.00 23.11 -21.06
C09 KB9 M . -13.26 22.89 -22.25
C10 KB9 M . -12.26 21.90 -22.27
C11 KB9 M . -11.44 21.64 -23.53
C12 KB9 M . -10.16 21.13 -23.42
C13 KB9 M . -9.44 20.88 -24.58
C15 KB9 M . -11.18 21.62 -25.89
C16 KB9 M . -11.96 21.89 -24.79
C17 KB9 M . -12.00 21.14 -21.13
C18 KB9 M . -12.73 21.36 -19.97
C19 KB9 M . -13.74 22.36 -19.94
C21 KB9 M . -14.59 22.17 -17.60
C22 KB9 M . -13.36 22.52 -16.76
C23 KB9 M . -13.26 21.55 -15.59
C24 KB9 M . -12.66 22.22 -14.40
C25 KB9 M . -12.45 21.26 -13.25
C27 KB9 M . -12.30 19.39 -14.85
C28 KB9 M . -12.47 20.37 -16.00
N14 KB9 M . -9.96 21.14 -25.77
N20 KB9 M . -14.58 22.76 -18.94
N26 KB9 M . -11.71 20.04 -13.65
O01 KB9 M . -16.47 24.48 -17.39
CHA HEM N . -10.78 20.08 -29.61
CHB HEM N . -6.15 19.05 -28.55
CHC HEM N . -4.92 23.68 -29.20
CHD HEM N . -9.63 24.80 -29.76
C1A HEM N . -9.63 19.38 -29.28
C2A HEM N . -9.53 17.95 -29.02
C3A HEM N . -8.25 17.68 -28.72
C4A HEM N . -7.50 18.92 -28.78
CMA HEM N . -7.67 16.29 -28.37
CAA HEM N . -10.70 16.93 -29.07
CBA HEM N . -10.59 16.14 -30.36
CGA HEM N . -11.69 15.12 -30.44
O1A HEM N . -11.85 14.49 -31.52
O2A HEM N . -12.42 14.93 -29.44
C1B HEM N . -5.40 20.20 -28.70
C2B HEM N . -3.96 20.29 -28.66
C3B HEM N . -3.62 21.58 -28.84
C4B HEM N . -4.84 22.33 -29.00
CMB HEM N . -3.04 19.07 -28.44
CAB HEM N . -2.22 22.26 -28.90
CBB HEM N . -1.05 21.61 -28.88
C1C HEM N . -6.09 24.39 -29.43
C2C HEM N . -6.16 25.80 -29.69
C3C HEM N . -7.44 26.12 -29.84
C4C HEM N . -8.25 24.92 -29.68
CMC HEM N . -4.97 26.77 -29.79
CAC HEM N . -7.90 27.57 -30.14
CBC HEM N . -9.15 27.80 -30.49
C1D HEM N . -10.36 23.63 -29.74
C2D HEM N . -11.81 23.50 -29.78
C3D HEM N . -12.12 22.21 -29.74
C4D HEM N . -10.89 21.45 -29.67
CMD HEM N . -12.82 24.67 -29.86
CAD HEM N . -13.55 21.60 -29.78
CBD HEM N . -13.87 21.19 -31.20
CGD HEM N . -15.12 20.34 -31.24
O1D HEM N . -15.50 19.78 -30.17
O2D HEM N . -15.73 20.21 -32.33
NA HEM N . -8.38 19.93 -29.13
NB HEM N . -5.92 21.46 -28.90
NC HEM N . -7.37 23.88 -29.42
ND HEM N . -9.84 22.35 -29.67
FE HEM N . -7.88 21.90 -29.33
#